data_1O4G
# 
_entry.id   1O4G 
# 
_audit_conform.dict_name       mmcif_pdbx.dic 
_audit_conform.dict_version    5.398 
_audit_conform.dict_location   http://mmcif.pdb.org/dictionaries/ascii/mmcif_pdbx.dic 
# 
loop_
_database_2.database_id 
_database_2.database_code 
_database_2.pdbx_database_accession 
_database_2.pdbx_DOI 
PDB   1O4G         pdb_00001o4g 10.2210/pdb1o4g/pdb 
RCSB  RCSB001791   ?            ?                   
WWPDB D_1000001791 ?            ?                   
# 
loop_
_pdbx_audit_revision_history.ordinal 
_pdbx_audit_revision_history.data_content_type 
_pdbx_audit_revision_history.major_revision 
_pdbx_audit_revision_history.minor_revision 
_pdbx_audit_revision_history.revision_date 
1 'Structure model' 1 0 2004-02-17 
2 'Structure model' 1 1 2008-04-26 
3 'Structure model' 1 2 2011-07-13 
4 'Structure model' 1 3 2023-08-16 
5 'Structure model' 1 4 2023-11-15 
6 'Structure model' 1 5 2024-11-13 
# 
_pdbx_audit_revision_details.ordinal             1 
_pdbx_audit_revision_details.revision_ordinal    1 
_pdbx_audit_revision_details.data_content_type   'Structure model' 
_pdbx_audit_revision_details.provider            repository 
_pdbx_audit_revision_details.type                'Initial release' 
_pdbx_audit_revision_details.description         ? 
_pdbx_audit_revision_details.details             ? 
# 
loop_
_pdbx_audit_revision_group.ordinal 
_pdbx_audit_revision_group.revision_ordinal 
_pdbx_audit_revision_group.data_content_type 
_pdbx_audit_revision_group.group 
1 2 'Structure model' 'Version format compliance' 
2 3 'Structure model' 'Version format compliance' 
3 4 'Structure model' 'Data collection'           
4 4 'Structure model' 'Database references'       
5 4 'Structure model' 'Derived calculations'      
6 4 'Structure model' 'Refinement description'    
7 5 'Structure model' 'Data collection'           
8 6 'Structure model' 'Structure summary'         
# 
loop_
_pdbx_audit_revision_category.ordinal 
_pdbx_audit_revision_category.revision_ordinal 
_pdbx_audit_revision_category.data_content_type 
_pdbx_audit_revision_category.category 
1  4 'Structure model' chem_comp_atom                
2  4 'Structure model' chem_comp_bond                
3  4 'Structure model' database_2                    
4  4 'Structure model' pdbx_initial_refinement_model 
5  4 'Structure model' struct_conn                   
6  4 'Structure model' struct_site                   
7  5 'Structure model' chem_comp_atom                
8  5 'Structure model' chem_comp_bond                
9  6 'Structure model' pdbx_entry_details            
10 6 'Structure model' pdbx_modification_feature     
# 
loop_
_pdbx_audit_revision_item.ordinal 
_pdbx_audit_revision_item.revision_ordinal 
_pdbx_audit_revision_item.data_content_type 
_pdbx_audit_revision_item.item 
1 4 'Structure model' '_database_2.pdbx_DOI'                
2 4 'Structure model' '_database_2.pdbx_database_accession' 
3 4 'Structure model' '_struct_conn.pdbx_leaving_atom_flag' 
4 4 'Structure model' '_struct_site.pdbx_auth_asym_id'      
5 4 'Structure model' '_struct_site.pdbx_auth_comp_id'      
6 4 'Structure model' '_struct_site.pdbx_auth_seq_id'       
7 5 'Structure model' '_chem_comp_atom.atom_id'             
8 5 'Structure model' '_chem_comp_bond.atom_id_2'           
# 
_pdbx_database_status.status_code                     REL 
_pdbx_database_status.entry_id                        1O4G 
_pdbx_database_status.recvd_initial_deposition_date   2003-06-15 
_pdbx_database_status.deposit_site                    RCSB 
_pdbx_database_status.process_site                    RCSB 
_pdbx_database_status.SG_entry                        . 
_pdbx_database_status.pdb_format_compatible           Y 
_pdbx_database_status.status_code_mr                  ? 
_pdbx_database_status.status_code_sf                  ? 
_pdbx_database_status.status_code_cs                  ? 
_pdbx_database_status.status_code_nmr_data            ? 
_pdbx_database_status.methods_development_category    ? 
# 
loop_
_audit_author.name 
_audit_author.pdbx_ordinal 
'Lange, G.'  1 
'Loenze, P.' 2 
'Liesum, A.' 3 
# 
_citation.id                        primary 
_citation.title                     
;Requirements for specific binding of low affinity inhibitor fragments to the SH2 domain of (pp60)Src are identical to those for high affinity binding of full length inhibitors.
;
_citation.journal_abbrev            J.Med.Chem. 
_citation.journal_volume            46 
_citation.page_first                5184 
_citation.page_last                 5195 
_citation.year                      2003 
_citation.journal_id_ASTM           JMCMAR 
_citation.country                   US 
_citation.journal_id_ISSN           0022-2623 
_citation.journal_id_CSD            0151 
_citation.book_publisher            ? 
_citation.pdbx_database_id_PubMed   14613321 
_citation.pdbx_database_id_DOI      10.1021/jm020970s 
# 
loop_
_citation_author.citation_id 
_citation_author.name 
_citation_author.ordinal 
_citation_author.identifier_ORCID 
primary 'Lange, G.'       1  ? 
primary 'Lesuisse, D.'    2  ? 
primary 'Deprez, P.'      3  ? 
primary 'Schoot, B.'      4  ? 
primary 'Loenze, P.'      5  ? 
primary 'Benard, D.'      6  ? 
primary 'Marquette, J.P.' 7  ? 
primary 'Broto, P.'       8  ? 
primary 'Sarubbi, E.'     9  ? 
primary 'Mandine, E.'     10 ? 
# 
loop_
_entity.id 
_entity.type 
_entity.src_method 
_entity.pdbx_description 
_entity.formula_weight 
_entity.pdbx_number_of_molecules 
_entity.pdbx_ec 
_entity.pdbx_mutation 
_entity.pdbx_fragment 
_entity.details 
1 polymer     man 'PROTO-ONCOGENE TYROSINE-PROTEIN KINASE SRC' 12390.964 1   2.7.1.112 ? 'SH2 DOMAIN' ? 
2 non-polymer syn 'HYDROXY(1-NAPHTHYL)METHYLPHOSPHONIC ACID'   238.176   1   ?         ? ?            ? 
3 water       nat water                                        18.015    150 ?         ? ?            ? 
# 
_entity_name_com.entity_id   1 
_entity_name_com.name        'P60-SRC, C-SRC' 
# 
_entity_poly.entity_id                      1 
_entity_poly.type                           'polypeptide(L)' 
_entity_poly.nstd_linkage                   no 
_entity_poly.nstd_monomer                   yes 
_entity_poly.pdbx_seq_one_letter_code       
;SIQAEEWYFGKITRRESERLLLNAENPRGTFLVRESETTKGAY(CSO)LSVSDFDNAKGLNVKHYKIRKLDSGGFYITSR
TQFNSLQQLVAYYSKHADGLCHRLTTVCPTSK
;
_entity_poly.pdbx_seq_one_letter_code_can   
;SIQAEEWYFGKITRRESERLLLNAENPRGTFLVRESETTKGAYCLSVSDFDNAKGLNVKHYKIRKLDSGGFYITSRTQFN
SLQQLVAYYSKHADGLCHRLTTVCPTSK
;
_entity_poly.pdbx_strand_id                 A 
_entity_poly.pdbx_target_identifier         ? 
# 
loop_
_pdbx_entity_nonpoly.entity_id 
_pdbx_entity_nonpoly.name 
_pdbx_entity_nonpoly.comp_id 
2 'HYDROXY(1-NAPHTHYL)METHYLPHOSPHONIC ACID' I59 
3 water                                      HOH 
# 
loop_
_entity_poly_seq.entity_id 
_entity_poly_seq.num 
_entity_poly_seq.mon_id 
_entity_poly_seq.hetero 
1 1   SER n 
1 2   ILE n 
1 3   GLN n 
1 4   ALA n 
1 5   GLU n 
1 6   GLU n 
1 7   TRP n 
1 8   TYR n 
1 9   PHE n 
1 10  GLY n 
1 11  LYS n 
1 12  ILE n 
1 13  THR n 
1 14  ARG n 
1 15  ARG n 
1 16  GLU n 
1 17  SER n 
1 18  GLU n 
1 19  ARG n 
1 20  LEU n 
1 21  LEU n 
1 22  LEU n 
1 23  ASN n 
1 24  ALA n 
1 25  GLU n 
1 26  ASN n 
1 27  PRO n 
1 28  ARG n 
1 29  GLY n 
1 30  THR n 
1 31  PHE n 
1 32  LEU n 
1 33  VAL n 
1 34  ARG n 
1 35  GLU n 
1 36  SER n 
1 37  GLU n 
1 38  THR n 
1 39  THR n 
1 40  LYS n 
1 41  GLY n 
1 42  ALA n 
1 43  TYR n 
1 44  CSO n 
1 45  LEU n 
1 46  SER n 
1 47  VAL n 
1 48  SER n 
1 49  ASP n 
1 50  PHE n 
1 51  ASP n 
1 52  ASN n 
1 53  ALA n 
1 54  LYS n 
1 55  GLY n 
1 56  LEU n 
1 57  ASN n 
1 58  VAL n 
1 59  LYS n 
1 60  HIS n 
1 61  TYR n 
1 62  LYS n 
1 63  ILE n 
1 64  ARG n 
1 65  LYS n 
1 66  LEU n 
1 67  ASP n 
1 68  SER n 
1 69  GLY n 
1 70  GLY n 
1 71  PHE n 
1 72  TYR n 
1 73  ILE n 
1 74  THR n 
1 75  SER n 
1 76  ARG n 
1 77  THR n 
1 78  GLN n 
1 79  PHE n 
1 80  ASN n 
1 81  SER n 
1 82  LEU n 
1 83  GLN n 
1 84  GLN n 
1 85  LEU n 
1 86  VAL n 
1 87  ALA n 
1 88  TYR n 
1 89  TYR n 
1 90  SER n 
1 91  LYS n 
1 92  HIS n 
1 93  ALA n 
1 94  ASP n 
1 95  GLY n 
1 96  LEU n 
1 97  CYS n 
1 98  HIS n 
1 99  ARG n 
1 100 LEU n 
1 101 THR n 
1 102 THR n 
1 103 VAL n 
1 104 CYS n 
1 105 PRO n 
1 106 THR n 
1 107 SER n 
1 108 LYS n 
# 
_entity_src_gen.entity_id                          1 
_entity_src_gen.pdbx_src_id                        1 
_entity_src_gen.pdbx_alt_source_flag               sample 
_entity_src_gen.pdbx_seq_type                      ? 
_entity_src_gen.pdbx_beg_seq_num                   ? 
_entity_src_gen.pdbx_end_seq_num                   ? 
_entity_src_gen.gene_src_common_name               human 
_entity_src_gen.gene_src_genus                     Homo 
_entity_src_gen.pdbx_gene_src_gene                 SRC 
_entity_src_gen.gene_src_species                   ? 
_entity_src_gen.gene_src_strain                    ? 
_entity_src_gen.gene_src_tissue                    ? 
_entity_src_gen.gene_src_tissue_fraction           ? 
_entity_src_gen.gene_src_details                   ? 
_entity_src_gen.pdbx_gene_src_fragment             ? 
_entity_src_gen.pdbx_gene_src_scientific_name      'Homo sapiens' 
_entity_src_gen.pdbx_gene_src_ncbi_taxonomy_id     9606 
_entity_src_gen.pdbx_gene_src_variant              ? 
_entity_src_gen.pdbx_gene_src_cell_line            ? 
_entity_src_gen.pdbx_gene_src_atcc                 ? 
_entity_src_gen.pdbx_gene_src_organ                ? 
_entity_src_gen.pdbx_gene_src_organelle            ? 
_entity_src_gen.pdbx_gene_src_cell                 ? 
_entity_src_gen.pdbx_gene_src_cellular_location    ? 
_entity_src_gen.host_org_common_name               ? 
_entity_src_gen.pdbx_host_org_scientific_name      'Escherichia coli' 
_entity_src_gen.pdbx_host_org_ncbi_taxonomy_id     562 
_entity_src_gen.host_org_genus                     Escherichia 
_entity_src_gen.pdbx_host_org_gene                 ? 
_entity_src_gen.pdbx_host_org_organ                ? 
_entity_src_gen.host_org_species                   ? 
_entity_src_gen.pdbx_host_org_tissue               ? 
_entity_src_gen.pdbx_host_org_tissue_fraction      ? 
_entity_src_gen.pdbx_host_org_strain               ? 
_entity_src_gen.pdbx_host_org_variant              ? 
_entity_src_gen.pdbx_host_org_cell_line            ? 
_entity_src_gen.pdbx_host_org_atcc                 ? 
_entity_src_gen.pdbx_host_org_culture_collection   ? 
_entity_src_gen.pdbx_host_org_cell                 ? 
_entity_src_gen.pdbx_host_org_organelle            ? 
_entity_src_gen.pdbx_host_org_cellular_location    ? 
_entity_src_gen.pdbx_host_org_vector_type          ? 
_entity_src_gen.pdbx_host_org_vector               ? 
_entity_src_gen.host_org_details                   ? 
_entity_src_gen.expression_system_id               ? 
_entity_src_gen.plasmid_name                       'BL21 (DE3)' 
_entity_src_gen.plasmid_details                    ? 
_entity_src_gen.pdbx_description                   ? 
# 
loop_
_chem_comp.id 
_chem_comp.type 
_chem_comp.mon_nstd_flag 
_chem_comp.name 
_chem_comp.pdbx_synonyms 
_chem_comp.formula 
_chem_comp.formula_weight 
ALA 'L-peptide linking' y ALANINE                                    ?     'C3 H7 N O2'     89.093  
ARG 'L-peptide linking' y ARGININE                                   ?     'C6 H15 N4 O2 1' 175.209 
ASN 'L-peptide linking' y ASPARAGINE                                 ?     'C4 H8 N2 O3'    132.118 
ASP 'L-peptide linking' y 'ASPARTIC ACID'                            ?     'C4 H7 N O4'     133.103 
CSO 'L-peptide linking' n S-HYDROXYCYSTEINE                          ?     'C3 H7 N O3 S'   137.158 
CYS 'L-peptide linking' y CYSTEINE                                   ?     'C3 H7 N O2 S'   121.158 
GLN 'L-peptide linking' y GLUTAMINE                                  ?     'C5 H10 N2 O3'   146.144 
GLU 'L-peptide linking' y 'GLUTAMIC ACID'                            ?     'C5 H9 N O4'     147.129 
GLY 'peptide linking'   y GLYCINE                                    ?     'C2 H5 N O2'     75.067  
HIS 'L-peptide linking' y HISTIDINE                                  ?     'C6 H10 N3 O2 1' 156.162 
HOH non-polymer         . WATER                                      ?     'H2 O'           18.015  
I59 non-polymer         . 'HYDROXY(1-NAPHTHYL)METHYLPHOSPHONIC ACID' DPI59 'C11 H11 O4 P'   238.176 
ILE 'L-peptide linking' y ISOLEUCINE                                 ?     'C6 H13 N O2'    131.173 
LEU 'L-peptide linking' y LEUCINE                                    ?     'C6 H13 N O2'    131.173 
LYS 'L-peptide linking' y LYSINE                                     ?     'C6 H15 N2 O2 1' 147.195 
PHE 'L-peptide linking' y PHENYLALANINE                              ?     'C9 H11 N O2'    165.189 
PRO 'L-peptide linking' y PROLINE                                    ?     'C5 H9 N O2'     115.130 
SER 'L-peptide linking' y SERINE                                     ?     'C3 H7 N O3'     105.093 
THR 'L-peptide linking' y THREONINE                                  ?     'C4 H9 N O3'     119.119 
TRP 'L-peptide linking' y TRYPTOPHAN                                 ?     'C11 H12 N2 O2'  204.225 
TYR 'L-peptide linking' y TYROSINE                                   ?     'C9 H11 N O3'    181.189 
VAL 'L-peptide linking' y VALINE                                     ?     'C5 H11 N O2'    117.146 
# 
loop_
_pdbx_poly_seq_scheme.asym_id 
_pdbx_poly_seq_scheme.entity_id 
_pdbx_poly_seq_scheme.seq_id 
_pdbx_poly_seq_scheme.mon_id 
_pdbx_poly_seq_scheme.ndb_seq_num 
_pdbx_poly_seq_scheme.pdb_seq_num 
_pdbx_poly_seq_scheme.auth_seq_num 
_pdbx_poly_seq_scheme.pdb_mon_id 
_pdbx_poly_seq_scheme.auth_mon_id 
_pdbx_poly_seq_scheme.pdb_strand_id 
_pdbx_poly_seq_scheme.pdb_ins_code 
_pdbx_poly_seq_scheme.hetero 
A 1 1   SER 1   1   1   SER SER A . n 
A 1 2   ILE 2   2   2   ILE ILE A . n 
A 1 3   GLN 3   3   3   GLN GLN A . n 
A 1 4   ALA 4   4   4   ALA ALA A . n 
A 1 5   GLU 5   5   5   GLU GLU A . n 
A 1 6   GLU 6   6   6   GLU GLU A . n 
A 1 7   TRP 7   7   7   TRP TRP A . n 
A 1 8   TYR 8   8   8   TYR TYR A . n 
A 1 9   PHE 9   9   9   PHE PHE A . n 
A 1 10  GLY 10  10  10  GLY GLY A . n 
A 1 11  LYS 11  11  11  LYS LYS A . n 
A 1 12  ILE 12  12  12  ILE ILE A . n 
A 1 13  THR 13  13  13  THR THR A . n 
A 1 14  ARG 14  14  14  ARG ARG A . n 
A 1 15  ARG 15  15  15  ARG ARG A . n 
A 1 16  GLU 16  16  16  GLU GLU A . n 
A 1 17  SER 17  17  17  SER SER A . n 
A 1 18  GLU 18  18  18  GLU GLU A . n 
A 1 19  ARG 19  19  19  ARG ARG A . n 
A 1 20  LEU 20  20  20  LEU LEU A . n 
A 1 21  LEU 21  21  21  LEU LEU A . n 
A 1 22  LEU 22  22  22  LEU LEU A . n 
A 1 23  ASN 23  23  23  ASN ASN A . n 
A 1 24  ALA 24  24  24  ALA ALA A . n 
A 1 25  GLU 25  25  25  GLU GLU A . n 
A 1 26  ASN 26  26  26  ASN ASN A . n 
A 1 27  PRO 27  27  27  PRO PRO A . n 
A 1 28  ARG 28  28  28  ARG ARG A . n 
A 1 29  GLY 29  29  29  GLY GLY A . n 
A 1 30  THR 30  30  30  THR THR A . n 
A 1 31  PHE 31  31  31  PHE PHE A . n 
A 1 32  LEU 32  32  32  LEU LEU A . n 
A 1 33  VAL 33  33  33  VAL VAL A . n 
A 1 34  ARG 34  34  34  ARG ARG A . n 
A 1 35  GLU 35  35  35  GLU GLU A . n 
A 1 36  SER 36  36  36  SER SER A . n 
A 1 37  GLU 37  37  37  GLU GLU A . n 
A 1 38  THR 38  38  38  THR THR A . n 
A 1 39  THR 39  39  39  THR THR A . n 
A 1 40  LYS 40  40  40  LYS LYS A . n 
A 1 41  GLY 41  41  41  GLY GLY A . n 
A 1 42  ALA 42  42  42  ALA ALA A . n 
A 1 43  TYR 43  43  43  TYR TYR A . n 
A 1 44  CSO 44  44  44  CSO CYS A . n 
A 1 45  LEU 45  45  45  LEU LEU A . n 
A 1 46  SER 46  46  46  SER SER A . n 
A 1 47  VAL 47  47  47  VAL VAL A . n 
A 1 48  SER 48  48  48  SER SER A . n 
A 1 49  ASP 49  49  49  ASP ASP A . n 
A 1 50  PHE 50  50  50  PHE PHE A . n 
A 1 51  ASP 51  51  51  ASP ASP A . n 
A 1 52  ASN 52  52  52  ASN ASN A . n 
A 1 53  ALA 53  53  53  ALA ALA A . n 
A 1 54  LYS 54  54  54  LYS LYS A . n 
A 1 55  GLY 55  55  55  GLY GLY A . n 
A 1 56  LEU 56  56  56  LEU LEU A . n 
A 1 57  ASN 57  57  57  ASN ASN A . n 
A 1 58  VAL 58  58  58  VAL VAL A . n 
A 1 59  LYS 59  59  59  LYS LYS A . n 
A 1 60  HIS 60  60  60  HIS HIS A . n 
A 1 61  TYR 61  61  61  TYR TYR A . n 
A 1 62  LYS 62  62  62  LYS LYS A . n 
A 1 63  ILE 63  63  63  ILE ILE A . n 
A 1 64  ARG 64  64  64  ARG ARG A . n 
A 1 65  LYS 65  65  65  LYS LYS A . n 
A 1 66  LEU 66  66  66  LEU LEU A . n 
A 1 67  ASP 67  67  67  ASP ASP A . n 
A 1 68  SER 68  68  68  SER SER A . n 
A 1 69  GLY 69  69  69  GLY GLY A . n 
A 1 70  GLY 70  70  70  GLY GLY A . n 
A 1 71  PHE 71  71  71  PHE PHE A . n 
A 1 72  TYR 72  72  72  TYR TYR A . n 
A 1 73  ILE 73  73  73  ILE ILE A . n 
A 1 74  THR 74  74  74  THR THR A . n 
A 1 75  SER 75  75  75  SER SER A . n 
A 1 76  ARG 76  76  76  ARG ARG A . n 
A 1 77  THR 77  77  77  THR THR A . n 
A 1 78  GLN 78  78  78  GLN GLN A . n 
A 1 79  PHE 79  79  79  PHE PHE A . n 
A 1 80  ASN 80  80  80  ASN ASN A . n 
A 1 81  SER 81  81  81  SER SER A . n 
A 1 82  LEU 82  82  82  LEU LEU A . n 
A 1 83  GLN 83  83  83  GLN GLN A . n 
A 1 84  GLN 84  84  84  GLN GLN A . n 
A 1 85  LEU 85  85  85  LEU LEU A . n 
A 1 86  VAL 86  86  86  VAL VAL A . n 
A 1 87  ALA 87  87  87  ALA ALA A . n 
A 1 88  TYR 88  88  88  TYR TYR A . n 
A 1 89  TYR 89  89  89  TYR TYR A . n 
A 1 90  SER 90  90  90  SER SER A . n 
A 1 91  LYS 91  91  91  LYS LYS A . n 
A 1 92  HIS 92  92  92  HIS HIS A . n 
A 1 93  ALA 93  93  93  ALA ALA A . n 
A 1 94  ASP 94  94  94  ASP ASP A . n 
A 1 95  GLY 95  95  95  GLY GLY A . n 
A 1 96  LEU 96  96  96  LEU LEU A . n 
A 1 97  CYS 97  97  97  CYS CYS A . n 
A 1 98  HIS 98  98  98  HIS HIS A . n 
A 1 99  ARG 99  99  99  ARG ARG A . n 
A 1 100 LEU 100 100 100 LEU LEU A . n 
A 1 101 THR 101 101 101 THR THR A . n 
A 1 102 THR 102 102 102 THR THR A . n 
A 1 103 VAL 103 103 103 VAL VAL A . n 
A 1 104 CYS 104 104 104 CYS CYS A . n 
A 1 105 PRO 105 105 105 PRO PRO A . n 
A 1 106 THR 106 106 106 THR THR A . n 
A 1 107 SER 107 107 ?   ?   ?   A . n 
A 1 108 LYS 108 108 ?   ?   ?   A . n 
# 
loop_
_pdbx_nonpoly_scheme.asym_id 
_pdbx_nonpoly_scheme.entity_id 
_pdbx_nonpoly_scheme.mon_id 
_pdbx_nonpoly_scheme.ndb_seq_num 
_pdbx_nonpoly_scheme.pdb_seq_num 
_pdbx_nonpoly_scheme.auth_seq_num 
_pdbx_nonpoly_scheme.pdb_mon_id 
_pdbx_nonpoly_scheme.auth_mon_id 
_pdbx_nonpoly_scheme.pdb_strand_id 
_pdbx_nonpoly_scheme.pdb_ins_code 
B 2 I59 1   300 1   I59 DPI A . 
C 3 HOH 1   301 1   HOH HOH A . 
C 3 HOH 2   302 2   HOH HOH A . 
C 3 HOH 3   303 3   HOH HOH A . 
C 3 HOH 4   304 4   HOH HOH A . 
C 3 HOH 5   305 5   HOH HOH A . 
C 3 HOH 6   306 6   HOH HOH A . 
C 3 HOH 7   307 7   HOH HOH A . 
C 3 HOH 8   308 8   HOH HOH A . 
C 3 HOH 9   309 9   HOH HOH A . 
C 3 HOH 10  310 10  HOH HOH A . 
C 3 HOH 11  311 11  HOH HOH A . 
C 3 HOH 12  312 12  HOH HOH A . 
C 3 HOH 13  313 13  HOH HOH A . 
C 3 HOH 14  314 14  HOH HOH A . 
C 3 HOH 15  315 15  HOH HOH A . 
C 3 HOH 16  316 16  HOH HOH A . 
C 3 HOH 17  317 17  HOH HOH A . 
C 3 HOH 18  318 18  HOH HOH A . 
C 3 HOH 19  319 19  HOH HOH A . 
C 3 HOH 20  320 20  HOH HOH A . 
C 3 HOH 21  321 21  HOH HOH A . 
C 3 HOH 22  322 22  HOH HOH A . 
C 3 HOH 23  323 23  HOH HOH A . 
C 3 HOH 24  324 24  HOH HOH A . 
C 3 HOH 25  325 25  HOH HOH A . 
C 3 HOH 26  326 26  HOH HOH A . 
C 3 HOH 27  327 27  HOH HOH A . 
C 3 HOH 28  328 28  HOH HOH A . 
C 3 HOH 29  329 30  HOH HOH A . 
C 3 HOH 30  330 31  HOH HOH A . 
C 3 HOH 31  331 32  HOH HOH A . 
C 3 HOH 32  332 33  HOH HOH A . 
C 3 HOH 33  333 34  HOH HOH A . 
C 3 HOH 34  334 35  HOH HOH A . 
C 3 HOH 35  335 36  HOH HOH A . 
C 3 HOH 36  336 37  HOH HOH A . 
C 3 HOH 37  337 38  HOH HOH A . 
C 3 HOH 38  338 39  HOH HOH A . 
C 3 HOH 39  339 40  HOH HOH A . 
C 3 HOH 40  340 41  HOH HOH A . 
C 3 HOH 41  341 42  HOH HOH A . 
C 3 HOH 42  342 43  HOH HOH A . 
C 3 HOH 43  343 44  HOH HOH A . 
C 3 HOH 44  344 45  HOH HOH A . 
C 3 HOH 45  345 46  HOH HOH A . 
C 3 HOH 46  346 47  HOH HOH A . 
C 3 HOH 47  347 49  HOH HOH A . 
C 3 HOH 48  348 50  HOH HOH A . 
C 3 HOH 49  349 51  HOH HOH A . 
C 3 HOH 50  350 52  HOH HOH A . 
C 3 HOH 51  351 54  HOH HOH A . 
C 3 HOH 52  352 55  HOH HOH A . 
C 3 HOH 53  353 56  HOH HOH A . 
C 3 HOH 54  354 57  HOH HOH A . 
C 3 HOH 55  355 58  HOH HOH A . 
C 3 HOH 56  356 59  HOH HOH A . 
C 3 HOH 57  357 60  HOH HOH A . 
C 3 HOH 58  358 61  HOH HOH A . 
C 3 HOH 59  359 62  HOH HOH A . 
C 3 HOH 60  360 64  HOH HOH A . 
C 3 HOH 61  361 65  HOH HOH A . 
C 3 HOH 62  362 66  HOH HOH A . 
C 3 HOH 63  363 67  HOH HOH A . 
C 3 HOH 64  364 68  HOH HOH A . 
C 3 HOH 65  365 69  HOH HOH A . 
C 3 HOH 66  366 70  HOH HOH A . 
C 3 HOH 67  367 72  HOH HOH A . 
C 3 HOH 68  368 74  HOH HOH A . 
C 3 HOH 69  369 75  HOH HOH A . 
C 3 HOH 70  370 77  HOH HOH A . 
C 3 HOH 71  371 78  HOH HOH A . 
C 3 HOH 72  372 81  HOH HOH A . 
C 3 HOH 73  373 82  HOH HOH A . 
C 3 HOH 74  374 84  HOH HOH A . 
C 3 HOH 75  375 85  HOH HOH A . 
C 3 HOH 76  376 86  HOH HOH A . 
C 3 HOH 77  377 89  HOH HOH A . 
C 3 HOH 78  378 91  HOH HOH A . 
C 3 HOH 79  379 92  HOH HOH A . 
C 3 HOH 80  380 93  HOH HOH A . 
C 3 HOH 81  381 94  HOH HOH A . 
C 3 HOH 82  382 96  HOH HOH A . 
C 3 HOH 83  383 98  HOH HOH A . 
C 3 HOH 84  384 99  HOH HOH A . 
C 3 HOH 85  385 100 HOH HOH A . 
C 3 HOH 86  386 101 HOH HOH A . 
C 3 HOH 87  387 102 HOH HOH A . 
C 3 HOH 88  388 103 HOH HOH A . 
C 3 HOH 89  389 104 HOH HOH A . 
C 3 HOH 90  390 105 HOH HOH A . 
C 3 HOH 91  391 106 HOH HOH A . 
C 3 HOH 92  392 107 HOH HOH A . 
C 3 HOH 93  393 108 HOH HOH A . 
C 3 HOH 94  394 109 HOH HOH A . 
C 3 HOH 95  395 110 HOH HOH A . 
C 3 HOH 96  396 111 HOH HOH A . 
C 3 HOH 97  397 112 HOH HOH A . 
C 3 HOH 98  398 113 HOH HOH A . 
C 3 HOH 99  399 114 HOH HOH A . 
C 3 HOH 100 400 115 HOH HOH A . 
C 3 HOH 101 401 116 HOH HOH A . 
C 3 HOH 102 402 118 HOH HOH A . 
C 3 HOH 103 403 120 HOH HOH A . 
C 3 HOH 104 404 123 HOH HOH A . 
C 3 HOH 105 405 124 HOH HOH A . 
C 3 HOH 106 406 128 HOH HOH A . 
C 3 HOH 107 407 133 HOH HOH A . 
C 3 HOH 108 408 134 HOH HOH A . 
C 3 HOH 109 409 136 HOH HOH A . 
C 3 HOH 110 410 141 HOH HOH A . 
C 3 HOH 111 411 149 HOH HOH A . 
C 3 HOH 112 412 150 HOH HOH A . 
C 3 HOH 113 413 151 HOH HOH A . 
C 3 HOH 114 414 152 HOH HOH A . 
C 3 HOH 115 415 154 HOH HOH A . 
C 3 HOH 116 416 155 HOH HOH A . 
C 3 HOH 117 417 156 HOH HOH A . 
C 3 HOH 118 418 157 HOH HOH A . 
C 3 HOH 119 419 164 HOH HOH A . 
C 3 HOH 120 420 167 HOH HOH A . 
C 3 HOH 121 421 169 HOH HOH A . 
C 3 HOH 122 422 170 HOH HOH A . 
C 3 HOH 123 423 171 HOH HOH A . 
C 3 HOH 124 424 172 HOH HOH A . 
C 3 HOH 125 425 173 HOH HOH A . 
C 3 HOH 126 426 175 HOH HOH A . 
C 3 HOH 127 427 178 HOH HOH A . 
C 3 HOH 128 428 180 HOH HOH A . 
C 3 HOH 129 429 181 HOH HOH A . 
C 3 HOH 130 430 182 HOH HOH A . 
C 3 HOH 131 431 184 HOH HOH A . 
C 3 HOH 132 432 185 HOH HOH A . 
C 3 HOH 133 433 186 HOH HOH A . 
C 3 HOH 134 434 187 HOH HOH A . 
C 3 HOH 135 435 189 HOH HOH A . 
C 3 HOH 136 436 192 HOH HOH A . 
C 3 HOH 137 437 193 HOH HOH A . 
C 3 HOH 138 438 194 HOH HOH A . 
C 3 HOH 139 439 195 HOH HOH A . 
C 3 HOH 140 440 196 HOH HOH A . 
C 3 HOH 141 441 197 HOH HOH A . 
C 3 HOH 142 442 198 HOH HOH A . 
C 3 HOH 143 443 199 HOH HOH A . 
C 3 HOH 144 444 200 HOH HOH A . 
C 3 HOH 145 445 201 HOH HOH A . 
C 3 HOH 146 446 202 HOH HOH A . 
C 3 HOH 147 447 203 HOH HOH A . 
C 3 HOH 148 448 204 HOH HOH A . 
C 3 HOH 149 449 205 HOH HOH A . 
C 3 HOH 150 450 206 HOH HOH A . 
# 
loop_
_software.name 
_software.classification 
_software.version 
_software.citation_id 
_software.pdbx_ordinal 
XDS    'data scaling'   .     ? 1 
XDS    'data reduction' .     ? 2 
X-PLOR 'model building' 3.851 ? 3 
X-PLOR refinement       3.851 ? 4 
X-PLOR phasing          3.851 ? 5 
# 
_cell.entry_id           1O4G 
_cell.length_a           26.400 
_cell.length_b           58.967 
_cell.length_c           63.802 
_cell.angle_alpha        90.00 
_cell.angle_beta         90.00 
_cell.angle_gamma        90.00 
_cell.Z_PDB              4 
_cell.pdbx_unique_axis   ? 
# 
_symmetry.entry_id                         1O4G 
_symmetry.space_group_name_H-M             'P 21 21 21' 
_symmetry.pdbx_full_space_group_name_H-M   ? 
_symmetry.cell_setting                     ? 
_symmetry.Int_Tables_number                19 
# 
_exptl.entry_id          1O4G 
_exptl.method            'X-RAY DIFFRACTION' 
_exptl.crystals_number   1 
# 
_exptl_crystal.id                    1 
_exptl_crystal.density_meas          ? 
_exptl_crystal.density_Matthews      2.2 
_exptl_crystal.density_percent_sol   41.9 
_exptl_crystal.description           ? 
# 
_exptl_crystal_grow.crystal_id      1 
_exptl_crystal_grow.method          ? 
_exptl_crystal_grow.temp            ? 
_exptl_crystal_grow.temp_details    ? 
_exptl_crystal_grow.pH              5.50 
_exptl_crystal_grow.pdbx_pH_range   ? 
_exptl_crystal_grow.pdbx_details    'pH 5.50' 
# 
_diffrn.id                     1 
_diffrn.ambient_temp           100.0 
_diffrn.ambient_temp_details   ? 
_diffrn.crystal_id             1 
# 
_diffrn_detector.diffrn_id              1 
_diffrn_detector.detector               'IMAGE PLATE' 
_diffrn_detector.type                   'MAR scanner 345 mm plate' 
_diffrn_detector.pdbx_collection_date   1999-05-11 
_diffrn_detector.details                ? 
# 
_diffrn_radiation.diffrn_id                        1 
_diffrn_radiation.wavelength_id                    1 
_diffrn_radiation.pdbx_monochromatic_or_laue_m_l   M 
_diffrn_radiation.monochromator                    GRAPHITE 
_diffrn_radiation.pdbx_diffrn_protocol             'SINGLE WAVELENGTH' 
_diffrn_radiation.pdbx_scattering_type             x-ray 
# 
_diffrn_radiation_wavelength.id           1 
_diffrn_radiation_wavelength.wavelength   1.5418 
_diffrn_radiation_wavelength.wt           1.0 
# 
_diffrn_source.diffrn_id                   1 
_diffrn_source.source                      'ROTATING ANODE' 
_diffrn_source.type                        'ELLIOTT GX-21' 
_diffrn_source.pdbx_synchrotron_site       ? 
_diffrn_source.pdbx_synchrotron_beamline   ? 
_diffrn_source.pdbx_wavelength             1.5418 
_diffrn_source.pdbx_wavelength_list        ? 
# 
_reflns.entry_id                     1O4G 
_reflns.observed_criterion_sigma_I   -3.000 
_reflns.observed_criterion_sigma_F   ? 
_reflns.d_resolution_low             40.000 
_reflns.d_resolution_high            1.55 
_reflns.number_obs                   13667 
_reflns.number_all                   ? 
_reflns.percent_possible_obs         90.7 
_reflns.pdbx_Rmerge_I_obs            0.056 
_reflns.pdbx_Rsym_value              ? 
_reflns.pdbx_netI_over_sigmaI        21 
_reflns.B_iso_Wilson_estimate        ? 
_reflns.pdbx_redundancy              ? 
_reflns.pdbx_diffrn_id               1 
_reflns.pdbx_ordinal                 1 
# 
_reflns_shell.d_res_high             1.55 
_reflns_shell.d_res_low              1.60 
_reflns_shell.percent_possible_all   74.4 
_reflns_shell.Rmerge_I_obs           0.237 
_reflns_shell.pdbx_Rsym_value        ? 
_reflns_shell.meanI_over_sigI_obs    7 
_reflns_shell.pdbx_redundancy        ? 
_reflns_shell.pdbx_diffrn_id         ? 
_reflns_shell.pdbx_ordinal           1 
# 
_refine.entry_id                                 1O4G 
_refine.ls_number_reflns_obs                     13667 
_refine.ls_number_reflns_all                     ? 
_refine.pdbx_ls_sigma_I                          ? 
_refine.pdbx_ls_sigma_F                          ? 
_refine.pdbx_data_cutoff_high_absF               1000000.000 
_refine.pdbx_data_cutoff_low_absF                0.1000 
_refine.pdbx_data_cutoff_high_rms_absF           ? 
_refine.ls_d_res_low                             8.00 
_refine.ls_d_res_high                            1.55 
_refine.ls_percent_reflns_obs                    90.7 
_refine.ls_R_factor_obs                          0.199 
_refine.ls_R_factor_all                          ? 
_refine.ls_R_factor_R_work                       0.199 
_refine.ls_R_factor_R_free                       ? 
_refine.ls_R_factor_R_free_error                 ? 
_refine.ls_R_factor_R_free_error_details         ? 
_refine.ls_percent_reflns_R_free                 ? 
_refine.ls_number_reflns_R_free                  ? 
_refine.ls_number_parameters                     ? 
_refine.ls_number_restraints                     ? 
_refine.occupancy_min                            ? 
_refine.occupancy_max                            ? 
_refine.correlation_coeff_Fo_to_Fc               ? 
_refine.correlation_coeff_Fo_to_Fc_free          ? 
_refine.B_iso_mean                               32.1 
_refine.aniso_B[1][1]                            ? 
_refine.aniso_B[2][2]                            ? 
_refine.aniso_B[3][3]                            ? 
_refine.aniso_B[1][2]                            ? 
_refine.aniso_B[1][3]                            ? 
_refine.aniso_B[2][3]                            ? 
_refine.solvent_model_details                    ? 
_refine.solvent_model_param_ksol                 ? 
_refine.solvent_model_param_bsol                 ? 
_refine.pdbx_solvent_vdw_probe_radii             ? 
_refine.pdbx_solvent_ion_probe_radii             ? 
_refine.pdbx_solvent_shrinkage_radii             ? 
_refine.pdbx_ls_cross_valid_method               ? 
_refine.details                                  ? 
_refine.pdbx_starting_model                      1SHD 
_refine.pdbx_method_to_determine_struct          MR 
_refine.pdbx_isotropic_thermal_model             ? 
_refine.pdbx_stereochemistry_target_values       ? 
_refine.pdbx_stereochem_target_val_spec_case     ? 
_refine.pdbx_R_Free_selection_details            ? 
_refine.pdbx_overall_ESU_R                       ? 
_refine.pdbx_overall_ESU_R_Free                  ? 
_refine.overall_SU_ML                            ? 
_refine.overall_SU_B                             ? 
_refine.pdbx_refine_id                           'X-RAY DIFFRACTION' 
_refine.pdbx_diffrn_id                           1 
_refine.pdbx_TLS_residual_ADP_flag               ? 
_refine.pdbx_overall_phase_error                 ? 
_refine.overall_SU_R_Cruickshank_DPI             ? 
_refine.pdbx_overall_SU_R_free_Cruickshank_DPI   ? 
_refine.pdbx_overall_SU_R_Blow_DPI               ? 
_refine.pdbx_overall_SU_R_free_Blow_DPI          ? 
# 
_refine_hist.pdbx_refine_id                   'X-RAY DIFFRACTION' 
_refine_hist.cycle_id                         LAST 
_refine_hist.pdbx_number_atoms_protein        857 
_refine_hist.pdbx_number_atoms_nucleic_acid   0 
_refine_hist.pdbx_number_atoms_ligand         32 
_refine_hist.number_atoms_solvent             150 
_refine_hist.number_atoms_total               1039 
_refine_hist.d_res_high                       1.55 
_refine_hist.d_res_low                        8.00 
# 
loop_
_refine_ls_restr.type 
_refine_ls_restr.dev_ideal 
_refine_ls_restr.dev_ideal_target 
_refine_ls_restr.weight 
_refine_ls_restr.number 
_refine_ls_restr.pdbx_refine_id 
_refine_ls_restr.pdbx_restraint_function 
x_bond_d                0.010 ? ? ? 'X-RAY DIFFRACTION' ? 
x_bond_d_na             ?     ? ? ? 'X-RAY DIFFRACTION' ? 
x_bond_d_prot           ?     ? ? ? 'X-RAY DIFFRACTION' ? 
x_angle_d               ?     ? ? ? 'X-RAY DIFFRACTION' ? 
x_angle_d_na            ?     ? ? ? 'X-RAY DIFFRACTION' ? 
x_angle_d_prot          ?     ? ? ? 'X-RAY DIFFRACTION' ? 
x_angle_deg             1.3   ? ? ? 'X-RAY DIFFRACTION' ? 
x_angle_deg_na          ?     ? ? ? 'X-RAY DIFFRACTION' ? 
x_angle_deg_prot        ?     ? ? ? 'X-RAY DIFFRACTION' ? 
x_dihedral_angle_d      ?     ? ? ? 'X-RAY DIFFRACTION' ? 
x_dihedral_angle_d_na   ?     ? ? ? 'X-RAY DIFFRACTION' ? 
x_dihedral_angle_d_prot ?     ? ? ? 'X-RAY DIFFRACTION' ? 
x_improper_angle_d      ?     ? ? ? 'X-RAY DIFFRACTION' ? 
x_improper_angle_d_na   ?     ? ? ? 'X-RAY DIFFRACTION' ? 
x_improper_angle_d_prot ?     ? ? ? 'X-RAY DIFFRACTION' ? 
x_mcbond_it             ?     ? ? ? 'X-RAY DIFFRACTION' ? 
x_mcangle_it            ?     ? ? ? 'X-RAY DIFFRACTION' ? 
x_scbond_it             ?     ? ? ? 'X-RAY DIFFRACTION' ? 
x_scangle_it            ?     ? ? ? 'X-RAY DIFFRACTION' ? 
# 
_struct.entry_id                  1O4G 
_struct.title                     'CRYSTAL STRUCTURE OF SH2 IN COMPLEX WITH DPI59.' 
_struct.pdbx_model_details        ? 
_struct.pdbx_CASP_flag            ? 
_struct.pdbx_model_type_details   ? 
# 
_struct_keywords.entry_id        1O4G 
_struct_keywords.pdbx_keywords   'SIGNALING PROTEIN' 
_struct_keywords.text            'SH2 DOMAIN FRAGMENT APPROACH, SIGNALING PROTEIN' 
# 
loop_
_struct_asym.id 
_struct_asym.pdbx_blank_PDB_chainid_flag 
_struct_asym.pdbx_modified 
_struct_asym.entity_id 
_struct_asym.details 
A N N 1 ? 
B N N 2 ? 
C N N 3 ? 
# 
_struct_ref.id                         1 
_struct_ref.db_name                    UNP 
_struct_ref.db_code                    SRC_HUMAN 
_struct_ref.pdbx_db_accession          P12931 
_struct_ref.entity_id                  1 
_struct_ref.pdbx_align_begin           144 
_struct_ref.pdbx_db_isoform            ? 
_struct_ref.pdbx_seq_one_letter_code   ? 
# 
_struct_ref_seq.align_id                      1 
_struct_ref_seq.ref_id                        1 
_struct_ref_seq.pdbx_PDB_id_code              1O4G 
_struct_ref_seq.pdbx_strand_id                A 
_struct_ref_seq.seq_align_beg                 1 
_struct_ref_seq.pdbx_seq_align_beg_ins_code   ? 
_struct_ref_seq.seq_align_end                 108 
_struct_ref_seq.pdbx_seq_align_end_ins_code   ? 
_struct_ref_seq.pdbx_db_accession             P12931 
_struct_ref_seq.db_align_beg                  144 
_struct_ref_seq.pdbx_db_align_beg_ins_code    ? 
_struct_ref_seq.db_align_end                  251 
_struct_ref_seq.pdbx_db_align_end_ins_code    ? 
_struct_ref_seq.pdbx_auth_seq_align_beg       1 
_struct_ref_seq.pdbx_auth_seq_align_end       108 
# 
_struct_ref_seq_dif.align_id                     1 
_struct_ref_seq_dif.pdbx_pdb_id_code             1O4G 
_struct_ref_seq_dif.mon_id                       CSO 
_struct_ref_seq_dif.pdbx_pdb_strand_id           A 
_struct_ref_seq_dif.seq_num                      44 
_struct_ref_seq_dif.pdbx_pdb_ins_code            ? 
_struct_ref_seq_dif.pdbx_seq_db_name             UNP 
_struct_ref_seq_dif.pdbx_seq_db_accession_code   P12931 
_struct_ref_seq_dif.db_mon_id                    CYS 
_struct_ref_seq_dif.pdbx_seq_db_seq_num          187 
_struct_ref_seq_dif.details                      'modified residue' 
_struct_ref_seq_dif.pdbx_auth_seq_num            44 
_struct_ref_seq_dif.pdbx_ordinal                 1 
# 
_pdbx_struct_assembly.id                   1 
_pdbx_struct_assembly.details              author_defined_assembly 
_pdbx_struct_assembly.method_details       ? 
_pdbx_struct_assembly.oligomeric_details   monomeric 
_pdbx_struct_assembly.oligomeric_count     1 
# 
_pdbx_struct_assembly_gen.assembly_id       1 
_pdbx_struct_assembly_gen.oper_expression   1 
_pdbx_struct_assembly_gen.asym_id_list      A,B,C 
# 
_pdbx_struct_oper_list.id                   1 
_pdbx_struct_oper_list.type                 'identity operation' 
_pdbx_struct_oper_list.name                 1_555 
_pdbx_struct_oper_list.symmetry_operation   x,y,z 
_pdbx_struct_oper_list.matrix[1][1]         1.0000000000 
_pdbx_struct_oper_list.matrix[1][2]         0.0000000000 
_pdbx_struct_oper_list.matrix[1][3]         0.0000000000 
_pdbx_struct_oper_list.vector[1]            0.0000000000 
_pdbx_struct_oper_list.matrix[2][1]         0.0000000000 
_pdbx_struct_oper_list.matrix[2][2]         1.0000000000 
_pdbx_struct_oper_list.matrix[2][3]         0.0000000000 
_pdbx_struct_oper_list.vector[2]            0.0000000000 
_pdbx_struct_oper_list.matrix[3][1]         0.0000000000 
_pdbx_struct_oper_list.matrix[3][2]         0.0000000000 
_pdbx_struct_oper_list.matrix[3][3]         1.0000000000 
_pdbx_struct_oper_list.vector[3]            0.0000000000 
# 
_struct_biol.id   1 
# 
loop_
_struct_conf.conf_type_id 
_struct_conf.id 
_struct_conf.pdbx_PDB_helix_id 
_struct_conf.beg_label_comp_id 
_struct_conf.beg_label_asym_id 
_struct_conf.beg_label_seq_id 
_struct_conf.pdbx_beg_PDB_ins_code 
_struct_conf.end_label_comp_id 
_struct_conf.end_label_asym_id 
_struct_conf.end_label_seq_id 
_struct_conf.pdbx_end_PDB_ins_code 
_struct_conf.beg_auth_comp_id 
_struct_conf.beg_auth_asym_id 
_struct_conf.beg_auth_seq_id 
_struct_conf.end_auth_comp_id 
_struct_conf.end_auth_asym_id 
_struct_conf.end_auth_seq_id 
_struct_conf.pdbx_PDB_helix_class 
_struct_conf.details 
_struct_conf.pdbx_PDB_helix_length 
HELX_P HELX_P1 1 THR A 13 ? LEU A 22 ? THR A 13 LEU A 22 1 ? 10 
HELX_P HELX_P2 2 SER A 81 ? SER A 90 ? SER A 81 SER A 90 1 ? 10 
# 
_struct_conf_type.id          HELX_P 
_struct_conf_type.criteria    ? 
_struct_conf_type.reference   ? 
# 
loop_
_struct_conn.id 
_struct_conn.conn_type_id 
_struct_conn.pdbx_leaving_atom_flag 
_struct_conn.pdbx_PDB_id 
_struct_conn.ptnr1_label_asym_id 
_struct_conn.ptnr1_label_comp_id 
_struct_conn.ptnr1_label_seq_id 
_struct_conn.ptnr1_label_atom_id 
_struct_conn.pdbx_ptnr1_label_alt_id 
_struct_conn.pdbx_ptnr1_PDB_ins_code 
_struct_conn.pdbx_ptnr1_standard_comp_id 
_struct_conn.ptnr1_symmetry 
_struct_conn.ptnr2_label_asym_id 
_struct_conn.ptnr2_label_comp_id 
_struct_conn.ptnr2_label_seq_id 
_struct_conn.ptnr2_label_atom_id 
_struct_conn.pdbx_ptnr2_label_alt_id 
_struct_conn.pdbx_ptnr2_PDB_ins_code 
_struct_conn.ptnr1_auth_asym_id 
_struct_conn.ptnr1_auth_comp_id 
_struct_conn.ptnr1_auth_seq_id 
_struct_conn.ptnr2_auth_asym_id 
_struct_conn.ptnr2_auth_comp_id 
_struct_conn.ptnr2_auth_seq_id 
_struct_conn.ptnr2_symmetry 
_struct_conn.pdbx_ptnr3_label_atom_id 
_struct_conn.pdbx_ptnr3_label_seq_id 
_struct_conn.pdbx_ptnr3_label_comp_id 
_struct_conn.pdbx_ptnr3_label_asym_id 
_struct_conn.pdbx_ptnr3_label_alt_id 
_struct_conn.pdbx_ptnr3_PDB_ins_code 
_struct_conn.details 
_struct_conn.pdbx_dist_value 
_struct_conn.pdbx_value_order 
_struct_conn.pdbx_role 
covale1 covale both ? A TYR 43 C ? ? ? 1_555 A CSO 44 N ? ? A TYR 43 A CSO 44 1_555 ? ? ? ? ? ? ? 1.331 ? ? 
covale2 covale both ? A CSO 44 C ? ? ? 1_555 A LEU 45 N ? ? A CSO 44 A LEU 45 1_555 ? ? ? ? ? ? ? 1.330 ? ? 
# 
_struct_conn_type.id          covale 
_struct_conn_type.criteria    ? 
_struct_conn_type.reference   ? 
# 
_pdbx_modification_feature.ordinal                            1 
_pdbx_modification_feature.label_comp_id                      CSO 
_pdbx_modification_feature.label_asym_id                      A 
_pdbx_modification_feature.label_seq_id                       44 
_pdbx_modification_feature.label_alt_id                       ? 
_pdbx_modification_feature.modified_residue_label_comp_id     . 
_pdbx_modification_feature.modified_residue_label_asym_id     . 
_pdbx_modification_feature.modified_residue_label_seq_id      . 
_pdbx_modification_feature.modified_residue_label_alt_id      . 
_pdbx_modification_feature.auth_comp_id                       CSO 
_pdbx_modification_feature.auth_asym_id                       A 
_pdbx_modification_feature.auth_seq_id                        44 
_pdbx_modification_feature.PDB_ins_code                       ? 
_pdbx_modification_feature.symmetry                           1_555 
_pdbx_modification_feature.modified_residue_auth_comp_id      . 
_pdbx_modification_feature.modified_residue_auth_asym_id      . 
_pdbx_modification_feature.modified_residue_auth_seq_id       . 
_pdbx_modification_feature.modified_residue_PDB_ins_code      . 
_pdbx_modification_feature.modified_residue_symmetry          . 
_pdbx_modification_feature.comp_id_linking_atom               . 
_pdbx_modification_feature.modified_residue_id_linking_atom   . 
_pdbx_modification_feature.modified_residue_id                CYS 
_pdbx_modification_feature.ref_pcm_id                         1 
_pdbx_modification_feature.ref_comp_id                        CSO 
_pdbx_modification_feature.type                               Hydroxylation 
_pdbx_modification_feature.category                           'Named protein modification' 
# 
_struct_sheet.id               A 
_struct_sheet.type             ? 
_struct_sheet.number_strands   5 
_struct_sheet.details          ? 
# 
loop_
_struct_sheet_order.sheet_id 
_struct_sheet_order.range_id_1 
_struct_sheet_order.range_id_2 
_struct_sheet_order.offset 
_struct_sheet_order.sense 
A 1 2 ? parallel      
A 2 3 ? anti-parallel 
A 3 4 ? anti-parallel 
A 4 5 ? anti-parallel 
# 
loop_
_struct_sheet_range.sheet_id 
_struct_sheet_range.id 
_struct_sheet_range.beg_label_comp_id 
_struct_sheet_range.beg_label_asym_id 
_struct_sheet_range.beg_label_seq_id 
_struct_sheet_range.pdbx_beg_PDB_ins_code 
_struct_sheet_range.end_label_comp_id 
_struct_sheet_range.end_label_asym_id 
_struct_sheet_range.end_label_seq_id 
_struct_sheet_range.pdbx_end_PDB_ins_code 
_struct_sheet_range.beg_auth_comp_id 
_struct_sheet_range.beg_auth_asym_id 
_struct_sheet_range.beg_auth_seq_id 
_struct_sheet_range.end_auth_comp_id 
_struct_sheet_range.end_auth_asym_id 
_struct_sheet_range.end_auth_seq_id 
A 1 TYR A 8  ? GLY A 10 ? TYR A 8  GLY A 10 
A 2 PHE A 31 ? GLU A 35 ? PHE A 31 GLU A 35 
A 3 TYR A 43 ? ASP A 49 ? TYR A 43 ASP A 49 
A 4 ASN A 57 ? LYS A 65 ? ASN A 57 LYS A 65 
A 5 PHE A 71 ? TYR A 72 ? PHE A 71 TYR A 72 
# 
loop_
_pdbx_struct_sheet_hbond.sheet_id 
_pdbx_struct_sheet_hbond.range_id_1 
_pdbx_struct_sheet_hbond.range_id_2 
_pdbx_struct_sheet_hbond.range_1_label_atom_id 
_pdbx_struct_sheet_hbond.range_1_label_comp_id 
_pdbx_struct_sheet_hbond.range_1_label_asym_id 
_pdbx_struct_sheet_hbond.range_1_label_seq_id 
_pdbx_struct_sheet_hbond.range_1_PDB_ins_code 
_pdbx_struct_sheet_hbond.range_1_auth_atom_id 
_pdbx_struct_sheet_hbond.range_1_auth_comp_id 
_pdbx_struct_sheet_hbond.range_1_auth_asym_id 
_pdbx_struct_sheet_hbond.range_1_auth_seq_id 
_pdbx_struct_sheet_hbond.range_2_label_atom_id 
_pdbx_struct_sheet_hbond.range_2_label_comp_id 
_pdbx_struct_sheet_hbond.range_2_label_asym_id 
_pdbx_struct_sheet_hbond.range_2_label_seq_id 
_pdbx_struct_sheet_hbond.range_2_PDB_ins_code 
_pdbx_struct_sheet_hbond.range_2_auth_atom_id 
_pdbx_struct_sheet_hbond.range_2_auth_comp_id 
_pdbx_struct_sheet_hbond.range_2_auth_asym_id 
_pdbx_struct_sheet_hbond.range_2_auth_seq_id 
A 1 2 N GLY A 10 ? N GLY A 10 O GLU A 35 ? O GLU A 35 
A 2 3 N ARG A 34 ? N ARG A 34 O CSO A 44 ? O CSO A 44 
A 3 4 N LEU A 45 ? N LEU A 45 O TYR A 61 ? O TYR A 61 
A 4 5 N ARG A 64 ? N ARG A 64 O TYR A 72 ? O TYR A 72 
# 
_struct_site.id                   AC1 
_struct_site.pdbx_evidence_code   Software 
_struct_site.pdbx_auth_asym_id    A 
_struct_site.pdbx_auth_comp_id    I59 
_struct_site.pdbx_auth_seq_id     300 
_struct_site.pdbx_auth_ins_code   ? 
_struct_site.pdbx_num_residues    10 
_struct_site.details              'BINDING SITE FOR RESIDUE I59 A 300' 
# 
loop_
_struct_site_gen.id 
_struct_site_gen.site_id 
_struct_site_gen.pdbx_num_res 
_struct_site_gen.label_comp_id 
_struct_site_gen.label_asym_id 
_struct_site_gen.label_seq_id 
_struct_site_gen.pdbx_auth_ins_code 
_struct_site_gen.auth_comp_id 
_struct_site_gen.auth_asym_id 
_struct_site_gen.auth_seq_id 
_struct_site_gen.label_atom_id 
_struct_site_gen.label_alt_id 
_struct_site_gen.symmetry 
_struct_site_gen.details 
1  AC1 10 ARG A 14  ? ARG A 14  . ? 1_555 ? 
2  AC1 10 ARG A 34  ? ARG A 34  . ? 1_555 ? 
3  AC1 10 SER A 36  ? SER A 36  . ? 1_555 ? 
4  AC1 10 GLU A 37  ? GLU A 37  . ? 1_555 ? 
5  AC1 10 THR A 38  ? THR A 38  . ? 1_555 ? 
6  AC1 10 THR A 39  ? THR A 39  . ? 1_555 ? 
7  AC1 10 CSO A 44  ? CSO A 44  . ? 1_555 ? 
8  AC1 10 LYS A 62  ? LYS A 62  . ? 1_555 ? 
9  AC1 10 THR A 106 ? THR A 106 . ? 1_655 ? 
10 AC1 10 HOH C .   ? HOH A 438 . ? 1_555 ? 
# 
_pdbx_entry_details.entry_id                   1O4G 
_pdbx_entry_details.compound_details           ? 
_pdbx_entry_details.source_details             ? 
_pdbx_entry_details.nonpolymer_details         ? 
_pdbx_entry_details.sequence_details           ? 
_pdbx_entry_details.has_ligand_of_interest     ? 
_pdbx_entry_details.has_protein_modification   Y 
# 
loop_
_pdbx_validate_torsion.id 
_pdbx_validate_torsion.PDB_model_num 
_pdbx_validate_torsion.auth_comp_id 
_pdbx_validate_torsion.auth_asym_id 
_pdbx_validate_torsion.auth_seq_id 
_pdbx_validate_torsion.PDB_ins_code 
_pdbx_validate_torsion.label_alt_id 
_pdbx_validate_torsion.phi 
_pdbx_validate_torsion.psi 
1 1 ILE A 2  ? ? 69.04 -76.35  
2 1 ASP A 94 ? ? 50.25 -122.63 
# 
_pdbx_struct_mod_residue.id               1 
_pdbx_struct_mod_residue.label_asym_id    A 
_pdbx_struct_mod_residue.label_comp_id    CSO 
_pdbx_struct_mod_residue.label_seq_id     44 
_pdbx_struct_mod_residue.auth_asym_id     A 
_pdbx_struct_mod_residue.auth_comp_id     CSO 
_pdbx_struct_mod_residue.auth_seq_id      44 
_pdbx_struct_mod_residue.PDB_ins_code     ? 
_pdbx_struct_mod_residue.parent_comp_id   CYS 
_pdbx_struct_mod_residue.details          S-HYDROXYCYSTEINE 
# 
loop_
_pdbx_unobs_or_zero_occ_residues.id 
_pdbx_unobs_or_zero_occ_residues.PDB_model_num 
_pdbx_unobs_or_zero_occ_residues.polymer_flag 
_pdbx_unobs_or_zero_occ_residues.occupancy_flag 
_pdbx_unobs_or_zero_occ_residues.auth_asym_id 
_pdbx_unobs_or_zero_occ_residues.auth_comp_id 
_pdbx_unobs_or_zero_occ_residues.auth_seq_id 
_pdbx_unobs_or_zero_occ_residues.PDB_ins_code 
_pdbx_unobs_or_zero_occ_residues.label_asym_id 
_pdbx_unobs_or_zero_occ_residues.label_comp_id 
_pdbx_unobs_or_zero_occ_residues.label_seq_id 
1 1 Y 1 A SER 107 ? A SER 107 
2 1 Y 1 A LYS 108 ? A LYS 108 
# 
loop_
_chem_comp_atom.comp_id 
_chem_comp_atom.atom_id 
_chem_comp_atom.type_symbol 
_chem_comp_atom.pdbx_aromatic_flag 
_chem_comp_atom.pdbx_stereo_config 
_chem_comp_atom.pdbx_ordinal 
ALA N    N N N 1   
ALA CA   C N S 2   
ALA C    C N N 3   
ALA O    O N N 4   
ALA CB   C N N 5   
ALA OXT  O N N 6   
ALA H    H N N 7   
ALA H2   H N N 8   
ALA HA   H N N 9   
ALA HB1  H N N 10  
ALA HB2  H N N 11  
ALA HB3  H N N 12  
ALA HXT  H N N 13  
ARG N    N N N 14  
ARG CA   C N S 15  
ARG C    C N N 16  
ARG O    O N N 17  
ARG CB   C N N 18  
ARG CG   C N N 19  
ARG CD   C N N 20  
ARG NE   N N N 21  
ARG CZ   C N N 22  
ARG NH1  N N N 23  
ARG NH2  N N N 24  
ARG OXT  O N N 25  
ARG H    H N N 26  
ARG H2   H N N 27  
ARG HA   H N N 28  
ARG HB2  H N N 29  
ARG HB3  H N N 30  
ARG HG2  H N N 31  
ARG HG3  H N N 32  
ARG HD2  H N N 33  
ARG HD3  H N N 34  
ARG HE   H N N 35  
ARG HH11 H N N 36  
ARG HH12 H N N 37  
ARG HH21 H N N 38  
ARG HH22 H N N 39  
ARG HXT  H N N 40  
ASN N    N N N 41  
ASN CA   C N S 42  
ASN C    C N N 43  
ASN O    O N N 44  
ASN CB   C N N 45  
ASN CG   C N N 46  
ASN OD1  O N N 47  
ASN ND2  N N N 48  
ASN OXT  O N N 49  
ASN H    H N N 50  
ASN H2   H N N 51  
ASN HA   H N N 52  
ASN HB2  H N N 53  
ASN HB3  H N N 54  
ASN HD21 H N N 55  
ASN HD22 H N N 56  
ASN HXT  H N N 57  
ASP N    N N N 58  
ASP CA   C N S 59  
ASP C    C N N 60  
ASP O    O N N 61  
ASP CB   C N N 62  
ASP CG   C N N 63  
ASP OD1  O N N 64  
ASP OD2  O N N 65  
ASP OXT  O N N 66  
ASP H    H N N 67  
ASP H2   H N N 68  
ASP HA   H N N 69  
ASP HB2  H N N 70  
ASP HB3  H N N 71  
ASP HD2  H N N 72  
ASP HXT  H N N 73  
CSO N    N N N 74  
CSO CA   C N R 75  
CSO CB   C N N 76  
CSO SG   S N N 77  
CSO C    C N N 78  
CSO O    O N N 79  
CSO OXT  O N N 80  
CSO OD   O N N 81  
CSO H    H N N 82  
CSO H2   H N N 83  
CSO HA   H N N 84  
CSO HB2  H N N 85  
CSO HB3  H N N 86  
CSO HXT  H N N 87  
CSO HD   H N N 88  
CYS N    N N N 89  
CYS CA   C N R 90  
CYS C    C N N 91  
CYS O    O N N 92  
CYS CB   C N N 93  
CYS SG   S N N 94  
CYS OXT  O N N 95  
CYS H    H N N 96  
CYS H2   H N N 97  
CYS HA   H N N 98  
CYS HB2  H N N 99  
CYS HB3  H N N 100 
CYS HG   H N N 101 
CYS HXT  H N N 102 
GLN N    N N N 103 
GLN CA   C N S 104 
GLN C    C N N 105 
GLN O    O N N 106 
GLN CB   C N N 107 
GLN CG   C N N 108 
GLN CD   C N N 109 
GLN OE1  O N N 110 
GLN NE2  N N N 111 
GLN OXT  O N N 112 
GLN H    H N N 113 
GLN H2   H N N 114 
GLN HA   H N N 115 
GLN HB2  H N N 116 
GLN HB3  H N N 117 
GLN HG2  H N N 118 
GLN HG3  H N N 119 
GLN HE21 H N N 120 
GLN HE22 H N N 121 
GLN HXT  H N N 122 
GLU N    N N N 123 
GLU CA   C N S 124 
GLU C    C N N 125 
GLU O    O N N 126 
GLU CB   C N N 127 
GLU CG   C N N 128 
GLU CD   C N N 129 
GLU OE1  O N N 130 
GLU OE2  O N N 131 
GLU OXT  O N N 132 
GLU H    H N N 133 
GLU H2   H N N 134 
GLU HA   H N N 135 
GLU HB2  H N N 136 
GLU HB3  H N N 137 
GLU HG2  H N N 138 
GLU HG3  H N N 139 
GLU HE2  H N N 140 
GLU HXT  H N N 141 
GLY N    N N N 142 
GLY CA   C N N 143 
GLY C    C N N 144 
GLY O    O N N 145 
GLY OXT  O N N 146 
GLY H    H N N 147 
GLY H2   H N N 148 
GLY HA2  H N N 149 
GLY HA3  H N N 150 
GLY HXT  H N N 151 
HIS N    N N N 152 
HIS CA   C N S 153 
HIS C    C N N 154 
HIS O    O N N 155 
HIS CB   C N N 156 
HIS CG   C Y N 157 
HIS ND1  N Y N 158 
HIS CD2  C Y N 159 
HIS CE1  C Y N 160 
HIS NE2  N Y N 161 
HIS OXT  O N N 162 
HIS H    H N N 163 
HIS H2   H N N 164 
HIS HA   H N N 165 
HIS HB2  H N N 166 
HIS HB3  H N N 167 
HIS HD1  H N N 168 
HIS HD2  H N N 169 
HIS HE1  H N N 170 
HIS HE2  H N N 171 
HIS HXT  H N N 172 
HOH O    O N N 173 
HOH H1   H N N 174 
HOH H2   H N N 175 
I59 C1   C Y N 176 
I59 C2   C Y N 177 
I59 C3   C Y N 178 
I59 C4   C Y N 179 
I59 C5   C Y N 180 
I59 C6   C Y N 181 
I59 C7   C Y N 182 
I59 C8   C Y N 183 
I59 C9   C Y N 184 
I59 C10  C Y N 185 
I59 C11  C N S 186 
I59 O12  O N N 187 
I59 P13  P N N 188 
I59 O15  O N N 189 
I59 O16  O N N 190 
I59 O17  O N N 191 
I59 H1   H N N 192 
I59 H2   H N N 193 
I59 H5   H N N 194 
I59 H6   H N N 195 
I59 H7   H N N 196 
I59 H8   H N N 197 
I59 H9   H N N 198 
I59 H11  H N N 199 
I59 H12  H N N 200 
I59 H16  H N N 201 
I59 H17  H N N 202 
ILE N    N N N 203 
ILE CA   C N S 204 
ILE C    C N N 205 
ILE O    O N N 206 
ILE CB   C N S 207 
ILE CG1  C N N 208 
ILE CG2  C N N 209 
ILE CD1  C N N 210 
ILE OXT  O N N 211 
ILE H    H N N 212 
ILE H2   H N N 213 
ILE HA   H N N 214 
ILE HB   H N N 215 
ILE HG12 H N N 216 
ILE HG13 H N N 217 
ILE HG21 H N N 218 
ILE HG22 H N N 219 
ILE HG23 H N N 220 
ILE HD11 H N N 221 
ILE HD12 H N N 222 
ILE HD13 H N N 223 
ILE HXT  H N N 224 
LEU N    N N N 225 
LEU CA   C N S 226 
LEU C    C N N 227 
LEU O    O N N 228 
LEU CB   C N N 229 
LEU CG   C N N 230 
LEU CD1  C N N 231 
LEU CD2  C N N 232 
LEU OXT  O N N 233 
LEU H    H N N 234 
LEU H2   H N N 235 
LEU HA   H N N 236 
LEU HB2  H N N 237 
LEU HB3  H N N 238 
LEU HG   H N N 239 
LEU HD11 H N N 240 
LEU HD12 H N N 241 
LEU HD13 H N N 242 
LEU HD21 H N N 243 
LEU HD22 H N N 244 
LEU HD23 H N N 245 
LEU HXT  H N N 246 
LYS N    N N N 247 
LYS CA   C N S 248 
LYS C    C N N 249 
LYS O    O N N 250 
LYS CB   C N N 251 
LYS CG   C N N 252 
LYS CD   C N N 253 
LYS CE   C N N 254 
LYS NZ   N N N 255 
LYS OXT  O N N 256 
LYS H    H N N 257 
LYS H2   H N N 258 
LYS HA   H N N 259 
LYS HB2  H N N 260 
LYS HB3  H N N 261 
LYS HG2  H N N 262 
LYS HG3  H N N 263 
LYS HD2  H N N 264 
LYS HD3  H N N 265 
LYS HE2  H N N 266 
LYS HE3  H N N 267 
LYS HZ1  H N N 268 
LYS HZ2  H N N 269 
LYS HZ3  H N N 270 
LYS HXT  H N N 271 
PHE N    N N N 272 
PHE CA   C N S 273 
PHE C    C N N 274 
PHE O    O N N 275 
PHE CB   C N N 276 
PHE CG   C Y N 277 
PHE CD1  C Y N 278 
PHE CD2  C Y N 279 
PHE CE1  C Y N 280 
PHE CE2  C Y N 281 
PHE CZ   C Y N 282 
PHE OXT  O N N 283 
PHE H    H N N 284 
PHE H2   H N N 285 
PHE HA   H N N 286 
PHE HB2  H N N 287 
PHE HB3  H N N 288 
PHE HD1  H N N 289 
PHE HD2  H N N 290 
PHE HE1  H N N 291 
PHE HE2  H N N 292 
PHE HZ   H N N 293 
PHE HXT  H N N 294 
PRO N    N N N 295 
PRO CA   C N S 296 
PRO C    C N N 297 
PRO O    O N N 298 
PRO CB   C N N 299 
PRO CG   C N N 300 
PRO CD   C N N 301 
PRO OXT  O N N 302 
PRO H    H N N 303 
PRO HA   H N N 304 
PRO HB2  H N N 305 
PRO HB3  H N N 306 
PRO HG2  H N N 307 
PRO HG3  H N N 308 
PRO HD2  H N N 309 
PRO HD3  H N N 310 
PRO HXT  H N N 311 
SER N    N N N 312 
SER CA   C N S 313 
SER C    C N N 314 
SER O    O N N 315 
SER CB   C N N 316 
SER OG   O N N 317 
SER OXT  O N N 318 
SER H    H N N 319 
SER H2   H N N 320 
SER HA   H N N 321 
SER HB2  H N N 322 
SER HB3  H N N 323 
SER HG   H N N 324 
SER HXT  H N N 325 
THR N    N N N 326 
THR CA   C N S 327 
THR C    C N N 328 
THR O    O N N 329 
THR CB   C N R 330 
THR OG1  O N N 331 
THR CG2  C N N 332 
THR OXT  O N N 333 
THR H    H N N 334 
THR H2   H N N 335 
THR HA   H N N 336 
THR HB   H N N 337 
THR HG1  H N N 338 
THR HG21 H N N 339 
THR HG22 H N N 340 
THR HG23 H N N 341 
THR HXT  H N N 342 
TRP N    N N N 343 
TRP CA   C N S 344 
TRP C    C N N 345 
TRP O    O N N 346 
TRP CB   C N N 347 
TRP CG   C Y N 348 
TRP CD1  C Y N 349 
TRP CD2  C Y N 350 
TRP NE1  N Y N 351 
TRP CE2  C Y N 352 
TRP CE3  C Y N 353 
TRP CZ2  C Y N 354 
TRP CZ3  C Y N 355 
TRP CH2  C Y N 356 
TRP OXT  O N N 357 
TRP H    H N N 358 
TRP H2   H N N 359 
TRP HA   H N N 360 
TRP HB2  H N N 361 
TRP HB3  H N N 362 
TRP HD1  H N N 363 
TRP HE1  H N N 364 
TRP HE3  H N N 365 
TRP HZ2  H N N 366 
TRP HZ3  H N N 367 
TRP HH2  H N N 368 
TRP HXT  H N N 369 
TYR N    N N N 370 
TYR CA   C N S 371 
TYR C    C N N 372 
TYR O    O N N 373 
TYR CB   C N N 374 
TYR CG   C Y N 375 
TYR CD1  C Y N 376 
TYR CD2  C Y N 377 
TYR CE1  C Y N 378 
TYR CE2  C Y N 379 
TYR CZ   C Y N 380 
TYR OH   O N N 381 
TYR OXT  O N N 382 
TYR H    H N N 383 
TYR H2   H N N 384 
TYR HA   H N N 385 
TYR HB2  H N N 386 
TYR HB3  H N N 387 
TYR HD1  H N N 388 
TYR HD2  H N N 389 
TYR HE1  H N N 390 
TYR HE2  H N N 391 
TYR HH   H N N 392 
TYR HXT  H N N 393 
VAL N    N N N 394 
VAL CA   C N S 395 
VAL C    C N N 396 
VAL O    O N N 397 
VAL CB   C N N 398 
VAL CG1  C N N 399 
VAL CG2  C N N 400 
VAL OXT  O N N 401 
VAL H    H N N 402 
VAL H2   H N N 403 
VAL HA   H N N 404 
VAL HB   H N N 405 
VAL HG11 H N N 406 
VAL HG12 H N N 407 
VAL HG13 H N N 408 
VAL HG21 H N N 409 
VAL HG22 H N N 410 
VAL HG23 H N N 411 
VAL HXT  H N N 412 
# 
loop_
_chem_comp_bond.comp_id 
_chem_comp_bond.atom_id_1 
_chem_comp_bond.atom_id_2 
_chem_comp_bond.value_order 
_chem_comp_bond.pdbx_aromatic_flag 
_chem_comp_bond.pdbx_stereo_config 
_chem_comp_bond.pdbx_ordinal 
ALA N   CA   sing N N 1   
ALA N   H    sing N N 2   
ALA N   H2   sing N N 3   
ALA CA  C    sing N N 4   
ALA CA  CB   sing N N 5   
ALA CA  HA   sing N N 6   
ALA C   O    doub N N 7   
ALA C   OXT  sing N N 8   
ALA CB  HB1  sing N N 9   
ALA CB  HB2  sing N N 10  
ALA CB  HB3  sing N N 11  
ALA OXT HXT  sing N N 12  
ARG N   CA   sing N N 13  
ARG N   H    sing N N 14  
ARG N   H2   sing N N 15  
ARG CA  C    sing N N 16  
ARG CA  CB   sing N N 17  
ARG CA  HA   sing N N 18  
ARG C   O    doub N N 19  
ARG C   OXT  sing N N 20  
ARG CB  CG   sing N N 21  
ARG CB  HB2  sing N N 22  
ARG CB  HB3  sing N N 23  
ARG CG  CD   sing N N 24  
ARG CG  HG2  sing N N 25  
ARG CG  HG3  sing N N 26  
ARG CD  NE   sing N N 27  
ARG CD  HD2  sing N N 28  
ARG CD  HD3  sing N N 29  
ARG NE  CZ   sing N N 30  
ARG NE  HE   sing N N 31  
ARG CZ  NH1  sing N N 32  
ARG CZ  NH2  doub N N 33  
ARG NH1 HH11 sing N N 34  
ARG NH1 HH12 sing N N 35  
ARG NH2 HH21 sing N N 36  
ARG NH2 HH22 sing N N 37  
ARG OXT HXT  sing N N 38  
ASN N   CA   sing N N 39  
ASN N   H    sing N N 40  
ASN N   H2   sing N N 41  
ASN CA  C    sing N N 42  
ASN CA  CB   sing N N 43  
ASN CA  HA   sing N N 44  
ASN C   O    doub N N 45  
ASN C   OXT  sing N N 46  
ASN CB  CG   sing N N 47  
ASN CB  HB2  sing N N 48  
ASN CB  HB3  sing N N 49  
ASN CG  OD1  doub N N 50  
ASN CG  ND2  sing N N 51  
ASN ND2 HD21 sing N N 52  
ASN ND2 HD22 sing N N 53  
ASN OXT HXT  sing N N 54  
ASP N   CA   sing N N 55  
ASP N   H    sing N N 56  
ASP N   H2   sing N N 57  
ASP CA  C    sing N N 58  
ASP CA  CB   sing N N 59  
ASP CA  HA   sing N N 60  
ASP C   O    doub N N 61  
ASP C   OXT  sing N N 62  
ASP CB  CG   sing N N 63  
ASP CB  HB2  sing N N 64  
ASP CB  HB3  sing N N 65  
ASP CG  OD1  doub N N 66  
ASP CG  OD2  sing N N 67  
ASP OD2 HD2  sing N N 68  
ASP OXT HXT  sing N N 69  
CSO N   CA   sing N N 70  
CSO N   H    sing N N 71  
CSO N   H2   sing N N 72  
CSO CA  CB   sing N N 73  
CSO CA  C    sing N N 74  
CSO CA  HA   sing N N 75  
CSO CB  SG   sing N N 76  
CSO CB  HB2  sing N N 77  
CSO CB  HB3  sing N N 78  
CSO SG  OD   sing N N 79  
CSO C   O    doub N N 80  
CSO C   OXT  sing N N 81  
CSO OXT HXT  sing N N 82  
CSO OD  HD   sing N N 83  
CYS N   CA   sing N N 84  
CYS N   H    sing N N 85  
CYS N   H2   sing N N 86  
CYS CA  C    sing N N 87  
CYS CA  CB   sing N N 88  
CYS CA  HA   sing N N 89  
CYS C   O    doub N N 90  
CYS C   OXT  sing N N 91  
CYS CB  SG   sing N N 92  
CYS CB  HB2  sing N N 93  
CYS CB  HB3  sing N N 94  
CYS SG  HG   sing N N 95  
CYS OXT HXT  sing N N 96  
GLN N   CA   sing N N 97  
GLN N   H    sing N N 98  
GLN N   H2   sing N N 99  
GLN CA  C    sing N N 100 
GLN CA  CB   sing N N 101 
GLN CA  HA   sing N N 102 
GLN C   O    doub N N 103 
GLN C   OXT  sing N N 104 
GLN CB  CG   sing N N 105 
GLN CB  HB2  sing N N 106 
GLN CB  HB3  sing N N 107 
GLN CG  CD   sing N N 108 
GLN CG  HG2  sing N N 109 
GLN CG  HG3  sing N N 110 
GLN CD  OE1  doub N N 111 
GLN CD  NE2  sing N N 112 
GLN NE2 HE21 sing N N 113 
GLN NE2 HE22 sing N N 114 
GLN OXT HXT  sing N N 115 
GLU N   CA   sing N N 116 
GLU N   H    sing N N 117 
GLU N   H2   sing N N 118 
GLU CA  C    sing N N 119 
GLU CA  CB   sing N N 120 
GLU CA  HA   sing N N 121 
GLU C   O    doub N N 122 
GLU C   OXT  sing N N 123 
GLU CB  CG   sing N N 124 
GLU CB  HB2  sing N N 125 
GLU CB  HB3  sing N N 126 
GLU CG  CD   sing N N 127 
GLU CG  HG2  sing N N 128 
GLU CG  HG3  sing N N 129 
GLU CD  OE1  doub N N 130 
GLU CD  OE2  sing N N 131 
GLU OE2 HE2  sing N N 132 
GLU OXT HXT  sing N N 133 
GLY N   CA   sing N N 134 
GLY N   H    sing N N 135 
GLY N   H2   sing N N 136 
GLY CA  C    sing N N 137 
GLY CA  HA2  sing N N 138 
GLY CA  HA3  sing N N 139 
GLY C   O    doub N N 140 
GLY C   OXT  sing N N 141 
GLY OXT HXT  sing N N 142 
HIS N   CA   sing N N 143 
HIS N   H    sing N N 144 
HIS N   H2   sing N N 145 
HIS CA  C    sing N N 146 
HIS CA  CB   sing N N 147 
HIS CA  HA   sing N N 148 
HIS C   O    doub N N 149 
HIS C   OXT  sing N N 150 
HIS CB  CG   sing N N 151 
HIS CB  HB2  sing N N 152 
HIS CB  HB3  sing N N 153 
HIS CG  ND1  sing Y N 154 
HIS CG  CD2  doub Y N 155 
HIS ND1 CE1  doub Y N 156 
HIS ND1 HD1  sing N N 157 
HIS CD2 NE2  sing Y N 158 
HIS CD2 HD2  sing N N 159 
HIS CE1 NE2  sing Y N 160 
HIS CE1 HE1  sing N N 161 
HIS NE2 HE2  sing N N 162 
HIS OXT HXT  sing N N 163 
HOH O   H1   sing N N 164 
HOH O   H2   sing N N 165 
I59 C1  C2   sing Y N 166 
I59 C1  C6   doub Y N 167 
I59 C1  H1   sing N N 168 
I59 C2  C3   doub Y N 169 
I59 C2  H2   sing N N 170 
I59 C3  C4   sing Y N 171 
I59 C3  C7   sing Y N 172 
I59 C4  C5   doub Y N 173 
I59 C4  C10  sing Y N 174 
I59 C5  C6   sing Y N 175 
I59 C5  H5   sing N N 176 
I59 C6  H6   sing N N 177 
I59 C7  C8   doub Y N 178 
I59 C7  H7   sing N N 179 
I59 C8  C9   sing Y N 180 
I59 C8  H8   sing N N 181 
I59 C9  C10  doub Y N 182 
I59 C9  H9   sing N N 183 
I59 C10 C11  sing N N 184 
I59 C11 O12  sing N N 185 
I59 C11 P13  sing N N 186 
I59 C11 H11  sing N N 187 
I59 O12 H12  sing N N 188 
I59 P13 O15  doub N N 189 
I59 P13 O16  sing N N 190 
I59 P13 O17  sing N N 191 
I59 O16 H16  sing N N 192 
I59 O17 H17  sing N N 193 
ILE N   CA   sing N N 194 
ILE N   H    sing N N 195 
ILE N   H2   sing N N 196 
ILE CA  C    sing N N 197 
ILE CA  CB   sing N N 198 
ILE CA  HA   sing N N 199 
ILE C   O    doub N N 200 
ILE C   OXT  sing N N 201 
ILE CB  CG1  sing N N 202 
ILE CB  CG2  sing N N 203 
ILE CB  HB   sing N N 204 
ILE CG1 CD1  sing N N 205 
ILE CG1 HG12 sing N N 206 
ILE CG1 HG13 sing N N 207 
ILE CG2 HG21 sing N N 208 
ILE CG2 HG22 sing N N 209 
ILE CG2 HG23 sing N N 210 
ILE CD1 HD11 sing N N 211 
ILE CD1 HD12 sing N N 212 
ILE CD1 HD13 sing N N 213 
ILE OXT HXT  sing N N 214 
LEU N   CA   sing N N 215 
LEU N   H    sing N N 216 
LEU N   H2   sing N N 217 
LEU CA  C    sing N N 218 
LEU CA  CB   sing N N 219 
LEU CA  HA   sing N N 220 
LEU C   O    doub N N 221 
LEU C   OXT  sing N N 222 
LEU CB  CG   sing N N 223 
LEU CB  HB2  sing N N 224 
LEU CB  HB3  sing N N 225 
LEU CG  CD1  sing N N 226 
LEU CG  CD2  sing N N 227 
LEU CG  HG   sing N N 228 
LEU CD1 HD11 sing N N 229 
LEU CD1 HD12 sing N N 230 
LEU CD1 HD13 sing N N 231 
LEU CD2 HD21 sing N N 232 
LEU CD2 HD22 sing N N 233 
LEU CD2 HD23 sing N N 234 
LEU OXT HXT  sing N N 235 
LYS N   CA   sing N N 236 
LYS N   H    sing N N 237 
LYS N   H2   sing N N 238 
LYS CA  C    sing N N 239 
LYS CA  CB   sing N N 240 
LYS CA  HA   sing N N 241 
LYS C   O    doub N N 242 
LYS C   OXT  sing N N 243 
LYS CB  CG   sing N N 244 
LYS CB  HB2  sing N N 245 
LYS CB  HB3  sing N N 246 
LYS CG  CD   sing N N 247 
LYS CG  HG2  sing N N 248 
LYS CG  HG3  sing N N 249 
LYS CD  CE   sing N N 250 
LYS CD  HD2  sing N N 251 
LYS CD  HD3  sing N N 252 
LYS CE  NZ   sing N N 253 
LYS CE  HE2  sing N N 254 
LYS CE  HE3  sing N N 255 
LYS NZ  HZ1  sing N N 256 
LYS NZ  HZ2  sing N N 257 
LYS NZ  HZ3  sing N N 258 
LYS OXT HXT  sing N N 259 
PHE N   CA   sing N N 260 
PHE N   H    sing N N 261 
PHE N   H2   sing N N 262 
PHE CA  C    sing N N 263 
PHE CA  CB   sing N N 264 
PHE CA  HA   sing N N 265 
PHE C   O    doub N N 266 
PHE C   OXT  sing N N 267 
PHE CB  CG   sing N N 268 
PHE CB  HB2  sing N N 269 
PHE CB  HB3  sing N N 270 
PHE CG  CD1  doub Y N 271 
PHE CG  CD2  sing Y N 272 
PHE CD1 CE1  sing Y N 273 
PHE CD1 HD1  sing N N 274 
PHE CD2 CE2  doub Y N 275 
PHE CD2 HD2  sing N N 276 
PHE CE1 CZ   doub Y N 277 
PHE CE1 HE1  sing N N 278 
PHE CE2 CZ   sing Y N 279 
PHE CE2 HE2  sing N N 280 
PHE CZ  HZ   sing N N 281 
PHE OXT HXT  sing N N 282 
PRO N   CA   sing N N 283 
PRO N   CD   sing N N 284 
PRO N   H    sing N N 285 
PRO CA  C    sing N N 286 
PRO CA  CB   sing N N 287 
PRO CA  HA   sing N N 288 
PRO C   O    doub N N 289 
PRO C   OXT  sing N N 290 
PRO CB  CG   sing N N 291 
PRO CB  HB2  sing N N 292 
PRO CB  HB3  sing N N 293 
PRO CG  CD   sing N N 294 
PRO CG  HG2  sing N N 295 
PRO CG  HG3  sing N N 296 
PRO CD  HD2  sing N N 297 
PRO CD  HD3  sing N N 298 
PRO OXT HXT  sing N N 299 
SER N   CA   sing N N 300 
SER N   H    sing N N 301 
SER N   H2   sing N N 302 
SER CA  C    sing N N 303 
SER CA  CB   sing N N 304 
SER CA  HA   sing N N 305 
SER C   O    doub N N 306 
SER C   OXT  sing N N 307 
SER CB  OG   sing N N 308 
SER CB  HB2  sing N N 309 
SER CB  HB3  sing N N 310 
SER OG  HG   sing N N 311 
SER OXT HXT  sing N N 312 
THR N   CA   sing N N 313 
THR N   H    sing N N 314 
THR N   H2   sing N N 315 
THR CA  C    sing N N 316 
THR CA  CB   sing N N 317 
THR CA  HA   sing N N 318 
THR C   O    doub N N 319 
THR C   OXT  sing N N 320 
THR CB  OG1  sing N N 321 
THR CB  CG2  sing N N 322 
THR CB  HB   sing N N 323 
THR OG1 HG1  sing N N 324 
THR CG2 HG21 sing N N 325 
THR CG2 HG22 sing N N 326 
THR CG2 HG23 sing N N 327 
THR OXT HXT  sing N N 328 
TRP N   CA   sing N N 329 
TRP N   H    sing N N 330 
TRP N   H2   sing N N 331 
TRP CA  C    sing N N 332 
TRP CA  CB   sing N N 333 
TRP CA  HA   sing N N 334 
TRP C   O    doub N N 335 
TRP C   OXT  sing N N 336 
TRP CB  CG   sing N N 337 
TRP CB  HB2  sing N N 338 
TRP CB  HB3  sing N N 339 
TRP CG  CD1  doub Y N 340 
TRP CG  CD2  sing Y N 341 
TRP CD1 NE1  sing Y N 342 
TRP CD1 HD1  sing N N 343 
TRP CD2 CE2  doub Y N 344 
TRP CD2 CE3  sing Y N 345 
TRP NE1 CE2  sing Y N 346 
TRP NE1 HE1  sing N N 347 
TRP CE2 CZ2  sing Y N 348 
TRP CE3 CZ3  doub Y N 349 
TRP CE3 HE3  sing N N 350 
TRP CZ2 CH2  doub Y N 351 
TRP CZ2 HZ2  sing N N 352 
TRP CZ3 CH2  sing Y N 353 
TRP CZ3 HZ3  sing N N 354 
TRP CH2 HH2  sing N N 355 
TRP OXT HXT  sing N N 356 
TYR N   CA   sing N N 357 
TYR N   H    sing N N 358 
TYR N   H2   sing N N 359 
TYR CA  C    sing N N 360 
TYR CA  CB   sing N N 361 
TYR CA  HA   sing N N 362 
TYR C   O    doub N N 363 
TYR C   OXT  sing N N 364 
TYR CB  CG   sing N N 365 
TYR CB  HB2  sing N N 366 
TYR CB  HB3  sing N N 367 
TYR CG  CD1  doub Y N 368 
TYR CG  CD2  sing Y N 369 
TYR CD1 CE1  sing Y N 370 
TYR CD1 HD1  sing N N 371 
TYR CD2 CE2  doub Y N 372 
TYR CD2 HD2  sing N N 373 
TYR CE1 CZ   doub Y N 374 
TYR CE1 HE1  sing N N 375 
TYR CE2 CZ   sing Y N 376 
TYR CE2 HE2  sing N N 377 
TYR CZ  OH   sing N N 378 
TYR OH  HH   sing N N 379 
TYR OXT HXT  sing N N 380 
VAL N   CA   sing N N 381 
VAL N   H    sing N N 382 
VAL N   H2   sing N N 383 
VAL CA  C    sing N N 384 
VAL CA  CB   sing N N 385 
VAL CA  HA   sing N N 386 
VAL C   O    doub N N 387 
VAL C   OXT  sing N N 388 
VAL CB  CG1  sing N N 389 
VAL CB  CG2  sing N N 390 
VAL CB  HB   sing N N 391 
VAL CG1 HG11 sing N N 392 
VAL CG1 HG12 sing N N 393 
VAL CG1 HG13 sing N N 394 
VAL CG2 HG21 sing N N 395 
VAL CG2 HG22 sing N N 396 
VAL CG2 HG23 sing N N 397 
VAL OXT HXT  sing N N 398 
# 
_pdbx_initial_refinement_model.id               1 
_pdbx_initial_refinement_model.entity_id_list   ? 
_pdbx_initial_refinement_model.type             'experimental model' 
_pdbx_initial_refinement_model.source_name      PDB 
_pdbx_initial_refinement_model.accession_code   1SHD 
_pdbx_initial_refinement_model.details          ? 
# 
_atom_sites.entry_id                    1O4G 
_atom_sites.fract_transf_matrix[1][1]   -0.02091449 
_atom_sites.fract_transf_matrix[1][2]   0.02971532 
_atom_sites.fract_transf_matrix[1][3]   -0.01069590 
_atom_sites.fract_transf_matrix[2][1]   -0.01369136 
_atom_sites.fract_transf_matrix[2][2]   -0.00996578 
_atom_sites.fract_transf_matrix[2][3]   -0.00091518 
_atom_sites.fract_transf_matrix[3][1]   -0.00326415 
_atom_sites.fract_transf_matrix[3][2]   0.00310588 
_atom_sites.fract_transf_matrix[3][3]   0.01501139 
_atom_sites.fract_transf_vector[1]      0.391539 
_atom_sites.fract_transf_vector[2]      0.325030 
_atom_sites.fract_transf_vector[3]      0.312660 
# 
loop_
_atom_type.symbol 
C 
N 
O 
P 
S 
# 
loop_
_atom_site.group_PDB 
_atom_site.id 
_atom_site.type_symbol 
_atom_site.label_atom_id 
_atom_site.label_alt_id 
_atom_site.label_comp_id 
_atom_site.label_asym_id 
_atom_site.label_entity_id 
_atom_site.label_seq_id 
_atom_site.pdbx_PDB_ins_code 
_atom_site.Cartn_x 
_atom_site.Cartn_y 
_atom_site.Cartn_z 
_atom_site.occupancy 
_atom_site.B_iso_or_equiv 
_atom_site.pdbx_formal_charge 
_atom_site.auth_seq_id 
_atom_site.auth_comp_id 
_atom_site.auth_asym_id 
_atom_site.auth_atom_id 
_atom_site.pdbx_PDB_model_num 
ATOM   1    N N   . SER A 1 1   ? 10.986  -6.947  -10.400 1.00 53.84 ? 1   SER A N   1 
ATOM   2    C CA  . SER A 1 1   ? 10.106  -5.744  -10.305 1.00 53.46 ? 1   SER A CA  1 
ATOM   3    C C   . SER A 1 1   ? 8.654   -6.176  -10.074 1.00 52.54 ? 1   SER A C   1 
ATOM   4    O O   . SER A 1 1   ? 8.119   -7.057  -10.774 1.00 53.14 ? 1   SER A O   1 
ATOM   5    C CB  . SER A 1 1   ? 10.245  -4.845  -11.550 1.00 54.15 ? 1   SER A CB  1 
ATOM   6    O OG  . SER A 1 1   ? 10.267  -5.595  -12.757 1.00 55.43 ? 1   SER A OG  1 
ATOM   7    N N   . ILE A 1 2   ? 8.106   -5.670  -8.983  1.00 51.28 ? 2   ILE A N   1 
ATOM   8    C CA  . ILE A 1 2   ? 6.750   -5.960  -8.541  1.00 49.06 ? 2   ILE A CA  1 
ATOM   9    C C   . ILE A 1 2   ? 6.593   -7.399  -8.066  1.00 47.43 ? 2   ILE A C   1 
ATOM   10   O O   . ILE A 1 2   ? 6.667   -7.657  -6.865  1.00 47.25 ? 2   ILE A O   1 
ATOM   11   C CB  . ILE A 1 2   ? 5.637   -5.505  -9.590  1.00 49.05 ? 2   ILE A CB  1 
ATOM   12   C CG1 . ILE A 1 2   ? 4.592   -4.646  -8.894  1.00 48.91 ? 2   ILE A CG1 1 
ATOM   13   C CG2 . ILE A 1 2   ? 4.834   -6.668  -10.182 1.00 49.71 ? 2   ILE A CG2 1 
ATOM   14   C CD1 . ILE A 1 2   ? 3.506   -4.242  -9.803  1.00 49.16 ? 2   ILE A CD1 1 
ATOM   15   N N   . GLN A 1 3   ? 6.519   -8.341  -8.993  1.00 45.88 ? 3   GLN A N   1 
ATOM   16   C CA  . GLN A 1 3   ? 6.299   -9.726  -8.653  1.00 45.04 ? 3   GLN A CA  1 
ATOM   17   C C   . GLN A 1 3   ? 7.444   -10.329 -7.853  1.00 42.73 ? 3   GLN A C   1 
ATOM   18   O O   . GLN A 1 3   ? 7.283   -11.344 -7.174  1.00 43.41 ? 3   GLN A O   1 
ATOM   19   C CB  . GLN A 1 3   ? 5.978   -10.541 -9.919  1.00 46.94 ? 3   GLN A CB  1 
ATOM   20   C CG  . GLN A 1 3   ? 4.487   -10.548 -10.290 1.00 50.08 ? 3   GLN A CG  1 
ATOM   21   C CD  . GLN A 1 3   ? 4.225   -10.040 -11.699 1.00 52.04 ? 3   GLN A CD  1 
ATOM   22   O OE1 . GLN A 1 3   ? 4.910   -10.438 -12.648 1.00 54.28 ? 3   GLN A OE1 1 
ATOM   23   N NE2 . GLN A 1 3   ? 3.215   -9.180  -11.851 1.00 52.23 ? 3   GLN A NE2 1 
ATOM   24   N N   . ALA A 1 4   ? 8.612   -9.711  -7.949  1.00 39.11 ? 4   ALA A N   1 
ATOM   25   C CA  . ALA A 1 4   ? 9.755   -10.206 -7.209  1.00 35.88 ? 4   ALA A CA  1 
ATOM   26   C C   . ALA A 1 4   ? 9.672   -9.644  -5.787  1.00 32.72 ? 4   ALA A C   1 
ATOM   27   O O   . ALA A 1 4   ? 10.147  -10.255 -4.837  1.00 32.79 ? 4   ALA A O   1 
ATOM   28   C CB  . ALA A 1 4   ? 11.044  -9.760  -7.899  1.00 37.19 ? 4   ALA A CB  1 
ATOM   29   N N   . GLU A 1 5   ? 9.012   -8.494  -5.678  1.00 28.51 ? 5   GLU A N   1 
ATOM   30   C CA  . GLU A 1 5   ? 8.857   -7.777  -4.424  1.00 24.04 ? 5   GLU A CA  1 
ATOM   31   C C   . GLU A 1 5   ? 8.078   -8.522  -3.367  1.00 19.90 ? 5   GLU A C   1 
ATOM   32   O O   . GLU A 1 5   ? 6.971   -8.946  -3.610  1.00 17.54 ? 5   GLU A O   1 
ATOM   33   C CB  . GLU A 1 5   ? 8.224   -6.430  -4.731  1.00 25.27 ? 5   GLU A CB  1 
ATOM   34   C CG  . GLU A 1 5   ? 8.988   -5.663  -5.813  1.00 26.37 ? 5   GLU A CG  1 
ATOM   35   C CD  . GLU A 1 5   ? 10.426  -5.399  -5.411  1.00 27.48 ? 5   GLU A CD  1 
ATOM   36   O OE1 . GLU A 1 5   ? 11.260  -5.089  -6.291  1.00 29.02 ? 5   GLU A OE1 1 
ATOM   37   O OE2 . GLU A 1 5   ? 10.737  -5.496  -4.205  1.00 27.97 ? 5   GLU A OE2 1 
ATOM   38   N N   . GLU A 1 6   ? 8.673   -8.687  -2.194  1.00 16.96 ? 6   GLU A N   1 
ATOM   39   C CA  . GLU A 1 6   ? 8.031   -9.388  -1.100  1.00 15.12 ? 6   GLU A CA  1 
ATOM   40   C C   . GLU A 1 6   ? 6.777   -8.673  -0.558  1.00 13.68 ? 6   GLU A C   1 
ATOM   41   O O   . GLU A 1 6   ? 5.938   -9.318  0.071   1.00 13.74 ? 6   GLU A O   1 
ATOM   42   C CB  . GLU A 1 6   ? 9.035   -9.750  0.018   1.00 15.75 ? 6   GLU A CB  1 
ATOM   43   C CG  . GLU A 1 6   ? 9.436   -8.651  1.023   1.00 14.91 ? 6   GLU A CG  1 
ATOM   44   C CD  . GLU A 1 6   ? 10.418  -7.579  0.458   1.00 15.12 ? 6   GLU A CD  1 
ATOM   45   O OE1 . GLU A 1 6   ? 10.672  -6.572  1.205   1.00 14.85 ? 6   GLU A OE1 1 
ATOM   46   O OE2 . GLU A 1 6   ? 10.909  -7.724  -0.709  1.00 13.18 ? 6   GLU A OE2 1 
ATOM   47   N N   . TRP A 1 7   ? 6.667   -7.356  -0.762  1.00 11.38 ? 7   TRP A N   1 
ATOM   48   C CA  . TRP A 1 7   ? 5.464   -6.614  -0.337  1.00 11.37 ? 7   TRP A CA  1 
ATOM   49   C C   . TRP A 1 7   ? 4.383   -6.647  -1.428  1.00 10.55 ? 7   TRP A C   1 
ATOM   50   O O   . TRP A 1 7   ? 3.317   -6.039  -1.275  1.00 10.98 ? 7   TRP A O   1 
ATOM   51   C CB  . TRP A 1 7   ? 5.770   -5.153  0.002   1.00 10.26 ? 7   TRP A CB  1 
ATOM   52   C CG  . TRP A 1 7   ? 6.808   -4.549  -0.841  1.00 10.18 ? 7   TRP A CG  1 
ATOM   53   C CD1 . TRP A 1 7   ? 8.119   -4.323  -0.488  1.00 10.60 ? 7   TRP A CD1 1 
ATOM   54   C CD2 . TRP A 1 7   ? 6.661   -4.031  -2.185  1.00 11.00 ? 7   TRP A CD2 1 
ATOM   55   N NE1 . TRP A 1 7   ? 8.783   -3.696  -1.520  1.00 11.03 ? 7   TRP A NE1 1 
ATOM   56   C CE2 . TRP A 1 7   ? 7.921   -3.502  -2.574  1.00 11.26 ? 7   TRP A CE2 1 
ATOM   57   C CE3 . TRP A 1 7   ? 5.591   -3.964  -3.099  1.00 10.81 ? 7   TRP A CE3 1 
ATOM   58   C CZ2 . TRP A 1 7   ? 8.143   -2.917  -3.835  1.00 10.96 ? 7   TRP A CZ2 1 
ATOM   59   C CZ3 . TRP A 1 7   ? 5.813   -3.379  -4.356  1.00 11.36 ? 7   TRP A CZ3 1 
ATOM   60   C CH2 . TRP A 1 7   ? 7.081   -2.866  -4.708  1.00 11.09 ? 7   TRP A CH2 1 
ATOM   61   N N   . TYR A 1 8   ? 4.676   -7.321  -2.548  1.00 10.81 ? 8   TYR A N   1 
ATOM   62   C CA  . TYR A 1 8   ? 3.704   -7.410  -3.647  1.00 10.98 ? 8   TYR A CA  1 
ATOM   63   C C   . TYR A 1 8   ? 2.952   -8.730  -3.529  1.00 11.22 ? 8   TYR A C   1 
ATOM   64   O O   . TYR A 1 8   ? 3.509   -9.802  -3.776  1.00 11.24 ? 8   TYR A O   1 
ATOM   65   C CB  . TYR A 1 8   ? 4.358   -7.323  -5.024  1.00 10.73 ? 8   TYR A CB  1 
ATOM   66   C CG  . TYR A 1 8   ? 3.301   -7.213  -6.095  1.00 12.33 ? 8   TYR A CG  1 
ATOM   67   C CD1 . TYR A 1 8   ? 2.476   -6.089  -6.148  1.00 12.93 ? 8   TYR A CD1 1 
ATOM   68   C CD2 . TYR A 1 8   ? 3.070   -8.249  -7.004  1.00 12.22 ? 8   TYR A CD2 1 
ATOM   69   C CE1 . TYR A 1 8   ? 1.439   -5.986  -7.076  1.00 12.49 ? 8   TYR A CE1 1 
ATOM   70   C CE2 . TYR A 1 8   ? 2.036   -8.157  -7.934  1.00 12.88 ? 8   TYR A CE2 1 
ATOM   71   C CZ  . TYR A 1 8   ? 1.232   -7.022  -7.962  1.00 12.19 ? 8   TYR A CZ  1 
ATOM   72   O OH  . TYR A 1 8   ? 0.225   -6.905  -8.904  1.00 12.63 ? 8   TYR A OH  1 
ATOM   73   N N   . PHE A 1 9   ? 1.677   -8.620  -3.175  1.00 10.79 ? 9   PHE A N   1 
ATOM   74   C CA  . PHE A 1 9   ? 0.801   -9.769  -2.962  1.00 11.38 ? 9   PHE A CA  1 
ATOM   75   C C   . PHE A 1 9   ? 0.003   -10.142 -4.208  1.00 11.30 ? 9   PHE A C   1 
ATOM   76   O O   . PHE A 1 9   ? -0.775  -11.098 -4.181  1.00 11.20 ? 9   PHE A O   1 
ATOM   77   C CB  . PHE A 1 9   ? -0.138  -9.532  -1.746  1.00 10.96 ? 9   PHE A CB  1 
ATOM   78   C CG  . PHE A 1 9   ? 0.552   -9.691  -0.381  1.00 12.26 ? 9   PHE A CG  1 
ATOM   79   C CD1 . PHE A 1 9   ? 1.724   -8.992  -0.072  1.00 12.75 ? 9   PHE A CD1 1 
ATOM   80   C CD2 . PHE A 1 9   ? 0.038   -10.560 0.575   1.00 12.81 ? 9   PHE A CD2 1 
ATOM   81   C CE1 . PHE A 1 9   ? 2.381   -9.155  1.171   1.00 11.30 ? 9   PHE A CE1 1 
ATOM   82   C CE2 . PHE A 1 9   ? 0.695   -10.726 1.824   1.00 14.53 ? 9   PHE A CE2 1 
ATOM   83   C CZ  . PHE A 1 9   ? 1.874   -10.008 2.109   1.00 12.71 ? 9   PHE A CZ  1 
ATOM   84   N N   . GLY A 1 10  ? 0.163   -9.359  -5.270  1.00 10.90 ? 10  GLY A N   1 
ATOM   85   C CA  . GLY A 1 10  ? -0.511  -9.661  -6.519  1.00 11.88 ? 10  GLY A CA  1 
ATOM   86   C C   . GLY A 1 10  ? -2.016  -9.658  -6.497  1.00 11.43 ? 10  GLY A C   1 
ATOM   87   O O   . GLY A 1 10  ? -2.635  -8.728  -5.997  1.00 11.37 ? 10  GLY A O   1 
ATOM   88   N N   . LYS A 1 11  ? -2.616  -10.720 -7.015  1.00 11.74 ? 11  LYS A N   1 
ATOM   89   C CA  . LYS A 1 11  ? -4.064  -10.763 -7.090  1.00 11.87 ? 11  LYS A CA  1 
ATOM   90   C C   . LYS A 1 11  ? -4.716  -11.320 -5.864  1.00 12.29 ? 11  LYS A C   1 
ATOM   91   O O   . LYS A 1 11  ? -4.845  -12.547 -5.727  1.00 12.83 ? 11  LYS A O   1 
ATOM   92   C CB  . LYS A 1 11  ? -4.540  -11.532 -8.330  1.00 12.40 ? 11  LYS A CB  1 
ATOM   93   C CG  . LYS A 1 11  ? -6.031  -11.330 -8.651  1.00 14.12 ? 11  LYS A CG  1 
ATOM   94   C CD  . LYS A 1 11  ? -6.474  -12.460 -9.575  1.00 14.58 ? 11  LYS A CD  1 
ATOM   95   C CE  . LYS A 1 11  ? -7.879  -12.278 -10.070 1.00 15.02 ? 11  LYS A CE  1 
ATOM   96   N NZ  . LYS A 1 11  ? -8.279  -13.529 -10.795 1.00 14.55 ? 11  LYS A NZ  1 
ATOM   97   N N   . ILE A 1 12  ? -4.979  -10.437 -4.911  1.00 10.82 ? 12  ILE A N   1 
ATOM   98   C CA  . ILE A 1 12  ? -5.717  -10.777 -3.690  1.00 10.27 ? 12  ILE A CA  1 
ATOM   99   C C   . ILE A 1 12  ? -6.820  -9.711  -3.575  1.00 9.70  ? 12  ILE A C   1 
ATOM   100  O O   . ILE A 1 12  ? -6.650  -8.598  -4.058  1.00 10.00 ? 12  ILE A O   1 
ATOM   101  C CB  . ILE A 1 12  ? -4.849  -10.817 -2.381  1.00 10.68 ? 12  ILE A CB  1 
ATOM   102  C CG1 . ILE A 1 12  ? -4.141  -9.481  -2.102  1.00 9.16  ? 12  ILE A CG1 1 
ATOM   103  C CG2 . ILE A 1 12  ? -3.899  -11.996 -2.424  1.00 11.91 ? 12  ILE A CG2 1 
ATOM   104  C CD1 . ILE A 1 12  ? -3.749  -9.359  -0.632  1.00 9.79  ? 12  ILE A CD1 1 
ATOM   105  N N   . THR A 1 13  ? -7.947  -10.041 -2.945  1.00 8.48  ? 13  THR A N   1 
ATOM   106  C CA  . THR A 1 13  ? -9.044  -9.090  -2.807  1.00 7.52  ? 13  THR A CA  1 
ATOM   107  C C   . THR A 1 13  ? -8.801  -8.056  -1.699  1.00 8.16  ? 13  THR A C   1 
ATOM   108  O O   . THR A 1 13  ? -7.928  -8.246  -0.835  1.00 8.25  ? 13  THR A O   1 
ATOM   109  C CB  . THR A 1 13  ? -10.392 -9.800  -2.414  1.00 8.00  ? 13  THR A CB  1 
ATOM   110  O OG1 . THR A 1 13  ? -10.226 -10.455 -1.149  1.00 8.41  ? 13  THR A OG1 1 
ATOM   111  C CG2 . THR A 1 13  ? -10.824 -10.837 -3.464  1.00 7.57  ? 13  THR A CG2 1 
ATOM   112  N N   . ARG A 1 14  ? -9.659  -7.033  -1.682  1.00 7.62  ? 14  ARG A N   1 
ATOM   113  C CA  . ARG A 1 14  ? -9.627  -6.007  -0.651  1.00 8.51  ? 14  ARG A CA  1 
ATOM   114  C C   . ARG A 1 14  ? -9.884  -6.670  0.705   1.00 8.78  ? 14  ARG A C   1 
ATOM   115  O O   . ARG A 1 14  ? -9.222  -6.351  1.689   1.00 8.81  ? 14  ARG A O   1 
ATOM   116  C CB  . ARG A 1 14  ? -10.698 -4.946  -0.875  1.00 8.46  ? 14  ARG A CB  1 
ATOM   117  C CG  . ARG A 1 14  ? -10.882 -4.068  0.353   1.00 9.98  ? 14  ARG A CG  1 
ATOM   118  C CD  . ARG A 1 14  ? -11.964 -3.034  0.194   1.00 12.56 ? 14  ARG A CD  1 
ATOM   119  N NE  . ARG A 1 14  ? -11.527 -2.013  -0.754  1.00 16.50 ? 14  ARG A NE  1 
ATOM   120  C CZ  . ARG A 1 14  ? -11.675 -0.695  -0.587  1.00 17.36 ? 14  ARG A CZ  1 
ATOM   121  N NH1 . ARG A 1 14  ? -12.272 -0.192  0.496   1.00 17.64 ? 14  ARG A NH1 1 
ATOM   122  N NH2 . ARG A 1 14  ? -11.121 0.131   -1.456  1.00 16.67 ? 14  ARG A NH2 1 
ATOM   123  N N   . ARG A 1 15  ? -10.844 -7.596  0.757   1.00 8.84  ? 15  ARG A N   1 
ATOM   124  C CA  . ARG A 1 15  ? -11.191 -8.297  2.006   1.00 8.41  ? 15  ARG A CA  1 
ATOM   125  C C   . ARG A 1 15  ? -10.037 -9.139  2.523   1.00 7.36  ? 15  ARG A C   1 
ATOM   126  O O   . ARG A 1 15  ? -9.811  -9.216  3.724   1.00 7.01  ? 15  ARG A O   1 
ATOM   127  C CB  . ARG A 1 15  ? -12.446 -9.172  1.814   1.00 9.31  ? 15  ARG A CB  1 
ATOM   128  C CG  . ARG A 1 15  ? -12.883 -9.897  3.084   1.00 11.27 ? 15  ARG A CG  1 
ATOM   129  C CD  . ARG A 1 15  ? -14.302 -10.450 2.977   1.00 12.44 ? 15  ARG A CD  1 
ATOM   130  N NE  . ARG A 1 15  ? -14.622 -11.295 4.130   1.00 13.78 ? 15  ARG A NE  1 
ATOM   131  C CZ  . ARG A 1 15  ? -15.264 -10.868 5.221   1.00 14.26 ? 15  ARG A CZ  1 
ATOM   132  N NH1 . ARG A 1 15  ? -15.670 -9.611  5.323   1.00 14.96 ? 15  ARG A NH1 1 
ATOM   133  N NH2 . ARG A 1 15  ? -15.474 -11.691 6.231   1.00 16.30 ? 15  ARG A NH2 1 
ATOM   134  N N   . GLU A 1 16  ? -9.340  -9.816  1.617   1.00 7.28  ? 16  GLU A N   1 
ATOM   135  C CA  . GLU A 1 16  ? -8.199  -10.620 2.014   1.00 7.47  ? 16  GLU A CA  1 
ATOM   136  C C   . GLU A 1 16  ? -7.117  -9.697  2.585   1.00 7.18  ? 16  GLU A C   1 
ATOM   137  O O   . GLU A 1 16  ? -6.541  -10.023 3.621   1.00 7.33  ? 16  GLU A O   1 
ATOM   138  C CB  . GLU A 1 16  ? -7.635  -11.442 0.842   1.00 9.28  ? 16  GLU A CB  1 
ATOM   139  C CG  . GLU A 1 16  ? -6.331  -12.162 1.126   1.00 9.72  ? 16  GLU A CG  1 
ATOM   140  C CD  . GLU A 1 16  ? -6.429  -13.259 2.178   1.00 11.48 ? 16  GLU A CD  1 
ATOM   141  O OE1 . GLU A 1 16  ? -5.382  -13.881 2.389   1.00 13.82 ? 16  GLU A OE1 1 
ATOM   142  O OE2 . GLU A 1 16  ? -7.495  -13.497 2.807   1.00 10.51 ? 16  GLU A OE2 1 
ATOM   143  N N   . SER A 1 17  ? -6.850  -8.561  1.922   1.00 6.64  ? 17  SER A N   1 
ATOM   144  C CA  . SER A 1 17  ? -5.831  -7.628  2.458   1.00 6.38  ? 17  SER A CA  1 
ATOM   145  C C   . SER A 1 17  ? -6.208  -7.183  3.894   1.00 7.03  ? 17  SER A C   1 
ATOM   146  O O   . SER A 1 17  ? -5.347  -7.067  4.794   1.00 6.16  ? 17  SER A O   1 
ATOM   147  C CB  . SER A 1 17  ? -5.618  -6.406  1.550   1.00 7.74  ? 17  SER A CB  1 
ATOM   148  O OG  . SER A 1 17  ? -6.675  -5.471  1.627   1.00 8.25  ? 17  SER A OG  1 
ATOM   149  N N   . GLU A 1 18  ? -7.496  -6.915  4.106   1.00 6.49  ? 18  GLU A N   1 
ATOM   150  C CA  . GLU A 1 18  ? -7.955  -6.533  5.443   1.00 7.56  ? 18  GLU A CA  1 
ATOM   151  C C   . GLU A 1 18  ? -7.798  -7.689  6.437   1.00 7.14  ? 18  GLU A C   1 
ATOM   152  O O   . GLU A 1 18  ? -7.423  -7.460  7.583   1.00 9.11  ? 18  GLU A O   1 
ATOM   153  C CB  . GLU A 1 18  ? -9.387  -5.996  5.386   1.00 7.86  ? 18  GLU A CB  1 
ATOM   154  C CG  . GLU A 1 18  ? -9.458  -4.693  4.615   1.00 9.37  ? 18  GLU A CG  1 
ATOM   155  C CD  . GLU A 1 18  ? -10.861 -4.226  4.265   1.00 11.43 ? 18  GLU A CD  1 
ATOM   156  O OE1 . GLU A 1 18  ? -10.984 -3.105  3.749   1.00 10.24 ? 18  GLU A OE1 1 
ATOM   157  O OE2 . GLU A 1 18  ? -11.853 -4.956  4.489   1.00 13.30 ? 18  GLU A OE2 1 
ATOM   158  N N   . ARG A 1 19  ? -8.041  -8.927  6.008   1.00 7.38  ? 19  ARG A N   1 
ATOM   159  C CA  . ARG A 1 19  ? -7.872  -10.072 6.904   1.00 7.89  ? 19  ARG A CA  1 
ATOM   160  C C   . ARG A 1 19  ? -6.424  -10.164 7.404   1.00 7.41  ? 19  ARG A C   1 
ATOM   161  O O   . ARG A 1 19  ? -6.147  -10.379 8.584   1.00 7.48  ? 19  ARG A O   1 
ATOM   162  C CB  . ARG A 1 19  ? -8.220  -11.394 6.200   1.00 8.04  ? 19  ARG A CB  1 
ATOM   163  C CG  . ARG A 1 19  ? -8.289  -12.584 7.175   1.00 9.17  ? 19  ARG A CG  1 
ATOM   164  C CD  . ARG A 1 19  ? -8.403  -13.920 6.471   1.00 9.41  ? 19  ARG A CD  1 
ATOM   165  N NE  . ARG A 1 19  ? -7.256  -14.221 5.598   1.00 11.64 ? 19  ARG A NE  1 
ATOM   166  C CZ  . ARG A 1 19  ? -6.116  -14.782 6.016   1.00 12.85 ? 19  ARG A CZ  1 
ATOM   167  N NH1 . ARG A 1 19  ? -5.961  -15.100 7.311   1.00 13.59 ? 19  ARG A NH1 1 
ATOM   168  N NH2 . ARG A 1 19  ? -5.137  -15.034 5.145   1.00 12.68 ? 19  ARG A NH2 1 
ATOM   169  N N   . LEU A 1 20  ? -5.508  -9.980  6.468   1.00 7.95  ? 20  LEU A N   1 
ATOM   170  C CA  . LEU A 1 20  ? -4.090  -10.051 6.763   1.00 7.68  ? 20  LEU A CA  1 
ATOM   171  C C   . LEU A 1 20  ? -3.632  -8.844  7.604   1.00 7.97  ? 20  LEU A C   1 
ATOM   172  O O   . LEU A 1 20  ? -2.875  -8.999  8.577   1.00 8.99  ? 20  LEU A O   1 
ATOM   173  C CB  . LEU A 1 20  ? -3.294  -10.126 5.456   1.00 9.70  ? 20  LEU A CB  1 
ATOM   174  C CG  . LEU A 1 20  ? -3.236  -11.392 4.571   1.00 10.24 ? 20  LEU A CG  1 
ATOM   175  C CD1 . LEU A 1 20  ? -2.761  -10.951 3.183   1.00 11.39 ? 20  LEU A CD1 1 
ATOM   176  C CD2 . LEU A 1 20  ? -2.302  -12.447 5.125   1.00 11.93 ? 20  LEU A CD2 1 
ATOM   177  N N   . LEU A 1 21  ? -4.130  -7.655  7.277   1.00 6.37  ? 21  LEU A N   1 
ATOM   178  C CA  . LEU A 1 21  ? -3.692  -6.459  8.002   1.00 7.92  ? 21  LEU A CA  1 
ATOM   179  C C   . LEU A 1 21  ? -4.308  -6.240  9.375   1.00 8.36  ? 21  LEU A C   1 
ATOM   180  O O   . LEU A 1 21  ? -3.712  -5.572  10.213  1.00 8.47  ? 21  LEU A O   1 
ATOM   181  C CB  . LEU A 1 21  ? -3.884  -5.213  7.132   1.00 7.68  ? 21  LEU A CB  1 
ATOM   182  C CG  . LEU A 1 21  ? -2.970  -5.219  5.905   1.00 7.61  ? 21  LEU A CG  1 
ATOM   183  C CD1 . LEU A 1 21  ? -3.442  -4.231  4.859   1.00 8.30  ? 21  LEU A CD1 1 
ATOM   184  C CD2 . LEU A 1 21  ? -1.526  -4.902  6.352   1.00 9.09  ? 21  LEU A CD2 1 
ATOM   185  N N   . LEU A 1 22  ? -5.487  -6.821  9.606   1.00 9.07  ? 22  LEU A N   1 
ATOM   186  C CA  . LEU A 1 22  ? -6.203  -6.676  10.870  1.00 9.81  ? 22  LEU A CA  1 
ATOM   187  C C   . LEU A 1 22  ? -5.687  -7.549  11.987  1.00 11.47 ? 22  LEU A C   1 
ATOM   188  O O   . LEU A 1 22  ? -6.345  -7.756  12.996  1.00 15.04 ? 22  LEU A O   1 
ATOM   189  C CB  . LEU A 1 22  ? -7.713  -6.860  10.654  1.00 10.14 ? 22  LEU A CB  1 
ATOM   190  C CG  . LEU A 1 22  ? -8.386  -5.712  9.886   1.00 11.43 ? 22  LEU A CG  1 
ATOM   191  C CD1 . LEU A 1 22  ? -9.798  -6.121  9.428   1.00 11.42 ? 22  LEU A CD1 1 
ATOM   192  C CD2 . LEU A 1 22  ? -8.397  -4.410  10.710  1.00 12.71 ? 22  LEU A CD2 1 
ATOM   193  N N   . ASN A 1 23  ? -4.469  -8.024  11.857  1.00 11.75 ? 23  ASN A N   1 
ATOM   194  C CA  . ASN A 1 23  ? -3.886  -8.847  12.901  1.00 11.53 ? 23  ASN A CA  1 
ATOM   195  C C   . ASN A 1 23  ? -3.391  -7.914  14.039  1.00 10.67 ? 23  ASN A C   1 
ATOM   196  O O   . ASN A 1 23  ? -2.696  -6.920  13.789  1.00 9.46  ? 23  ASN A O   1 
ATOM   197  C CB  . ASN A 1 23  ? -2.764  -9.685  12.303  1.00 12.44 ? 23  ASN A CB  1 
ATOM   198  C CG  . ASN A 1 23  ? -2.288  -10.743 13.241  1.00 15.68 ? 23  ASN A CG  1 
ATOM   199  O OD1 . ASN A 1 23  ? -1.783  -10.441 14.340  1.00 13.27 ? 23  ASN A OD1 1 
ATOM   200  N ND2 . ASN A 1 23  ? -2.469  -12.014 12.846  1.00 17.21 ? 23  ASN A ND2 1 
ATOM   201  N N   . ALA A 1 24  ? -3.787  -8.221  15.279  1.00 10.23 ? 24  ALA A N   1 
ATOM   202  C CA  . ALA A 1 24  ? -3.440  -7.419  16.466  1.00 10.57 ? 24  ALA A CA  1 
ATOM   203  C C   . ALA A 1 24  ? -1.959  -7.165  16.600  1.00 10.03 ? 24  ALA A C   1 
ATOM   204  O O   . ALA A 1 24  ? -1.550  -6.173  17.202  1.00 10.19 ? 24  ALA A O   1 
ATOM   205  C CB  . ALA A 1 24  ? -3.949  -8.100  17.731  1.00 10.09 ? 24  ALA A CB  1 
ATOM   206  N N   . GLU A 1 25  ? -1.162  -8.100  16.094  1.00 8.69  ? 25  GLU A N   1 
ATOM   207  C CA  . GLU A 1 25  ? 0.280   -7.972  16.156  1.00 9.31  ? 25  GLU A CA  1 
ATOM   208  C C   . GLU A 1 25  ? 0.847   -6.917  15.207  1.00 8.97  ? 25  GLU A C   1 
ATOM   209  O O   . GLU A 1 25  ? 2.002   -6.511  15.361  1.00 8.75  ? 25  GLU A O   1 
ATOM   210  C CB  . GLU A 1 25  ? 0.940   -9.301  15.849  1.00 10.33 ? 25  GLU A CB  1 
ATOM   211  C CG  . GLU A 1 25  ? 0.643   -10.342 16.878  1.00 11.09 ? 25  GLU A CG  1 
ATOM   212  C CD  . GLU A 1 25  ? 1.421   -11.609 16.626  1.00 13.84 ? 25  GLU A CD  1 
ATOM   213  O OE1 . GLU A 1 25  ? 1.314   -12.511 17.472  1.00 17.16 ? 25  GLU A OE1 1 
ATOM   214  O OE2 . GLU A 1 25  ? 2.152   -11.712 15.613  1.00 15.16 ? 25  GLU A OE2 1 
ATOM   215  N N   . ASN A 1 26  ? 0.066   -6.487  14.216  1.00 7.88  ? 26  ASN A N   1 
ATOM   216  C CA  . ASN A 1 26  ? 0.565   -5.498  13.254  1.00 7.82  ? 26  ASN A CA  1 
ATOM   217  C C   . ASN A 1 26  ? 0.635   -4.045  13.750  1.00 7.34  ? 26  ASN A C   1 
ATOM   218  O O   . ASN A 1 26  ? -0.374  -3.491  14.186  1.00 8.29  ? 26  ASN A O   1 
ATOM   219  C CB  . ASN A 1 26  ? -0.269  -5.495  11.950  1.00 6.08  ? 26  ASN A CB  1 
ATOM   220  C CG  . ASN A 1 26  ? -0.155  -6.795  11.170  1.00 6.93  ? 26  ASN A CG  1 
ATOM   221  O OD1 . ASN A 1 26  ? 0.827   -7.522  11.282  1.00 8.11  ? 26  ASN A OD1 1 
ATOM   222  N ND2 . ASN A 1 26  ? -1.178  -7.099  10.373  1.00 7.03  ? 26  ASN A ND2 1 
ATOM   223  N N   . PRO A 1 27  ? 1.846   -3.438  13.709  1.00 7.55  ? 27  PRO A N   1 
ATOM   224  C CA  . PRO A 1 27  ? 1.944   -2.023  14.158  1.00 7.22  ? 27  PRO A CA  1 
ATOM   225  C C   . PRO A 1 27  ? 1.434   -1.127  13.008  1.00 6.65  ? 27  PRO A C   1 
ATOM   226  O O   . PRO A 1 27  ? 1.182   -1.582  11.849  1.00 6.39  ? 27  PRO A O   1 
ATOM   227  C CB  . PRO A 1 27  ? 3.453   -1.831  14.418  1.00 7.16  ? 27  PRO A CB  1 
ATOM   228  C CG  . PRO A 1 27  ? 4.113   -2.768  13.504  1.00 7.95  ? 27  PRO A CG  1 
ATOM   229  C CD  . PRO A 1 27  ? 3.167   -4.004  13.380  1.00 7.07  ? 27  PRO A CD  1 
ATOM   230  N N   . ARG A 1 28  ? 1.286   0.166   13.289  1.00 6.95  ? 28  ARG A N   1 
ATOM   231  C CA  . ARG A 1 28  ? 0.820   1.074   12.259  1.00 7.42  ? 28  ARG A CA  1 
ATOM   232  C C   . ARG A 1 28  ? 1.809   1.080   11.094  1.00 6.61  ? 28  ARG A C   1 
ATOM   233  O O   . ARG A 1 28  ? 3.026   0.963   11.303  1.00 7.22  ? 28  ARG A O   1 
ATOM   234  C CB  . ARG A 1 28  ? 0.704   2.492   12.795  1.00 9.21  ? 28  ARG A CB  1 
ATOM   235  C CG  . ARG A 1 28  ? -0.154  2.664   14.033  1.00 12.45 ? 28  ARG A CG  1 
ATOM   236  C CD  . ARG A 1 28  ? -0.118  4.124   14.399  1.00 16.17 ? 28  ARG A CD  1 
ATOM   237  N NE  . ARG A 1 28  ? -0.986  4.405   15.521  1.00 19.49 ? 28  ARG A NE  1 
ATOM   238  C CZ  . ARG A 1 28  ? -0.605  5.111   16.580  1.00 21.85 ? 28  ARG A CZ  1 
ATOM   239  N NH1 . ARG A 1 28  ? 0.643   5.594   16.640  1.00 22.39 ? 28  ARG A NH1 1 
ATOM   240  N NH2 . ARG A 1 28  ? -1.463  5.329   17.578  1.00 21.05 ? 28  ARG A NH2 1 
ATOM   241  N N   . GLY A 1 29  ? 1.295   1.204   9.877   1.00 5.20  ? 29  GLY A N   1 
ATOM   242  C CA  . GLY A 1 29  ? 2.167   1.232   8.726   1.00 5.42  ? 29  GLY A CA  1 
ATOM   243  C C   . GLY A 1 29  ? 2.475   -0.108  8.114   1.00 4.92  ? 29  GLY A C   1 
ATOM   244  O O   . GLY A 1 29  ? 3.229   -0.166  7.130   1.00 5.71  ? 29  GLY A O   1 
ATOM   245  N N   . THR A 1 30  ? 1.957   -1.196  8.702   1.00 5.80  ? 30  THR A N   1 
ATOM   246  C CA  . THR A 1 30  ? 2.132   -2.518  8.092   1.00 5.49  ? 30  THR A CA  1 
ATOM   247  C C   . THR A 1 30  ? 1.401   -2.407  6.730   1.00 4.61  ? 30  THR A C   1 
ATOM   248  O O   . THR A 1 30  ? 0.299   -1.825  6.624   1.00 5.18  ? 30  THR A O   1 
ATOM   249  C CB  . THR A 1 30  ? 1.524   -3.619  8.948   1.00 6.12  ? 30  THR A CB  1 
ATOM   250  O OG1 . THR A 1 30  ? 2.140   -3.610  10.249  1.00 6.39  ? 30  THR A OG1 1 
ATOM   251  C CG2 . THR A 1 30  ? 1.779   -4.949  8.298   1.00 4.40  ? 30  THR A CG2 1 
ATOM   252  N N   . PHE A 1 31  ? 2.013   -2.957  5.682   1.00 5.48  ? 31  PHE A N   1 
ATOM   253  C CA  . PHE A 1 31  ? 1.451   -2.777  4.356   1.00 4.84  ? 31  PHE A CA  1 
ATOM   254  C C   . PHE A 1 31  ? 1.690   -3.879  3.358   1.00 4.55  ? 31  PHE A C   1 
ATOM   255  O O   . PHE A 1 31  ? 2.496   -4.816  3.553   1.00 5.19  ? 31  PHE A O   1 
ATOM   256  C CB  . PHE A 1 31  ? 2.023   -1.453  3.742   1.00 6.48  ? 31  PHE A CB  1 
ATOM   257  C CG  . PHE A 1 31  ? 3.462   -1.578  3.237   1.00 5.47  ? 31  PHE A CG  1 
ATOM   258  C CD1 . PHE A 1 31  ? 3.723   -1.749  1.871   1.00 5.50  ? 31  PHE A CD1 1 
ATOM   259  C CD2 . PHE A 1 31  ? 4.538   -1.617  4.137   1.00 6.31  ? 31  PHE A CD2 1 
ATOM   260  C CE1 . PHE A 1 31  ? 5.036   -1.966  1.415   1.00 6.43  ? 31  PHE A CE1 1 
ATOM   261  C CE2 . PHE A 1 31  ? 5.862   -1.829  3.694   1.00 5.90  ? 31  PHE A CE2 1 
ATOM   262  C CZ  . PHE A 1 31  ? 6.111   -2.006  2.331   1.00 6.18  ? 31  PHE A CZ  1 
ATOM   263  N N   . LEU A 1 32  ? 0.993   -3.692  2.241   1.00 4.83  ? 32  LEU A N   1 
ATOM   264  C CA  . LEU A 1 32  ? 1.136   -4.575  1.094   1.00 5.77  ? 32  LEU A CA  1 
ATOM   265  C C   . LEU A 1 32  ? 0.620   -3.842  -0.135  1.00 5.54  ? 32  LEU A C   1 
ATOM   266  O O   . LEU A 1 32  ? -0.107  -2.821  -0.022  1.00 5.00  ? 32  LEU A O   1 
ATOM   267  C CB  . LEU A 1 32  ? 0.431   -5.936  1.316   1.00 5.06  ? 32  LEU A CB  1 
ATOM   268  C CG  . LEU A 1 32  ? -1.095  -5.926  1.541   1.00 6.51  ? 32  LEU A CG  1 
ATOM   269  C CD1 . LEU A 1 32  ? -1.792  -5.848  0.161   1.00 6.38  ? 32  LEU A CD1 1 
ATOM   270  C CD2 . LEU A 1 32  ? -1.548  -7.167  2.300   1.00 6.26  ? 32  LEU A CD2 1 
ATOM   271  N N   . VAL A 1 33  ? 1.101   -4.299  -1.299  1.00 6.48  ? 33  VAL A N   1 
ATOM   272  C CA  . VAL A 1 33  ? 0.668   -3.754  -2.586  1.00 7.24  ? 33  VAL A CA  1 
ATOM   273  C C   . VAL A 1 33  ? 0.005   -4.920  -3.319  1.00 7.39  ? 33  VAL A C   1 
ATOM   274  O O   . VAL A 1 33  ? 0.485   -6.051  -3.269  1.00 7.49  ? 33  VAL A O   1 
ATOM   275  C CB  . VAL A 1 33  ? 1.816   -3.151  -3.414  1.00 8.00  ? 33  VAL A CB  1 
ATOM   276  C CG1 . VAL A 1 33  ? 1.302   -2.751  -4.796  1.00 8.57  ? 33  VAL A CG1 1 
ATOM   277  C CG2 . VAL A 1 33  ? 2.382   -1.890  -2.678  1.00 7.60  ? 33  VAL A CG2 1 
ATOM   278  N N   . ARG A 1 34  ? -1.128  -4.641  -3.950  1.00 7.85  ? 34  ARG A N   1 
ATOM   279  C CA  . ARG A 1 34  ? -1.892  -5.690  -4.630  1.00 8.36  ? 34  ARG A CA  1 
ATOM   280  C C   . ARG A 1 34  ? -2.568  -5.087  -5.837  1.00 8.05  ? 34  ARG A C   1 
ATOM   281  O O   . ARG A 1 34  ? -2.459  -3.906  -6.077  1.00 7.20  ? 34  ARG A O   1 
ATOM   282  C CB  . ARG A 1 34  ? -2.959  -6.237  -3.658  1.00 7.38  ? 34  ARG A CB  1 
ATOM   283  C CG  . ARG A 1 34  ? -3.971  -5.169  -3.232  1.00 7.38  ? 34  ARG A CG  1 
ATOM   284  C CD  . ARG A 1 34  ? -5.042  -5.688  -2.306  1.00 7.52  ? 34  ARG A CD  1 
ATOM   285  N NE  . ARG A 1 34  ? -5.851  -4.605  -1.724  1.00 7.03  ? 34  ARG A NE  1 
ATOM   286  C CZ  . ARG A 1 34  ? -6.954  -4.098  -2.273  1.00 8.12  ? 34  ARG A CZ  1 
ATOM   287  N NH1 . ARG A 1 34  ? -7.623  -3.115  -1.654  1.00 8.63  ? 34  ARG A NH1 1 
ATOM   288  N NH2 . ARG A 1 34  ? -7.372  -4.527  -3.465  1.00 8.28  ? 34  ARG A NH2 1 
ATOM   289  N N   . GLU A 1 35  ? -3.152  -5.934  -6.670  1.00 9.71  ? 35  GLU A N   1 
ATOM   290  C CA  . GLU A 1 35  ? -3.899  -5.449  -7.815  1.00 10.58 ? 35  GLU A CA  1 
ATOM   291  C C   . GLU A 1 35  ? -5.189  -4.857  -7.264  1.00 10.41 ? 35  GLU A C   1 
ATOM   292  O O   . GLU A 1 35  ? -5.659  -5.230  -6.185  1.00 9.99  ? 35  GLU A O   1 
ATOM   293  C CB  . GLU A 1 35  ? -4.300  -6.625  -8.712  1.00 11.55 ? 35  GLU A CB  1 
ATOM   294  C CG  . GLU A 1 35  ? -3.174  -7.300  -9.435  1.00 13.52 ? 35  GLU A CG  1 
ATOM   295  C CD  . GLU A 1 35  ? -3.689  -8.413  -10.356 1.00 16.67 ? 35  GLU A CD  1 
ATOM   296  O OE1 . GLU A 1 35  ? -2.842  -9.193  -10.874 1.00 16.91 ? 35  GLU A OE1 1 
ATOM   297  O OE2 . GLU A 1 35  ? -4.936  -8.506  -10.540 1.00 16.83 ? 35  GLU A OE2 1 
ATOM   298  N N   . SER A 1 36  ? -5.711  -3.872  -7.974  1.00 12.07 ? 36  SER A N   1 
ATOM   299  C CA  . SER A 1 36  ? -6.997  -3.270  -7.650  1.00 13.14 ? 36  SER A CA  1 
ATOM   300  C C   . SER A 1 36  ? -8.038  -4.319  -8.126  1.00 14.23 ? 36  SER A C   1 
ATOM   301  O O   . SER A 1 36  ? -7.803  -5.045  -9.105  1.00 14.50 ? 36  SER A O   1 
ATOM   302  C CB  . SER A 1 36  ? -7.157  -1.997  -8.482  1.00 13.80 ? 36  SER A CB  1 
ATOM   303  O OG  . SER A 1 36  ? -8.520  -1.626  -8.542  1.00 14.99 ? 36  SER A OG  1 
ATOM   304  N N   . GLU A 1 37  ? -9.172  -4.422  -7.457  1.00 13.64 ? 37  GLU A N   1 
ATOM   305  C CA  . GLU A 1 37  ? -10.195 -5.394  -7.875  1.00 15.22 ? 37  GLU A CA  1 
ATOM   306  C C   . GLU A 1 37  ? -10.855 -4.972  -9.184  1.00 15.63 ? 37  GLU A C   1 
ATOM   307  O O   . GLU A 1 37  ? -11.172 -5.812  -10.031 1.00 14.97 ? 37  GLU A O   1 
ATOM   308  C CB  . GLU A 1 37  ? -11.295 -5.528  -6.819  1.00 13.73 ? 37  GLU A CB  1 
ATOM   309  C CG  . GLU A 1 37  ? -10.849 -6.243  -5.557  1.00 12.65 ? 37  GLU A CG  1 
ATOM   310  C CD  . GLU A 1 37  ? -11.956 -6.359  -4.522  1.00 12.57 ? 37  GLU A CD  1 
ATOM   311  O OE1 . GLU A 1 37  ? -13.074 -5.850  -4.727  1.00 13.31 ? 37  GLU A OE1 1 
ATOM   312  O OE2 . GLU A 1 37  ? -11.714 -6.991  -3.488  1.00 11.62 ? 37  GLU A OE2 1 
ATOM   313  N N   . THR A 1 38  ? -11.058 -3.678  -9.355  1.00 16.85 ? 38  THR A N   1 
ATOM   314  C CA  . THR A 1 38  ? -11.741 -3.236  -10.537 1.00 20.05 ? 38  THR A CA  1 
ATOM   315  C C   . THR A 1 38  ? -11.116 -2.114  -11.359 1.00 21.77 ? 38  THR A C   1 
ATOM   316  O O   . THR A 1 38  ? -11.632 -1.792  -12.429 1.00 21.77 ? 38  THR A O   1 
ATOM   317  C CB  . THR A 1 38  ? -13.214 -2.911  -10.210 1.00 20.61 ? 38  THR A CB  1 
ATOM   318  O OG1 . THR A 1 38  ? -13.261 -1.874  -9.222  1.00 21.47 ? 38  THR A OG1 1 
ATOM   319  C CG2 . THR A 1 38  ? -13.947 -4.147  -9.655  1.00 21.61 ? 38  THR A CG2 1 
ATOM   320  N N   . THR A 1 39  ? -10.032 -1.499  -10.886 1.00 23.52 ? 39  THR A N   1 
ATOM   321  C CA  . THR A 1 39  ? -9.396  -0.441  -11.686 1.00 25.43 ? 39  THR A CA  1 
ATOM   322  C C   . THR A 1 39  ? -8.218  -1.083  -12.421 1.00 26.52 ? 39  THR A C   1 
ATOM   323  O O   . THR A 1 39  ? -7.184  -1.414  -11.812 1.00 26.68 ? 39  THR A O   1 
ATOM   324  C CB  . THR A 1 39  ? -8.894  0.768   -10.852 1.00 25.67 ? 39  THR A CB  1 
ATOM   325  O OG1 . THR A 1 39  ? -9.920  1.248   -9.971  1.00 26.15 ? 39  THR A OG1 1 
ATOM   326  C CG2 . THR A 1 39  ? -8.516  1.888   -11.781 1.00 25.95 ? 39  THR A CG2 1 
ATOM   327  N N   . LYS A 1 40  ? -8.402  -1.318  -13.722 1.00 28.02 ? 40  LYS A N   1 
ATOM   328  C CA  . LYS A 1 40  ? -7.368  -1.950  -14.532 1.00 29.06 ? 40  LYS A CA  1 
ATOM   329  C C   . LYS A 1 40  ? -6.120  -1.083  -14.544 1.00 29.20 ? 40  LYS A C   1 
ATOM   330  O O   . LYS A 1 40  ? -6.185  0.161   -14.428 1.00 28.29 ? 40  LYS A O   1 
ATOM   331  C CB  . LYS A 1 40  ? -7.835  -2.249  -15.974 1.00 30.65 ? 40  LYS A CB  1 
ATOM   332  C CG  . LYS A 1 40  ? -7.787  -1.056  -16.940 1.00 32.60 ? 40  LYS A CG  1 
ATOM   333  C CD  . LYS A 1 40  ? -8.814  0.000   -16.540 1.00 34.16 ? 40  LYS A CD  1 
ATOM   334  C CE  . LYS A 1 40  ? -8.177  1.362   -16.349 1.00 35.22 ? 40  LYS A CE  1 
ATOM   335  N NZ  . LYS A 1 40  ? -8.944  2.145   -15.331 1.00 36.51 ? 40  LYS A NZ  1 
ATOM   336  N N   . GLY A 1 41  ? -4.983  -1.767  -14.573 1.00 29.08 ? 41  GLY A N   1 
ATOM   337  C CA  . GLY A 1 41  ? -3.721  -1.066  -14.581 1.00 28.72 ? 41  GLY A CA  1 
ATOM   338  C C   . GLY A 1 41  ? -3.372  -0.345  -13.279 1.00 27.96 ? 41  GLY A C   1 
ATOM   339  O O   . GLY A 1 41  ? -2.238  0.156   -13.187 1.00 29.73 ? 41  GLY A O   1 
ATOM   340  N N   . ALA A 1 42  ? -4.291  -0.242  -12.310 1.00 24.26 ? 42  ALA A N   1 
ATOM   341  C CA  . ALA A 1 42  ? -3.953  0.426   -11.049 1.00 20.82 ? 42  ALA A CA  1 
ATOM   342  C C   . ALA A 1 42  ? -3.711  -0.605  -9.958  1.00 18.38 ? 42  ALA A C   1 
ATOM   343  O O   . ALA A 1 42  ? -4.204  -1.735  -10.048 1.00 18.26 ? 42  ALA A O   1 
ATOM   344  C CB  . ALA A 1 42  ? -5.038  1.405   -10.617 1.00 20.82 ? 42  ALA A CB  1 
ATOM   345  N N   . TYR A 1 43  ? -2.843  -0.263  -9.009  1.00 14.48 ? 43  TYR A N   1 
ATOM   346  C CA  . TYR A 1 43  ? -2.554  -1.151  -7.899  1.00 11.82 ? 43  TYR A CA  1 
ATOM   347  C C   . TYR A 1 43  ? -3.163  -0.500  -6.685  1.00 9.57  ? 43  TYR A C   1 
ATOM   348  O O   . TYR A 1 43  ? -3.601  0.652   -6.748  1.00 7.50  ? 43  TYR A O   1 
ATOM   349  C CB  . TYR A 1 43  ? -1.062  -1.262  -7.676  1.00 12.14 ? 43  TYR A CB  1 
ATOM   350  C CG  . TYR A 1 43  ? -0.352  -1.845  -8.855  1.00 14.02 ? 43  TYR A CG  1 
ATOM   351  C CD1 . TYR A 1 43  ? 0.447   -1.045  -9.682  1.00 16.53 ? 43  TYR A CD1 1 
ATOM   352  C CD2 . TYR A 1 43  ? -0.464  -3.201  -9.141  1.00 16.36 ? 43  TYR A CD2 1 
ATOM   353  C CE1 . TYR A 1 43  ? 1.130   -1.601  -10.778 1.00 19.22 ? 43  TYR A CE1 1 
ATOM   354  C CE2 . TYR A 1 43  ? 0.199   -3.772  -10.214 1.00 18.40 ? 43  TYR A CE2 1 
ATOM   355  C CZ  . TYR A 1 43  ? 1.003   -2.982  -11.035 1.00 20.96 ? 43  TYR A CZ  1 
ATOM   356  O OH  . TYR A 1 43  ? 1.722   -3.615  -12.065 1.00 22.84 ? 43  TYR A OH  1 
HETATM 357  N N   . CSO A 1 44  ? -3.252  -1.263  -5.598  1.00 8.14  ? 44  CSO A N   1 
HETATM 358  C CA  . CSO A 1 44  ? -3.750  -0.730  -4.337  1.00 7.46  ? 44  CSO A CA  1 
HETATM 359  C CB  . CSO A 1 44  ? -5.016  -1.432  -3.838  1.00 8.75  ? 44  CSO A CB  1 
HETATM 360  S SG  . CSO A 1 44  ? -6.507  -1.178  -4.862  1.00 11.59 ? 44  CSO A SG  1 
HETATM 361  C C   . CSO A 1 44  ? -2.682  -0.972  -3.308  1.00 6.57  ? 44  CSO A C   1 
HETATM 362  O O   . CSO A 1 44  ? -2.073  -2.048  -3.271  1.00 5.56  ? 44  CSO A O   1 
HETATM 363  O OD  . CSO A 1 44  ? -7.110  0.132   -4.319  1.00 17.17 ? 44  CSO A OD  1 
ATOM   364  N N   . LEU A 1 45  ? -2.450  0.057   -2.498  1.00 6.38  ? 45  LEU A N   1 
ATOM   365  C CA  . LEU A 1 45  ? -1.498  0.034   -1.380  1.00 6.02  ? 45  LEU A CA  1 
ATOM   366  C C   . LEU A 1 45  ? -2.425  -0.067  -0.163  1.00 6.82  ? 45  LEU A C   1 
ATOM   367  O O   . LEU A 1 45  ? -3.214  0.862   0.093   1.00 6.41  ? 45  LEU A O   1 
ATOM   368  C CB  . LEU A 1 45  ? -0.695  1.353   -1.332  1.00 6.69  ? 45  LEU A CB  1 
ATOM   369  C CG  . LEU A 1 45  ? 0.184   1.626   -0.096  1.00 6.16  ? 45  LEU A CG  1 
ATOM   370  C CD1 . LEU A 1 45  ? 1.256   0.570   0.088   1.00 7.01  ? 45  LEU A CD1 1 
ATOM   371  C CD2 . LEU A 1 45  ? 0.807   3.047   -0.204  1.00 6.22  ? 45  LEU A CD2 1 
ATOM   372  N N   . SER A 1 46  ? -2.395  -1.203  0.529   1.00 5.24  ? 46  SER A N   1 
ATOM   373  C CA  . SER A 1 46  ? -3.252  -1.383  1.689   1.00 5.85  ? 46  SER A CA  1 
ATOM   374  C C   . SER A 1 46  ? -2.373  -1.231  2.934   1.00 5.77  ? 46  SER A C   1 
ATOM   375  O O   . SER A 1 46  ? -1.299  -1.876  3.046   1.00 5.96  ? 46  SER A O   1 
ATOM   376  C CB  . SER A 1 46  ? -3.956  -2.729  1.591   1.00 5.27  ? 46  SER A CB  1 
ATOM   377  O OG  . SER A 1 46  ? -4.762  -2.734  0.418   1.00 4.73  ? 46  SER A OG  1 
ATOM   378  N N   . VAL A 1 47  ? -2.825  -0.363  3.849   1.00 5.14  ? 47  VAL A N   1 
ATOM   379  C CA  . VAL A 1 47  ? -2.025  0.011   5.033   1.00 6.54  ? 47  VAL A CA  1 
ATOM   380  C C   . VAL A 1 47  ? -2.790  -0.080  6.337   1.00 7.06  ? 47  VAL A C   1 
ATOM   381  O O   . VAL A 1 47  ? -3.949  0.360   6.376   1.00 6.71  ? 47  VAL A O   1 
ATOM   382  C CB  . VAL A 1 47  ? -1.527  1.520   4.898   1.00 5.41  ? 47  VAL A CB  1 
ATOM   383  C CG1 . VAL A 1 47  ? -0.491  1.859   5.995   1.00 5.84  ? 47  VAL A CG1 1 
ATOM   384  C CG2 . VAL A 1 47  ? -0.956  1.786   3.493   1.00 6.11  ? 47  VAL A CG2 1 
ATOM   385  N N   . SER A 1 48  ? -2.139  -0.630  7.376   1.00 6.32  ? 48  SER A N   1 
ATOM   386  C CA  . SER A 1 48  ? -2.779  -0.738  8.685   1.00 7.81  ? 48  SER A CA  1 
ATOM   387  C C   . SER A 1 48  ? -2.525  0.558   9.450   1.00 8.81  ? 48  SER A C   1 
ATOM   388  O O   . SER A 1 48  ? -1.518  1.250   9.228   1.00 7.68  ? 48  SER A O   1 
ATOM   389  C CB  . SER A 1 48  ? -2.288  -1.970  9.477   1.00 7.05  ? 48  SER A CB  1 
ATOM   390  O OG  . SER A 1 48  ? -0.982  -1.804  9.979   1.00 7.67  ? 48  SER A OG  1 
ATOM   391  N N   . ASP A 1 49  ? -3.516  0.946   10.245  1.00 10.08 ? 49  ASP A N   1 
ATOM   392  C CA  . ASP A 1 49  ? -3.426  2.141   11.087  1.00 10.23 ? 49  ASP A CA  1 
ATOM   393  C C   . ASP A 1 49  ? -4.001  1.722   12.443  1.00 10.36 ? 49  ASP A C   1 
ATOM   394  O O   . ASP A 1 49  ? -4.562  0.634   12.596  1.00 9.87  ? 49  ASP A O   1 
ATOM   395  C CB  . ASP A 1 49  ? -4.260  3.307   10.518  1.00 11.12 ? 49  ASP A CB  1 
ATOM   396  C CG  . ASP A 1 49  ? -3.907  4.692   11.157  1.00 12.01 ? 49  ASP A CG  1 
ATOM   397  O OD1 . ASP A 1 49  ? -2.870  4.822   11.878  1.00 14.05 ? 49  ASP A OD1 1 
ATOM   398  O OD2 . ASP A 1 49  ? -4.653  5.667   10.894  1.00 10.07 ? 49  ASP A OD2 1 
ATOM   399  N N   . PHE A 1 50  ? -3.871  2.594   13.428  1.00 10.88 ? 50  PHE A N   1 
ATOM   400  C CA  . PHE A 1 50  ? -4.398  2.302   14.743  1.00 12.61 ? 50  PHE A CA  1 
ATOM   401  C C   . PHE A 1 50  ? -4.551  3.586   15.501  1.00 13.73 ? 50  PHE A C   1 
ATOM   402  O O   . PHE A 1 50  ? -3.675  4.443   15.427  1.00 14.08 ? 50  PHE A O   1 
ATOM   403  C CB  . PHE A 1 50  ? -3.437  1.390   15.542  1.00 11.83 ? 50  PHE A CB  1 
ATOM   404  C CG  . PHE A 1 50  ? -3.852  1.193   16.975  1.00 12.69 ? 50  PHE A CG  1 
ATOM   405  C CD1 . PHE A 1 50  ? -3.569  2.168   17.940  1.00 13.84 ? 50  PHE A CD1 1 
ATOM   406  C CD2 . PHE A 1 50  ? -4.613  0.097   17.348  1.00 14.07 ? 50  PHE A CD2 1 
ATOM   407  C CE1 . PHE A 1 50  ? -4.048  2.054   19.258  1.00 13.94 ? 50  PHE A CE1 1 
ATOM   408  C CE2 . PHE A 1 50  ? -5.099  -0.025  18.675  1.00 14.28 ? 50  PHE A CE2 1 
ATOM   409  C CZ  . PHE A 1 50  ? -4.805  0.977   19.624  1.00 14.23 ? 50  PHE A CZ  1 
ATOM   410  N N   . ASP A 1 51  ? -5.705  3.770   16.128  1.00 14.97 ? 51  ASP A N   1 
ATOM   411  C CA  . ASP A 1 51  ? -5.861  4.901   17.028  1.00 17.11 ? 51  ASP A CA  1 
ATOM   412  C C   . ASP A 1 51  ? -6.866  4.501   18.104  1.00 17.78 ? 51  ASP A C   1 
ATOM   413  O O   . ASP A 1 51  ? -7.424  3.397   18.036  1.00 15.71 ? 51  ASP A O   1 
ATOM   414  C CB  . ASP A 1 51  ? -6.094  6.265   16.344  1.00 19.04 ? 51  ASP A CB  1 
ATOM   415  C CG  . ASP A 1 51  ? -7.310  6.306   15.479  1.00 22.24 ? 51  ASP A CG  1 
ATOM   416  O OD1 . ASP A 1 51  ? -7.260  6.950   14.390  1.00 23.52 ? 51  ASP A OD1 1 
ATOM   417  O OD2 . ASP A 1 51  ? -8.325  5.735   15.910  1.00 23.67 ? 51  ASP A OD2 1 
ATOM   418  N N   . ASN A 1 52  ? -6.987  5.288   19.176  1.00 19.28 ? 52  ASN A N   1 
ATOM   419  C CA  . ASN A 1 52  ? -7.934  4.902   20.235  1.00 21.41 ? 52  ASN A CA  1 
ATOM   420  C C   . ASN A 1 52  ? -9.374  5.121   19.778  1.00 23.03 ? 52  ASN A C   1 
ATOM   421  O O   . ASN A 1 52  ? -10.287 4.539   20.346  1.00 23.96 ? 52  ASN A O   1 
ATOM   422  C CB  . ASN A 1 52  ? -7.684  5.664   21.552  1.00 22.38 ? 52  ASN A CB  1 
ATOM   423  C CG  . ASN A 1 52  ? -6.279  5.432   22.125  1.00 22.10 ? 52  ASN A CG  1 
ATOM   424  O OD1 . ASN A 1 52  ? -5.726  4.324   22.060  1.00 21.69 ? 52  ASN A OD1 1 
ATOM   425  N ND2 . ASN A 1 52  ? -5.706  6.482   22.702  1.00 21.80 ? 52  ASN A ND2 1 
ATOM   426  N N   . ALA A 1 53  ? -9.562  5.964   18.754  1.00 24.07 ? 53  ALA A N   1 
ATOM   427  C CA  . ALA A 1 53  ? -10.902 6.243   18.209  1.00 24.71 ? 53  ALA A CA  1 
ATOM   428  C C   . ALA A 1 53  ? -11.483 5.032   17.459  1.00 24.27 ? 53  ALA A C   1 
ATOM   429  O O   . ALA A 1 53  ? -12.597 4.595   17.777  1.00 25.07 ? 53  ALA A O   1 
ATOM   430  C CB  . ALA A 1 53  ? -10.871 7.481   17.286  1.00 24.88 ? 53  ALA A CB  1 
ATOM   431  N N   . LYS A 1 54  ? -10.726 4.490   16.498  1.00 23.11 ? 54  LYS A N   1 
ATOM   432  C CA  . LYS A 1 54  ? -11.134 3.323   15.688  1.00 22.28 ? 54  LYS A CA  1 
ATOM   433  C C   . LYS A 1 54  ? -10.386 2.038   16.046  1.00 20.91 ? 54  LYS A C   1 
ATOM   434  O O   . LYS A 1 54  ? -10.788 0.925   15.614  1.00 21.39 ? 54  LYS A O   1 
ATOM   435  C CB  . LYS A 1 54  ? -10.805 3.525   14.208  1.00 22.52 ? 54  LYS A CB  1 
ATOM   436  C CG  . LYS A 1 54  ? -11.340 4.733   13.538  1.00 24.20 ? 54  LYS A CG  1 
ATOM   437  C CD  . LYS A 1 54  ? -10.798 4.645   12.135  1.00 27.02 ? 54  LYS A CD  1 
ATOM   438  C CE  . LYS A 1 54  ? -10.960 5.938   11.372  1.00 28.33 ? 54  LYS A CE  1 
ATOM   439  N NZ  . LYS A 1 54  ? -9.833  6.112   10.419  1.00 30.39 ? 54  LYS A NZ  1 
ATOM   440  N N   . GLY A 1 55  ? -9.246  2.165   16.723  1.00 18.45 ? 55  GLY A N   1 
ATOM   441  C CA  . GLY A 1 55  ? -8.478  0.981   17.020  1.00 15.97 ? 55  GLY A CA  1 
ATOM   442  C C   . GLY A 1 55  ? -7.787  0.546   15.728  1.00 13.66 ? 55  GLY A C   1 
ATOM   443  O O   . GLY A 1 55  ? -7.598  1.347   14.828  1.00 13.01 ? 55  GLY A O   1 
ATOM   444  N N   . LEU A 1 56  ? -7.472  -0.737  15.623  1.00 12.36 ? 56  LEU A N   1 
ATOM   445  C CA  . LEU A 1 56  ? -6.793  -1.257  14.448  1.00 12.46 ? 56  LEU A CA  1 
ATOM   446  C C   . LEU A 1 56  ? -7.729  -1.199  13.237  1.00 11.50 ? 56  LEU A C   1 
ATOM   447  O O   . LEU A 1 56  ? -8.868  -1.662  13.294  1.00 11.14 ? 56  LEU A O   1 
ATOM   448  C CB  . LEU A 1 56  ? -6.299  -2.689  14.727  1.00 14.39 ? 56  LEU A CB  1 
ATOM   449  C CG  . LEU A 1 56  ? -5.453  -3.448  13.680  1.00 16.08 ? 56  LEU A CG  1 
ATOM   450  C CD1 . LEU A 1 56  ? -4.326  -2.586  13.227  1.00 17.87 ? 56  LEU A CD1 1 
ATOM   451  C CD2 . LEU A 1 56  ? -4.899  -4.750  14.214  1.00 18.05 ? 56  LEU A CD2 1 
ATOM   452  N N   . ASN A 1 57  ? -7.264  -0.593  12.151  1.00 9.71  ? 57  ASN A N   1 
ATOM   453  C CA  . ASN A 1 57  ? -8.091  -0.481  10.963  1.00 9.84  ? 57  ASN A CA  1 
ATOM   454  C C   . ASN A 1 57  ? -7.216  -0.448  9.717   1.00 9.53  ? 57  ASN A C   1 
ATOM   455  O O   . ASN A 1 57  ? -6.001  -0.373  9.827   1.00 9.57  ? 57  ASN A O   1 
ATOM   456  C CB  . ASN A 1 57  ? -9.044  0.730   11.061  1.00 10.64 ? 57  ASN A CB  1 
ATOM   457  C CG  . ASN A 1 57  ? -8.325  2.055   11.118  1.00 11.08 ? 57  ASN A CG  1 
ATOM   458  O OD1 . ASN A 1 57  ? -8.192  2.737   10.085  1.00 13.07 ? 57  ASN A OD1 1 
ATOM   459  N ND2 . ASN A 1 57  ? -7.852  2.440   12.307  1.00 10.50 ? 57  ASN A ND2 1 
ATOM   460  N N   . VAL A 1 58  ? -7.832  -0.463  8.535   1.00 8.95  ? 58  VAL A N   1 
ATOM   461  C CA  . VAL A 1 58  ? -7.083  -0.518  7.278   1.00 8.67  ? 58  VAL A CA  1 
ATOM   462  C C   . VAL A 1 58  ? -7.526  0.551   6.261   1.00 8.64  ? 58  VAL A C   1 
ATOM   463  O O   . VAL A 1 58  ? -8.731  0.844   6.123   1.00 8.13  ? 58  VAL A O   1 
ATOM   464  C CB  . VAL A 1 58  ? -7.249  -1.944  6.639   1.00 7.87  ? 58  VAL A CB  1 
ATOM   465  C CG1 . VAL A 1 58  ? -6.435  -2.055  5.331   1.00 8.04  ? 58  VAL A CG1 1 
ATOM   466  C CG2 . VAL A 1 58  ? -6.872  -3.043  7.635   1.00 7.99  ? 58  VAL A CG2 1 
ATOM   467  N N   . LYS A 1 59  ? -6.557  1.137   5.562   1.00 7.59  ? 59  LYS A N   1 
ATOM   468  C CA  . LYS A 1 59  ? -6.833  2.128   4.533   1.00 8.09  ? 59  LYS A CA  1 
ATOM   469  C C   . LYS A 1 59  ? -6.285  1.600   3.196   1.00 8.07  ? 59  LYS A C   1 
ATOM   470  O O   . LYS A 1 59  ? -5.290  0.854   3.180   1.00 6.73  ? 59  LYS A O   1 
ATOM   471  C CB  . LYS A 1 59  ? -6.167  3.459   4.872   1.00 9.25  ? 59  LYS A CB  1 
ATOM   472  C CG  . LYS A 1 59  ? -6.782  4.182   6.046   1.00 12.24 ? 59  LYS A CG  1 
ATOM   473  C CD  . LYS A 1 59  ? -8.181  4.631   5.682   1.00 15.41 ? 59  LYS A CD  1 
ATOM   474  C CE  . LYS A 1 59  ? -8.725  5.559   6.757   1.00 18.90 ? 59  LYS A CE  1 
ATOM   475  N NZ  . LYS A 1 59  ? -10.159 5.906   6.523   1.00 22.60 ? 59  LYS A NZ  1 
ATOM   476  N N   . HIS A 1 60  ? -6.950  1.959   2.086   1.00 6.64  ? 60  HIS A N   1 
ATOM   477  C CA  . HIS A 1 60  ? -6.540  1.519   0.748   1.00 7.23  ? 60  HIS A CA  1 
ATOM   478  C C   . HIS A 1 60  ? -6.329  2.756   -0.120  1.00 8.28  ? 60  HIS A C   1 
ATOM   479  O O   . HIS A 1 60  ? -7.156  3.677   -0.113  1.00 8.29  ? 60  HIS A O   1 
ATOM   480  C CB  . HIS A 1 60  ? -7.604  0.598   0.110   1.00 6.48  ? 60  HIS A CB  1 
ATOM   481  C CG  . HIS A 1 60  ? -7.977  -0.578  0.976   1.00 6.51  ? 60  HIS A CG  1 
ATOM   482  N ND1 . HIS A 1 60  ? -7.199  -1.710  1.085   1.00 5.88  ? 60  HIS A ND1 1 
ATOM   483  C CD2 . HIS A 1 60  ? -9.026  -0.763  1.817   1.00 7.40  ? 60  HIS A CD2 1 
ATOM   484  C CE1 . HIS A 1 60  ? -7.753  -2.544  1.951   1.00 6.65  ? 60  HIS A CE1 1 
ATOM   485  N NE2 . HIS A 1 60  ? -8.861  -1.988  2.410   1.00 6.60  ? 60  HIS A NE2 1 
ATOM   486  N N   . TYR A 1 61  ? -5.190  2.772   -0.811  1.00 7.81  ? 61  TYR A N   1 
ATOM   487  C CA  . TYR A 1 61  ? -4.779  3.874   -1.692  1.00 8.92  ? 61  TYR A CA  1 
ATOM   488  C C   . TYR A 1 61  ? -4.495  3.321   -3.092  1.00 9.39  ? 61  TYR A C   1 
ATOM   489  O O   . TYR A 1 61  ? -3.945  2.218   -3.240  1.00 9.89  ? 61  TYR A O   1 
ATOM   490  C CB  . TYR A 1 61  ? -3.494  4.541   -1.149  1.00 8.18  ? 61  TYR A CB  1 
ATOM   491  C CG  . TYR A 1 61  ? -3.644  4.998   0.272   1.00 6.84  ? 61  TYR A CG  1 
ATOM   492  C CD1 . TYR A 1 61  ? -3.137  4.230   1.320   1.00 5.60  ? 61  TYR A CD1 1 
ATOM   493  C CD2 . TYR A 1 61  ? -4.369  6.164   0.580   1.00 7.33  ? 61  TYR A CD2 1 
ATOM   494  C CE1 . TYR A 1 61  ? -3.342  4.598   2.655   1.00 6.06  ? 61  TYR A CE1 1 
ATOM   495  C CE2 . TYR A 1 61  ? -4.582  6.551   1.922   1.00 7.37  ? 61  TYR A CE2 1 
ATOM   496  C CZ  . TYR A 1 61  ? -4.062  5.763   2.950   1.00 6.41  ? 61  TYR A CZ  1 
ATOM   497  O OH  . TYR A 1 61  ? -4.201  6.140   4.267   1.00 8.40  ? 61  TYR A OH  1 
ATOM   498  N N   . LYS A 1 62  ? -4.903  4.060   -4.114  1.00 9.57  ? 62  LYS A N   1 
ATOM   499  C CA  . LYS A 1 62  ? -4.692  3.625   -5.482  1.00 10.34 ? 62  LYS A CA  1 
ATOM   500  C C   . LYS A 1 62  ? -3.369  4.161   -6.013  1.00 10.09 ? 62  LYS A C   1 
ATOM   501  O O   . LYS A 1 62  ? -3.082  5.358   -5.907  1.00 10.31 ? 62  LYS A O   1 
ATOM   502  C CB  . LYS A 1 62  ? -5.833  4.104   -6.392  1.00 13.05 ? 62  LYS A CB  1 
ATOM   503  C CG  . LYS A 1 62  ? -7.202  3.470   -6.086  1.00 19.58 ? 62  LYS A CG  1 
ATOM   504  C CD  . LYS A 1 62  ? -7.649  2.377   -7.098  1.00 24.39 ? 62  LYS A CD  1 
ATOM   505  C CE  . LYS A 1 62  ? -8.025  3.029   -8.446  1.00 27.55 ? 62  LYS A CE  1 
ATOM   506  N NZ  . LYS A 1 62  ? -9.293  3.855   -8.381  1.00 30.47 ? 62  LYS A NZ  1 
ATOM   507  N N   . ILE A 1 63  ? -2.580  3.272   -6.605  1.00 9.76  ? 63  ILE A N   1 
ATOM   508  C CA  . ILE A 1 63  ? -1.308  3.634   -7.205  1.00 10.07 ? 63  ILE A CA  1 
ATOM   509  C C   . ILE A 1 63  ? -1.533  3.554   -8.709  1.00 11.90 ? 63  ILE A C   1 
ATOM   510  O O   . ILE A 1 63  ? -1.863  2.479   -9.240  1.00 10.62 ? 63  ILE A O   1 
ATOM   511  C CB  . ILE A 1 63  ? -0.174  2.666   -6.813  1.00 9.87  ? 63  ILE A CB  1 
ATOM   512  C CG1 . ILE A 1 63  ? 0.106   2.771   -5.301  1.00 9.07  ? 63  ILE A CG1 1 
ATOM   513  C CG2 . ILE A 1 63  ? 1.069   2.922   -7.678  1.00 8.72  ? 63  ILE A CG2 1 
ATOM   514  C CD1 . ILE A 1 63  ? 1.130   1.761   -4.815  1.00 9.07  ? 63  ILE A CD1 1 
ATOM   515  N N   . ARG A 1 64  ? -1.502  4.715   -9.358  1.00 13.92 ? 64  ARG A N   1 
ATOM   516  C CA  . ARG A 1 64  ? -1.686  4.835   -10.795 1.00 16.74 ? 64  ARG A CA  1 
ATOM   517  C C   . ARG A 1 64  ? -0.343  4.629   -11.487 1.00 18.37 ? 64  ARG A C   1 
ATOM   518  O O   . ARG A 1 64  ? 0.738   4.969   -10.963 1.00 14.20 ? 64  ARG A O   1 
ATOM   519  C CB  . ARG A 1 64  ? -2.248  6.208   -11.139 1.00 18.73 ? 64  ARG A CB  1 
ATOM   520  C CG  . ARG A 1 64  ? -3.554  6.533   -10.408 1.00 24.15 ? 64  ARG A CG  1 
ATOM   521  C CD  . ARG A 1 64  ? -4.613  5.498   -10.747 1.00 30.11 ? 64  ARG A CD  1 
ATOM   522  N NE  . ARG A 1 64  ? -4.585  5.192   -12.196 1.00 34.40 ? 64  ARG A NE  1 
ATOM   523  C CZ  . ARG A 1 64  ? -5.359  4.290   -12.800 1.00 35.50 ? 64  ARG A CZ  1 
ATOM   524  N NH1 . ARG A 1 64  ? -6.252  3.615   -12.107 1.00 37.05 ? 64  ARG A NH1 1 
ATOM   525  N NH2 . ARG A 1 64  ? -5.202  4.018   -14.101 1.00 37.07 ? 64  ARG A NH2 1 
ATOM   526  N N   . LYS A 1 65  ? -0.425  4.065   -12.681 1.00 21.44 ? 65  LYS A N   1 
ATOM   527  C CA  . LYS A 1 65  ? 0.759   3.799   -13.477 1.00 25.59 ? 65  LYS A CA  1 
ATOM   528  C C   . LYS A 1 65  ? 0.540   4.348   -14.891 1.00 27.93 ? 65  LYS A C   1 
ATOM   529  O O   . LYS A 1 65  ? -0.398  3.944   -15.605 1.00 28.01 ? 65  LYS A O   1 
ATOM   530  C CB  . LYS A 1 65  ? 1.019   2.284   -13.492 1.00 27.80 ? 65  LYS A CB  1 
ATOM   531  C CG  . LYS A 1 65  ? 1.822   1.755   -14.678 1.00 29.80 ? 65  LYS A CG  1 
ATOM   532  C CD  . LYS A 1 65  ? 3.227   2.291   -14.678 1.00 31.94 ? 65  LYS A CD  1 
ATOM   533  C CE  . LYS A 1 65  ? 4.022   1.669   -15.812 1.00 33.69 ? 65  LYS A CE  1 
ATOM   534  N NZ  . LYS A 1 65  ? 3.913   0.169   -15.796 1.00 33.98 ? 65  LYS A NZ  1 
ATOM   535  N N   . LEU A 1 66  ? 1.390   5.296   -15.267 1.00 29.46 ? 66  LEU A N   1 
ATOM   536  C CA  . LEU A 1 66  ? 1.322   5.908   -16.582 1.00 32.48 ? 66  LEU A CA  1 
ATOM   537  C C   . LEU A 1 66  ? 2.090   5.077   -17.597 1.00 33.74 ? 66  LEU A C   1 
ATOM   538  O O   . LEU A 1 66  ? 3.030   4.361   -17.255 1.00 33.38 ? 66  LEU A O   1 
ATOM   539  C CB  . LEU A 1 66  ? 1.955   7.301   -16.561 1.00 32.53 ? 66  LEU A CB  1 
ATOM   540  C CG  . LEU A 1 66  ? 1.356   8.331   -15.610 1.00 33.44 ? 66  LEU A CG  1 
ATOM   541  C CD1 . LEU A 1 66  ? 2.172   9.597   -15.686 1.00 33.23 ? 66  LEU A CD1 1 
ATOM   542  C CD2 . LEU A 1 66  ? -0.115  8.595   -15.946 1.00 33.54 ? 66  LEU A CD2 1 
ATOM   543  N N   . ASP A 1 67  ? 1.713   5.222   -18.860 1.00 36.43 ? 67  ASP A N   1 
ATOM   544  C CA  . ASP A 1 67  ? 2.419   4.536   -19.940 1.00 38.77 ? 67  ASP A CA  1 
ATOM   545  C C   . ASP A 1 67  ? 3.715   5.316   -20.066 1.00 39.29 ? 67  ASP A C   1 
ATOM   546  O O   . ASP A 1 67  ? 4.781   4.749   -20.322 1.00 40.08 ? 67  ASP A O   1 
ATOM   547  C CB  . ASP A 1 67  ? 1.600   4.597   -21.210 1.00 41.33 ? 67  ASP A CB  1 
ATOM   548  C CG  . ASP A 1 67  ? 0.196   4.097   -20.988 1.00 43.89 ? 67  ASP A CG  1 
ATOM   549  O OD1 . ASP A 1 67  ? -0.078  2.919   -21.326 1.00 45.59 ? 67  ASP A OD1 1 
ATOM   550  O OD2 . ASP A 1 67  ? -0.612  4.872   -20.407 1.00 46.35 ? 67  ASP A OD2 1 
ATOM   551  N N   . SER A 1 68  ? 3.619   6.610   -19.751 1.00 39.39 ? 68  SER A N   1 
ATOM   552  C CA  . SER A 1 68  ? 4.756   7.531   -19.726 1.00 39.09 ? 68  SER A CA  1 
ATOM   553  C C   . SER A 1 68  ? 5.785   7.003   -18.687 1.00 38.17 ? 68  SER A C   1 
ATOM   554  O O   . SER A 1 68  ? 6.878   7.575   -18.525 1.00 39.43 ? 68  SER A O   1 
ATOM   555  C CB  . SER A 1 68  ? 4.256   8.933   -19.324 1.00 39.91 ? 68  SER A CB  1 
ATOM   556  O OG  . SER A 1 68  ? 2.867   9.055   -19.619 1.00 40.98 ? 68  SER A OG  1 
ATOM   557  N N   . GLY A 1 69  ? 5.375   5.997   -17.908 1.00 35.76 ? 69  GLY A N   1 
ATOM   558  C CA  . GLY A 1 69  ? 6.270   5.377   -16.954 1.00 32.00 ? 69  GLY A CA  1 
ATOM   559  C C   . GLY A 1 69  ? 6.106   5.645   -15.477 1.00 28.72 ? 69  GLY A C   1 
ATOM   560  O O   . GLY A 1 69  ? 6.323   4.742   -14.670 1.00 29.71 ? 69  GLY A O   1 
ATOM   561  N N   . GLY A 1 70  ? 5.698   6.850   -15.114 1.00 25.47 ? 70  GLY A N   1 
ATOM   562  C CA  . GLY A 1 70  ? 5.562   7.165   -13.698 1.00 22.20 ? 70  GLY A CA  1 
ATOM   563  C C   . GLY A 1 70  ? 4.539   6.405   -12.856 1.00 19.62 ? 70  GLY A C   1 
ATOM   564  O O   . GLY A 1 70  ? 3.569   5.870   -13.394 1.00 19.82 ? 70  GLY A O   1 
ATOM   565  N N   . PHE A 1 71  ? 4.813   6.307   -11.551 1.00 15.80 ? 71  PHE A N   1 
ATOM   566  C CA  . PHE A 1 71  ? 3.919   5.675   -10.554 1.00 13.65 ? 71  PHE A CA  1 
ATOM   567  C C   . PHE A 1 71  ? 3.562   6.756   -9.525  1.00 11.16 ? 71  PHE A C   1 
ATOM   568  O O   . PHE A 1 71  ? 4.426   7.533   -9.122  1.00 9.33  ? 71  PHE A O   1 
ATOM   569  C CB  . PHE A 1 71  ? 4.606   4.537   -9.786  1.00 13.75 ? 71  PHE A CB  1 
ATOM   570  C CG  . PHE A 1 71  ? 4.868   3.325   -10.608 1.00 14.98 ? 71  PHE A CG  1 
ATOM   571  C CD1 . PHE A 1 71  ? 5.972   3.277   -11.464 1.00 13.84 ? 71  PHE A CD1 1 
ATOM   572  C CD2 . PHE A 1 71  ? 4.018   2.217   -10.524 1.00 13.74 ? 71  PHE A CD2 1 
ATOM   573  C CE1 . PHE A 1 71  ? 6.214   2.148   -12.213 1.00 14.19 ? 71  PHE A CE1 1 
ATOM   574  C CE2 . PHE A 1 71  ? 4.262   1.087   -11.277 1.00 14.03 ? 71  PHE A CE2 1 
ATOM   575  C CZ  . PHE A 1 71  ? 5.354   1.051   -12.116 1.00 12.94 ? 71  PHE A CZ  1 
ATOM   576  N N   . TYR A 1 72  ? 2.306   6.806   -9.110  1.00 9.71  ? 72  TYR A N   1 
ATOM   577  C CA  . TYR A 1 72  ? 1.902   7.776   -8.124  1.00 9.21  ? 72  TYR A CA  1 
ATOM   578  C C   . TYR A 1 72  ? 0.547   7.482   -7.498  1.00 9.24  ? 72  TYR A C   1 
ATOM   579  O O   . TYR A 1 72  ? -0.219  6.680   -8.028  1.00 7.62  ? 72  TYR A O   1 
ATOM   580  C CB  . TYR A 1 72  ? 1.879   9.186   -8.733  1.00 10.14 ? 72  TYR A CB  1 
ATOM   581  C CG  . TYR A 1 72  ? 0.822   9.393   -9.783  1.00 11.10 ? 72  TYR A CG  1 
ATOM   582  C CD1 . TYR A 1 72  ? -0.513  9.634   -9.428  1.00 12.25 ? 72  TYR A CD1 1 
ATOM   583  C CD2 . TYR A 1 72  ? 1.144   9.322   -11.139 1.00 14.01 ? 72  TYR A CD2 1 
ATOM   584  C CE1 . TYR A 1 72  ? -1.514  9.795   -10.407 1.00 14.71 ? 72  TYR A CE1 1 
ATOM   585  C CE2 . TYR A 1 72  ? 0.157   9.486   -12.127 1.00 15.75 ? 72  TYR A CE2 1 
ATOM   586  C CZ  . TYR A 1 72  ? -1.161  9.717   -11.745 1.00 15.57 ? 72  TYR A CZ  1 
ATOM   587  O OH  . TYR A 1 72  ? -2.112  9.855   -12.710 1.00 19.23 ? 72  TYR A OH  1 
ATOM   588  N N   . ILE A 1 73  ? 0.348   8.065   -6.306  1.00 10.26 ? 73  ILE A N   1 
ATOM   589  C CA  . ILE A 1 73  ? -0.930  8.032   -5.590  1.00 9.89  ? 73  ILE A CA  1 
ATOM   590  C C   . ILE A 1 73  ? -1.493  9.426   -5.934  1.00 10.63 ? 73  ILE A C   1 
ATOM   591  O O   . ILE A 1 73  ? -2.655  9.554   -6.363  1.00 10.99 ? 73  ILE A O   1 
ATOM   592  C CB  . ILE A 1 73  ? -0.784  7.800   -4.056  1.00 9.81  ? 73  ILE A CB  1 
ATOM   593  C CG1 . ILE A 1 73  ? -0.294  6.373   -3.809  1.00 9.46  ? 73  ILE A CG1 1 
ATOM   594  C CG2 . ILE A 1 73  ? -2.167  7.960   -3.361  1.00 8.33  ? 73  ILE A CG2 1 
ATOM   595  C CD1 . ILE A 1 73  ? 0.119   6.066   -2.358  1.00 9.29  ? 73  ILE A CD1 1 
ATOM   596  N N   . THR A 1 74  ? -0.672  10.472  -5.739  1.00 10.47 ? 74  THR A N   1 
ATOM   597  C CA  . THR A 1 74  ? -1.040  11.834  -6.145  1.00 10.32 ? 74  THR A CA  1 
ATOM   598  C C   . THR A 1 74  ? -0.144  12.248  -7.328  1.00 9.64  ? 74  THR A C   1 
ATOM   599  O O   . THR A 1 74  ? 1.063   12.061  -7.298  1.00 8.65  ? 74  THR A O   1 
ATOM   600  C CB  . THR A 1 74  ? -0.968  12.925  -5.017  1.00 9.84  ? 74  THR A CB  1 
ATOM   601  O OG1 . THR A 1 74  ? -1.211  14.210  -5.611  1.00 9.66  ? 74  THR A OG1 1 
ATOM   602  C CG2 . THR A 1 74  ? 0.412   12.951  -4.336  1.00 10.91 ? 74  THR A CG2 1 
ATOM   603  N N   . SER A 1 75  ? -0.775  12.735  -8.385  1.00 10.13 ? 75  SER A N   1 
ATOM   604  C CA  . SER A 1 75  ? -0.083  13.135  -9.595  1.00 11.28 ? 75  SER A CA  1 
ATOM   605  C C   . SER A 1 75  ? 1.010   14.166  -9.336  1.00 11.36 ? 75  SER A C   1 
ATOM   606  O O   . SER A 1 75  ? 1.946   14.268  -10.131 1.00 10.53 ? 75  SER A O   1 
ATOM   607  C CB  . SER A 1 75  ? -1.076  13.677  -10.635 1.00 12.14 ? 75  SER A CB  1 
ATOM   608  O OG  . SER A 1 75  ? -1.642  14.920  -10.230 1.00 12.66 ? 75  SER A OG  1 
ATOM   609  N N   . ARG A 1 76  ? 0.927   14.901  -8.220  1.00 11.61 ? 76  ARG A N   1 
ATOM   610  C CA  . ARG A 1 76  ? 1.959   15.895  -7.949  1.00 12.78 ? 76  ARG A CA  1 
ATOM   611  C C   . ARG A 1 76  ? 3.264   15.284  -7.433  1.00 12.18 ? 76  ARG A C   1 
ATOM   612  O O   . ARG A 1 76  ? 4.330   15.931  -7.501  1.00 12.74 ? 76  ARG A O   1 
ATOM   613  C CB  . ARG A 1 76  ? 1.439   16.967  -6.990  1.00 16.05 ? 76  ARG A CB  1 
ATOM   614  C CG  . ARG A 1 76  ? 0.140   17.600  -7.493  1.00 22.13 ? 76  ARG A CG  1 
ATOM   615  C CD  . ARG A 1 76  ? -0.246  18.834  -6.700  1.00 27.69 ? 76  ARG A CD  1 
ATOM   616  N NE  . ARG A 1 76  ? -1.678  19.195  -6.793  1.00 32.16 ? 76  ARG A NE  1 
ATOM   617  C CZ  . ARG A 1 76  ? -2.128  20.454  -6.821  1.00 32.64 ? 76  ARG A CZ  1 
ATOM   618  N NH1 . ARG A 1 76  ? -1.269  21.465  -6.789  1.00 34.14 ? 76  ARG A NH1 1 
ATOM   619  N NH2 . ARG A 1 76  ? -3.432  20.706  -6.783  1.00 34.12 ? 76  ARG A NH2 1 
ATOM   620  N N   . THR A 1 77  ? 3.210   13.999  -7.067  1.00 10.09 ? 77  THR A N   1 
ATOM   621  C CA  . THR A 1 77  ? 4.354   13.310  -6.484  1.00 9.59  ? 77  THR A CA  1 
ATOM   622  C C   . THR A 1 77  ? 4.558   11.955  -7.141  1.00 9.98  ? 77  THR A C   1 
ATOM   623  O O   . THR A 1 77  ? 4.000   10.946  -6.710  1.00 9.29  ? 77  THR A O   1 
ATOM   624  C CB  . THR A 1 77  ? 4.100   13.225  -4.970  1.00 9.17  ? 77  THR A CB  1 
ATOM   625  O OG1 . THR A 1 77  ? 3.774   14.549  -4.520  1.00 10.06 ? 77  THR A OG1 1 
ATOM   626  C CG2 . THR A 1 77  ? 5.321   12.672  -4.184  1.00 8.91  ? 77  THR A CG2 1 
ATOM   627  N N   . GLN A 1 78  ? 5.378   11.951  -8.191  1.00 8.89  ? 78  GLN A N   1 
ATOM   628  C CA  . GLN A 1 78  ? 5.600   10.752  -8.981  1.00 9.91  ? 78  GLN A CA  1 
ATOM   629  C C   . GLN A 1 78  ? 6.938   10.079  -8.829  1.00 9.02  ? 78  GLN A C   1 
ATOM   630  O O   . GLN A 1 78  ? 7.917   10.722  -8.437  1.00 8.92  ? 78  GLN A O   1 
ATOM   631  C CB  . GLN A 1 78  ? 5.367   11.091  -10.449 1.00 9.37  ? 78  GLN A CB  1 
ATOM   632  C CG  . GLN A 1 78  ? 4.092   11.890  -10.674 1.00 10.56 ? 78  GLN A CG  1 
ATOM   633  C CD  . GLN A 1 78  ? 3.678   11.940  -12.131 1.00 12.39 ? 78  GLN A CD  1 
ATOM   634  O OE1 . GLN A 1 78  ? 2.775   12.681  -12.493 1.00 14.04 ? 78  GLN A OE1 1 
ATOM   635  N NE2 . GLN A 1 78  ? 4.303   11.125  -12.963 1.00 12.20 ? 78  GLN A NE2 1 
ATOM   636  N N   . PHE A 1 79  ? 6.982   8.790   -9.180  1.00 10.02 ? 79  PHE A N   1 
ATOM   637  C CA  . PHE A 1 79  ? 8.202   7.978   -9.085  1.00 9.98  ? 79  PHE A CA  1 
ATOM   638  C C   . PHE A 1 79  ? 8.475   7.149   -10.343 1.00 10.27 ? 79  PHE A C   1 
ATOM   639  O O   . PHE A 1 79  ? 7.560   6.781   -11.084 1.00 9.59  ? 79  PHE A O   1 
ATOM   640  C CB  . PHE A 1 79  ? 8.128   7.065   -7.864  1.00 10.63 ? 79  PHE A CB  1 
ATOM   641  C CG  . PHE A 1 79  ? 7.834   7.809   -6.605  1.00 10.22 ? 79  PHE A CG  1 
ATOM   642  C CD1 . PHE A 1 79  ? 6.509   8.044   -6.223  1.00 10.67 ? 79  PHE A CD1 1 
ATOM   643  C CD2 . PHE A 1 79  ? 8.875   8.412   -5.875  1.00 9.85  ? 79  PHE A CD2 1 
ATOM   644  C CE1 . PHE A 1 79  ? 6.219   8.883   -5.138  1.00 9.05  ? 79  PHE A CE1 1 
ATOM   645  C CE2 . PHE A 1 79  ? 8.593   9.258   -4.780  1.00 9.68  ? 79  PHE A CE2 1 
ATOM   646  C CZ  . PHE A 1 79  ? 7.254   9.489   -4.423  1.00 9.04  ? 79  PHE A CZ  1 
ATOM   647  N N   . ASN A 1 80  ? 9.750   6.880   -10.574 1.00 10.87 ? 80  ASN A N   1 
ATOM   648  C CA  . ASN A 1 80  ? 10.153  6.117   -11.746 1.00 12.24 ? 80  ASN A CA  1 
ATOM   649  C C   . ASN A 1 80  ? 9.857   4.612   -11.567 1.00 12.67 ? 80  ASN A C   1 
ATOM   650  O O   . ASN A 1 80  ? 9.908   3.829   -12.530 1.00 14.08 ? 80  ASN A O   1 
ATOM   651  C CB  . ASN A 1 80  ? 11.642  6.360   -12.057 1.00 12.42 ? 80  ASN A CB  1 
ATOM   652  C CG  . ASN A 1 80  ? 11.947  7.810   -12.470 1.00 13.83 ? 80  ASN A CG  1 
ATOM   653  O OD1 . ASN A 1 80  ? 11.148  8.455   -13.150 1.00 13.32 ? 80  ASN A OD1 1 
ATOM   654  N ND2 . ASN A 1 80  ? 13.144  8.311   -12.089 1.00 13.56 ? 80  ASN A ND2 1 
ATOM   655  N N   . SER A 1 81  ? 9.580   4.190   -10.341 1.00 10.70 ? 81  SER A N   1 
ATOM   656  C CA  . SER A 1 81  ? 9.286   2.794   -10.095 1.00 10.46 ? 81  SER A CA  1 
ATOM   657  C C   . SER A 1 81  ? 8.445   2.641   -8.855  1.00 10.55 ? 81  SER A C   1 
ATOM   658  O O   . SER A 1 81  ? 8.461   3.488   -7.963  1.00 10.42 ? 81  SER A O   1 
ATOM   659  C CB  . SER A 1 81  ? 10.566  1.979   -9.916  1.00 9.70  ? 81  SER A CB  1 
ATOM   660  O OG  . SER A 1 81  ? 11.255  2.345   -8.737  1.00 8.02  ? 81  SER A OG  1 
ATOM   661  N N   . LEU A 1 82  ? 7.797   1.490   -8.758  1.00 11.44 ? 82  LEU A N   1 
ATOM   662  C CA  . LEU A 1 82  ? 6.947   1.175   -7.621  1.00 11.02 ? 82  LEU A CA  1 
ATOM   663  C C   . LEU A 1 82  ? 7.827   1.079   -6.402  1.00 10.75 ? 82  LEU A C   1 
ATOM   664  O O   . LEU A 1 82  ? 7.464   1.530   -5.322  1.00 11.34 ? 82  LEU A O   1 
ATOM   665  C CB  . LEU A 1 82  ? 6.255   -0.150  -7.881  1.00 12.58 ? 82  LEU A CB  1 
ATOM   666  C CG  . LEU A 1 82  ? 5.111   -0.580  -6.992  1.00 14.67 ? 82  LEU A CG  1 
ATOM   667  C CD1 . LEU A 1 82  ? 4.022   0.489   -6.939  1.00 16.17 ? 82  LEU A CD1 1 
ATOM   668  C CD2 . LEU A 1 82  ? 4.579   -1.829  -7.599  1.00 15.37 ? 82  LEU A CD2 1 
ATOM   669  N N   . GLN A 1 83  ? 9.018   0.547   -6.605  1.00 10.31 ? 83  GLN A N   1 
ATOM   670  C CA  . GLN A 1 83  ? 9.991   0.403   -5.541  1.00 11.25 ? 83  GLN A CA  1 
ATOM   671  C C   . GLN A 1 83  ? 10.355  1.754   -4.922  1.00 9.66  ? 83  GLN A C   1 
ATOM   672  O O   . GLN A 1 83  ? 10.428  1.898   -3.699  1.00 8.63  ? 83  GLN A O   1 
ATOM   673  C CB  . GLN A 1 83  ? 11.244  -0.301  -6.065  1.00 13.86 ? 83  GLN A CB  1 
ATOM   674  C CG  . GLN A 1 83  ? 11.020  -1.812  -6.440  1.00 17.71 ? 83  GLN A CG  1 
ATOM   675  C CD  . GLN A 1 83  ? 10.353  -2.129  -7.827  1.00 18.03 ? 83  GLN A CD  1 
ATOM   676  O OE1 . GLN A 1 83  ? 10.317  -3.304  -8.232  1.00 20.69 ? 83  GLN A OE1 1 
ATOM   677  N NE2 . GLN A 1 83  ? 9.890   -1.114  -8.553  1.00 15.67 ? 83  GLN A NE2 1 
ATOM   678  N N   . GLN A 1 84  ? 10.577  2.758   -5.765  1.00 10.18 ? 84  GLN A N   1 
ATOM   679  C CA  . GLN A 1 84  ? 10.932  4.094   -5.264  1.00 10.69 ? 84  GLN A CA  1 
ATOM   680  C C   . GLN A 1 84  ? 9.754   4.731   -4.545  1.00 9.47  ? 84  GLN A C   1 
ATOM   681  O O   . GLN A 1 84  ? 9.919   5.454   -3.563  1.00 9.78  ? 84  GLN A O   1 
ATOM   682  C CB  . GLN A 1 84  ? 11.427  4.980   -6.416  1.00 10.85 ? 84  GLN A CB  1 
ATOM   683  C CG  . GLN A 1 84  ? 12.730  4.447   -6.993  1.00 14.52 ? 84  GLN A CG  1 
ATOM   684  C CD  . GLN A 1 84  ? 13.119  5.108   -8.304  1.00 16.96 ? 84  GLN A CD  1 
ATOM   685  O OE1 . GLN A 1 84  ? 12.371  5.061   -9.295  1.00 17.89 ? 84  GLN A OE1 1 
ATOM   686  N NE2 . GLN A 1 84  ? 14.287  5.750   -8.313  1.00 15.90 ? 84  GLN A NE2 1 
ATOM   687  N N   . LEU A 1 85  ? 8.556   4.419   -5.016  1.00 8.65  ? 85  LEU A N   1 
ATOM   688  C CA  . LEU A 1 85  ? 7.360   4.946   -4.395  1.00 8.18  ? 85  LEU A CA  1 
ATOM   689  C C   . LEU A 1 85  ? 7.258   4.380   -2.988  1.00 7.51  ? 85  LEU A C   1 
ATOM   690  O O   . LEU A 1 85  ? 7.036   5.116   -2.024  1.00 6.83  ? 85  LEU A O   1 
ATOM   691  C CB  . LEU A 1 85  ? 6.120   4.604   -5.238  1.00 6.95  ? 85  LEU A CB  1 
ATOM   692  C CG  . LEU A 1 85  ? 4.765   5.138   -4.741  1.00 9.17  ? 85  LEU A CG  1 
ATOM   693  C CD1 . LEU A 1 85  ? 3.757   5.366   -5.891  1.00 8.76  ? 85  LEU A CD1 1 
ATOM   694  C CD2 . LEU A 1 85  ? 4.190   4.156   -3.709  1.00 9.40  ? 85  LEU A CD2 1 
ATOM   695  N N   . VAL A 1 86  ? 7.440   3.071   -2.850  1.00 7.33  ? 86  VAL A N   1 
ATOM   696  C CA  . VAL A 1 86  ? 7.378   2.467   -1.530  1.00 8.57  ? 86  VAL A CA  1 
ATOM   697  C C   . VAL A 1 86  ? 8.471   3.045   -0.602  1.00 8.36  ? 86  VAL A C   1 
ATOM   698  O O   . VAL A 1 86  ? 8.189   3.382   0.564   1.00 8.17  ? 86  VAL A O   1 
ATOM   699  C CB  . VAL A 1 86  ? 7.482   0.932   -1.631  1.00 7.95  ? 86  VAL A CB  1 
ATOM   700  C CG1 . VAL A 1 86  ? 7.776   0.311   -0.286  1.00 8.61  ? 86  VAL A CG1 1 
ATOM   701  C CG2 . VAL A 1 86  ? 6.162   0.388   -2.197  1.00 8.62  ? 86  VAL A CG2 1 
ATOM   702  N N   . ALA A 1 87  ? 9.701   3.206   -1.117  1.00 8.97  ? 87  ALA A N   1 
ATOM   703  C CA  . ALA A 1 87  ? 10.790  3.755   -0.289  1.00 8.57  ? 87  ALA A CA  1 
ATOM   704  C C   . ALA A 1 87  ? 10.488  5.191   0.168   1.00 8.44  ? 87  ALA A C   1 
ATOM   705  O O   . ALA A 1 87  ? 10.755  5.552   1.328   1.00 8.39  ? 87  ALA A O   1 
ATOM   706  C CB  . ALA A 1 87  ? 12.142  3.684   -1.025  1.00 9.03  ? 87  ALA A CB  1 
ATOM   707  N N   . TYR A 1 88  ? 9.858   5.985   -0.703  1.00 7.58  ? 88  TYR A N   1 
ATOM   708  C CA  . TYR A 1 88  ? 9.516   7.378   -0.349  1.00 6.69  ? 88  TYR A CA  1 
ATOM   709  C C   . TYR A 1 88  ? 8.474   7.428   0.769   1.00 6.63  ? 88  TYR A C   1 
ATOM   710  O O   . TYR A 1 88  ? 8.625   8.171   1.756   1.00 5.88  ? 88  TYR A O   1 
ATOM   711  C CB  . TYR A 1 88  ? 8.970   8.105   -1.572  1.00 6.90  ? 88  TYR A CB  1 
ATOM   712  C CG  . TYR A 1 88  ? 8.434   9.474   -1.272  1.00 6.24  ? 88  TYR A CG  1 
ATOM   713  C CD1 . TYR A 1 88  ? 9.223   10.612  -1.434  1.00 8.32  ? 88  TYR A CD1 1 
ATOM   714  C CD2 . TYR A 1 88  ? 7.113   9.641   -0.854  1.00 7.93  ? 88  TYR A CD2 1 
ATOM   715  C CE1 . TYR A 1 88  ? 8.692   11.908  -1.178  1.00 8.27  ? 88  TYR A CE1 1 
ATOM   716  C CE2 . TYR A 1 88  ? 6.576   10.914  -0.596  1.00 7.60  ? 88  TYR A CE2 1 
ATOM   717  C CZ  . TYR A 1 88  ? 7.374   12.048  -0.759  1.00 8.16  ? 88  TYR A CZ  1 
ATOM   718  O OH  . TYR A 1 88  ? 6.863   13.287  -0.446  1.00 9.17  ? 88  TYR A OH  1 
ATOM   719  N N   . TYR A 1 89  ? 7.404   6.641   0.611   1.00 6.90  ? 89  TYR A N   1 
ATOM   720  C CA  . TYR A 1 89  ? 6.320   6.610   1.598   1.00 6.65  ? 89  TYR A CA  1 
ATOM   721  C C   . TYR A 1 89  ? 6.686   5.895   2.889   1.00 7.31  ? 89  TYR A C   1 
ATOM   722  O O   . TYR A 1 89  ? 5.904   5.870   3.832   1.00 7.18  ? 89  TYR A O   1 
ATOM   723  C CB  . TYR A 1 89  ? 5.022   6.081   0.984   1.00 6.41  ? 89  TYR A CB  1 
ATOM   724  C CG  . TYR A 1 89  ? 4.354   7.089   0.089   1.00 5.42  ? 89  TYR A CG  1 
ATOM   725  C CD1 . TYR A 1 89  ? 4.286   6.897   -1.304  1.00 6.03  ? 89  TYR A CD1 1 
ATOM   726  C CD2 . TYR A 1 89  ? 3.840   8.275   0.609   1.00 5.71  ? 89  TYR A CD2 1 
ATOM   727  C CE1 . TYR A 1 89  ? 3.736   7.863   -2.133  1.00 6.12  ? 89  TYR A CE1 1 
ATOM   728  C CE2 . TYR A 1 89  ? 3.280   9.247   -0.233  1.00 5.84  ? 89  TYR A CE2 1 
ATOM   729  C CZ  . TYR A 1 89  ? 3.241   9.023   -1.600  1.00 5.93  ? 89  TYR A CZ  1 
ATOM   730  O OH  . TYR A 1 89  ? 2.718   9.991   -2.418  1.00 7.79  ? 89  TYR A OH  1 
ATOM   731  N N   . SER A 1 90  ? 7.866   5.284   2.915   1.00 7.93  ? 90  SER A N   1 
ATOM   732  C CA  . SER A 1 90  ? 8.381   4.641   4.138   1.00 9.41  ? 90  SER A CA  1 
ATOM   733  C C   . SER A 1 90  ? 9.062   5.736   4.983   1.00 9.79  ? 90  SER A C   1 
ATOM   734  O O   . SER A 1 90  ? 9.338   5.557   6.176   1.00 11.07 ? 90  SER A O   1 
ATOM   735  C CB  . SER A 1 90  ? 9.389   3.535   3.787   1.00 8.52  ? 90  SER A CB  1 
ATOM   736  O OG  . SER A 1 90  ? 8.754   2.454   3.114   1.00 9.49  ? 90  SER A OG  1 
ATOM   737  N N   . LYS A 1 91  ? 9.304   6.888   4.360   1.00 9.71  ? 91  LYS A N   1 
ATOM   738  C CA  . LYS A 1 91  ? 9.937   8.024   5.039   1.00 11.02 ? 91  LYS A CA  1 
ATOM   739  C C   . LYS A 1 91  ? 8.975   9.181   5.289   1.00 9.94  ? 91  LYS A C   1 
ATOM   740  O O   . LYS A 1 91  ? 9.073   9.874   6.285   1.00 11.45 ? 91  LYS A O   1 
ATOM   741  C CB  . LYS A 1 91  ? 11.099  8.519   4.190   1.00 12.76 ? 91  LYS A CB  1 
ATOM   742  C CG  . LYS A 1 91  ? 12.164  7.480   3.945   1.00 17.44 ? 91  LYS A CG  1 
ATOM   743  C CD  . LYS A 1 91  ? 13.062  7.356   5.192   1.00 21.99 ? 91  LYS A CD  1 
ATOM   744  C CE  . LYS A 1 91  ? 14.398  6.714   4.824   1.00 23.97 ? 91  LYS A CE  1 
ATOM   745  N NZ  . LYS A 1 91  ? 15.464  7.328   5.680   1.00 29.15 ? 91  LYS A NZ  1 
ATOM   746  N N   . HIS A 1 92  ? 7.996   9.347   4.406   1.00 8.81  ? 92  HIS A N   1 
ATOM   747  C CA  . HIS A 1 92  ? 7.014   10.430  4.490   1.00 9.03  ? 92  HIS A CA  1 
ATOM   748  C C   . HIS A 1 92  ? 5.591   9.928   4.625   1.00 8.38  ? 92  HIS A C   1 
ATOM   749  O O   . HIS A 1 92  ? 5.152   9.115   3.816   1.00 9.22  ? 92  HIS A O   1 
ATOM   750  C CB  . HIS A 1 92  ? 7.018   11.250  3.218   1.00 9.20  ? 92  HIS A CB  1 
ATOM   751  C CG  . HIS A 1 92  ? 8.372   11.750  2.830   1.00 11.15 ? 92  HIS A CG  1 
ATOM   752  N ND1 . HIS A 1 92  ? 8.771   13.056  3.035   1.00 11.31 ? 92  HIS A ND1 1 
ATOM   753  C CD2 . HIS A 1 92  ? 9.416   11.129  2.226   1.00 10.21 ? 92  HIS A CD2 1 
ATOM   754  C CE1 . HIS A 1 92  ? 9.992   13.220  2.570   1.00 11.13 ? 92  HIS A CE1 1 
ATOM   755  N NE2 . HIS A 1 92  ? 10.406  12.064  2.080   1.00 11.13 ? 92  HIS A NE2 1 
ATOM   756  N N   . ALA A 1 93  ? 4.859   10.420  5.617   1.00 8.29  ? 93  ALA A N   1 
ATOM   757  C CA  . ALA A 1 93  ? 3.467   10.011  5.735   1.00 7.79  ? 93  ALA A CA  1 
ATOM   758  C C   . ALA A 1 93  ? 2.683   10.766  4.678   1.00 7.80  ? 93  ALA A C   1 
ATOM   759  O O   . ALA A 1 93  ? 1.827   10.184  4.045   1.00 7.20  ? 93  ALA A O   1 
ATOM   760  C CB  . ALA A 1 93  ? 2.883   10.325  7.115   1.00 6.00  ? 93  ALA A CB  1 
ATOM   761  N N   . ASP A 1 94  ? 3.014   12.054  4.458   1.00 7.41  ? 94  ASP A N   1 
ATOM   762  C CA  . ASP A 1 94  ? 2.289   12.900  3.507   1.00 7.75  ? 94  ASP A CA  1 
ATOM   763  C C   . ASP A 1 94  ? 0.786   12.769  3.822   1.00 7.69  ? 94  ASP A C   1 
ATOM   764  O O   . ASP A 1 94  ? 0.376   13.036  4.962   1.00 7.78  ? 94  ASP A O   1 
ATOM   765  C CB  . ASP A 1 94  ? 2.650   12.575  2.017   1.00 7.22  ? 94  ASP A CB  1 
ATOM   766  C CG  . ASP A 1 94  ? 4.034   13.115  1.612   1.00 7.65  ? 94  ASP A CG  1 
ATOM   767  O OD1 . ASP A 1 94  ? 4.744   13.660  2.505   1.00 7.46  ? 94  ASP A OD1 1 
ATOM   768  O OD2 . ASP A 1 94  ? 4.396   13.008  0.421   1.00 6.42  ? 94  ASP A OD2 1 
ATOM   769  N N   . GLY A 1 95  ? -0.024  12.353  2.849   1.00 7.37  ? 95  GLY A N   1 
ATOM   770  C CA  . GLY A 1 95  ? -1.457  12.219  3.097   1.00 7.93  ? 95  GLY A CA  1 
ATOM   771  C C   . GLY A 1 95  ? -1.940  10.829  3.507   1.00 8.26  ? 95  GLY A C   1 
ATOM   772  O O   . GLY A 1 95  ? -3.142  10.620  3.677   1.00 8.16  ? 95  GLY A O   1 
ATOM   773  N N   . LEU A 1 96  ? -1.014  9.895   3.690   1.00 7.58  ? 96  LEU A N   1 
ATOM   774  C CA  . LEU A 1 96  ? -1.355  8.529   4.096   1.00 7.25  ? 96  LEU A CA  1 
ATOM   775  C C   . LEU A 1 96  ? -1.627  8.459   5.589   1.00 7.71  ? 96  LEU A C   1 
ATOM   776  O O   . LEU A 1 96  ? -1.123  9.263   6.369   1.00 7.09  ? 96  LEU A O   1 
ATOM   777  C CB  . LEU A 1 96  ? -0.208  7.575   3.786   1.00 8.17  ? 96  LEU A CB  1 
ATOM   778  C CG  . LEU A 1 96  ? 0.351   7.512   2.354   1.00 7.11  ? 96  LEU A CG  1 
ATOM   779  C CD1 . LEU A 1 96  ? 1.390   6.388   2.276   1.00 7.45  ? 96  LEU A CD1 1 
ATOM   780  C CD2 . LEU A 1 96  ? -0.767  7.337   1.326   1.00 8.80  ? 96  LEU A CD2 1 
ATOM   781  N N   . CYS A 1 97  ? -2.343  7.422   5.988   1.00 7.07  ? 97  CYS A N   1 
ATOM   782  C CA  . CYS A 1 97  ? -2.649  7.232   7.392   1.00 7.77  ? 97  CYS A CA  1 
ATOM   783  C C   . CYS A 1 97  ? -1.379  7.035   8.266   1.00 7.25  ? 97  CYS A C   1 
ATOM   784  O O   . CYS A 1 97  ? -1.372  7.361   9.471   1.00 7.88  ? 97  CYS A O   1 
ATOM   785  C CB  . CYS A 1 97  ? -3.636  6.059   7.545   1.00 8.82  ? 97  CYS A CB  1 
ATOM   786  S SG  . CYS A 1 97  ? -3.041  4.454   6.975   1.00 9.19  ? 97  CYS A SG  1 
ATOM   787  N N   . HIS A 1 98  ? -0.294  6.566   7.658   1.00 8.20  ? 98  HIS A N   1 
ATOM   788  C CA  . HIS A 1 98  ? 0.943   6.325   8.375   1.00 7.34  ? 98  HIS A CA  1 
ATOM   789  C C   . HIS A 1 98  ? 2.013   6.056   7.353   1.00 9.50  ? 98  HIS A C   1 
ATOM   790  O O   . HIS A 1 98  ? 1.703   5.608   6.239   1.00 9.36  ? 98  HIS A O   1 
ATOM   791  C CB  . HIS A 1 98  ? 0.828   5.092   9.280   1.00 7.52  ? 98  HIS A CB  1 
ATOM   792  C CG  . HIS A 1 98  ? 1.871   5.028   10.361  1.00 8.22  ? 98  HIS A CG  1 
ATOM   793  N ND1 . HIS A 1 98  ? 3.120   4.487   10.158  1.00 8.61  ? 98  HIS A ND1 1 
ATOM   794  C CD2 . HIS A 1 98  ? 1.867   5.494   11.629  1.00 9.19  ? 98  HIS A CD2 1 
ATOM   795  C CE1 . HIS A 1 98  ? 3.843   4.638   11.251  1.00 10.21 ? 98  HIS A CE1 1 
ATOM   796  N NE2 . HIS A 1 98  ? 3.107   5.242   12.160  1.00 8.87  ? 98  HIS A NE2 1 
ATOM   797  N N   . ARG A 1 99  ? 3.275   6.316   7.724   1.00 8.91  ? 99  ARG A N   1 
ATOM   798  C CA  . ARG A 1 99  ? 4.378   6.023   6.825   1.00 7.86  ? 99  ARG A CA  1 
ATOM   799  C C   . ARG A 1 99  ? 4.407   4.479   6.798   1.00 7.25  ? 99  ARG A C   1 
ATOM   800  O O   . ARG A 1 99  ? 3.932   3.818   7.754   1.00 5.79  ? 99  ARG A O   1 
ATOM   801  C CB  . ARG A 1 99  ? 5.703   6.601   7.378   1.00 9.64  ? 99  ARG A CB  1 
ATOM   802  C CG  . ARG A 1 99  ? 6.358   5.782   8.481   1.00 11.26 ? 99  ARG A CG  1 
ATOM   803  C CD  . ARG A 1 99  ? 7.824   6.202   8.796   1.00 12.49 ? 99  ARG A CD  1 
ATOM   804  N NE  . ARG A 1 99  ? 8.403   5.332   9.842   1.00 14.19 ? 99  ARG A NE  1 
ATOM   805  C CZ  . ARG A 1 99  ? 9.194   4.269   9.642   1.00 13.18 ? 99  ARG A CZ  1 
ATOM   806  N NH1 . ARG A 1 99  ? 9.588   3.892   8.424   1.00 12.75 ? 99  ARG A NH1 1 
ATOM   807  N NH2 . ARG A 1 99  ? 9.458   3.469   10.671  1.00 14.00 ? 99  ARG A NH2 1 
ATOM   808  N N   . LEU A 1 100 ? 4.864   3.920   5.684   1.00 6.62  ? 100 LEU A N   1 
ATOM   809  C CA  . LEU A 1 100 ? 4.981   2.470   5.524   1.00 7.10  ? 100 LEU A CA  1 
ATOM   810  C C   . LEU A 1 100 ? 6.107   2.027   6.454   1.00 8.47  ? 100 LEU A C   1 
ATOM   811  O O   . LEU A 1 100 ? 7.207   2.611   6.471   1.00 9.36  ? 100 LEU A O   1 
ATOM   812  C CB  . LEU A 1 100 ? 5.309   2.091   4.055   1.00 6.91  ? 100 LEU A CB  1 
ATOM   813  C CG  . LEU A 1 100 ? 4.356   2.755   3.053   1.00 4.56  ? 100 LEU A CG  1 
ATOM   814  C CD1 . LEU A 1 100 ? 4.653   2.411   1.584   1.00 5.86  ? 100 LEU A CD1 1 
ATOM   815  C CD2 . LEU A 1 100 ? 2.923   2.422   3.418   1.00 5.73  ? 100 LEU A CD2 1 
ATOM   816  N N   . THR A 1 101 ? 5.826   1.010   7.245   1.00 8.00  ? 101 THR A N   1 
ATOM   817  C CA  . THR A 1 101 ? 6.798   0.486   8.169   1.00 9.73  ? 101 THR A CA  1 
ATOM   818  C C   . THR A 1 101 ? 7.250   -0.964  7.911   1.00 11.40 ? 101 THR A C   1 
ATOM   819  O O   . THR A 1 101 ? 8.356   -1.187  7.412   1.00 14.91 ? 101 THR A O   1 
ATOM   820  C CB  . THR A 1 101 ? 6.284   0.609   9.648   1.00 9.14  ? 101 THR A CB  1 
ATOM   821  O OG1 . THR A 1 101 ? 5.046   -0.104  9.791   1.00 8.50  ? 101 THR A OG1 1 
ATOM   822  C CG2 . THR A 1 101 ? 6.042   2.073   10.026  1.00 8.50  ? 101 THR A CG2 1 
ATOM   823  N N   . THR A 1 102 ? 6.321   -1.912  8.023   1.00 11.09 ? 102 THR A N   1 
ATOM   824  C CA  . THR A 1 102 ? 6.648   -3.342  7.972   1.00 11.91 ? 102 THR A CA  1 
ATOM   825  C C   . THR A 1 102 ? 5.813   -4.047  6.893   1.00 9.80  ? 102 THR A C   1 
ATOM   826  O O   . THR A 1 102 ? 4.663   -3.690  6.713   1.00 7.73  ? 102 THR A O   1 
ATOM   827  C CB  . THR A 1 102 ? 6.375   -3.920  9.464   1.00 13.78 ? 102 THR A CB  1 
ATOM   828  O OG1 . THR A 1 102 ? 6.123   -5.326  9.471   1.00 19.06 ? 102 THR A OG1 1 
ATOM   829  C CG2 . THR A 1 102 ? 5.186   -3.213  10.115  1.00 15.36 ? 102 THR A CG2 1 
ATOM   830  N N   . VAL A 1 103 ? 6.407   -4.979  6.136   1.00 9.46  ? 103 VAL A N   1 
ATOM   831  C CA  . VAL A 1 103 ? 5.661   -5.723  5.117   1.00 9.49  ? 103 VAL A CA  1 
ATOM   832  C C   . VAL A 1 103 ? 4.693   -6.668  5.857   1.00 10.07 ? 103 VAL A C   1 
ATOM   833  O O   . VAL A 1 103 ? 5.061   -7.306  6.857   1.00 9.19  ? 103 VAL A O   1 
ATOM   834  C CB  . VAL A 1 103 ? 6.596   -6.532  4.198   1.00 9.88  ? 103 VAL A CB  1 
ATOM   835  C CG1 . VAL A 1 103 ? 5.827   -7.345  3.213   1.00 10.44 ? 103 VAL A CG1 1 
ATOM   836  C CG2 . VAL A 1 103 ? 7.522   -5.563  3.463   1.00 9.96  ? 103 VAL A CG2 1 
ATOM   837  N N   . CYS A 1 104 ? 3.444   -6.685  5.418   1.00 9.51  ? 104 CYS A N   1 
ATOM   838  C CA  . CYS A 1 104 ? 2.447   -7.543  6.047   1.00 10.24 ? 104 CYS A CA  1 
ATOM   839  C C   . CYS A 1 104 ? 2.807   -9.029  6.037   1.00 10.65 ? 104 CYS A C   1 
ATOM   840  O O   . CYS A 1 104 ? 3.194   -9.580  5.001   1.00 11.31 ? 104 CYS A O   1 
ATOM   841  C CB  . CYS A 1 104 ? 1.092   -7.362  5.362   1.00 10.19 ? 104 CYS A CB  1 
ATOM   842  S SG  . CYS A 1 104 ? -0.301  -8.127  6.265   1.00 10.13 ? 104 CYS A SG  1 
ATOM   843  N N   . PRO A 1 105 ? 2.805   -9.660  7.218   1.00 10.56 ? 105 PRO A N   1 
ATOM   844  C CA  . PRO A 1 105 ? 3.103   -11.082 7.348   1.00 11.62 ? 105 PRO A CA  1 
ATOM   845  C C   . PRO A 1 105 ? 1.927   -11.868 6.719   1.00 13.49 ? 105 PRO A C   1 
ATOM   846  O O   . PRO A 1 105 ? 0.777   -11.428 6.782   1.00 12.29 ? 105 PRO A O   1 
ATOM   847  C CB  . PRO A 1 105 ? 3.047   -11.308 8.865   1.00 12.20 ? 105 PRO A CB  1 
ATOM   848  C CG  . PRO A 1 105 ? 3.264   -9.978  9.467   1.00 11.48 ? 105 PRO A CG  1 
ATOM   849  C CD  . PRO A 1 105 ? 2.604   -9.025  8.539   1.00 11.17 ? 105 PRO A CD  1 
ATOM   850  N N   . THR A 1 106 ? 2.198   -13.032 6.150   1.00 16.23 ? 106 THR A N   1 
ATOM   851  C CA  . THR A 1 106 ? 1.119   -13.857 5.603   1.00 20.24 ? 106 THR A CA  1 
ATOM   852  C C   . THR A 1 106 ? 0.606   -14.821 6.702   1.00 21.89 ? 106 THR A C   1 
ATOM   853  O O   . THR A 1 106 ? 1.315   -15.023 7.731   1.00 23.24 ? 106 THR A O   1 
ATOM   854  C CB  . THR A 1 106 ? 1.604   -14.686 4.393   1.00 21.39 ? 106 THR A CB  1 
ATOM   855  O OG1 . THR A 1 106 ? 2.815   -15.366 4.746   1.00 22.97 ? 106 THR A OG1 1 
ATOM   856  C CG2 . THR A 1 106 ? 1.857   -13.789 3.189   1.00 22.08 ? 106 THR A CG2 1 
HETATM 857  C C1  A I59 B 2 .   ? -13.769 2.205   -7.769  0.25 54.32 ? 300 I59 A C1  1 
HETATM 858  C C1  B I59 B 2 .   ? -14.480 2.457   -6.568  0.25 56.13 ? 300 I59 A C1  1 
HETATM 859  C C2  A I59 B 2 .   ? -13.510 2.763   -6.488  0.25 53.89 ? 300 I59 A C2  1 
HETATM 860  C C2  B I59 B 2 .   ? -13.786 1.870   -7.664  0.25 55.96 ? 300 I59 A C2  1 
HETATM 861  C C3  A I59 B 2 .   ? -12.590 2.116   -5.637  0.25 53.29 ? 300 I59 A C3  1 
HETATM 862  C C3  B I59 B 2 .   ? -12.705 0.978   -7.434  0.25 55.62 ? 300 I59 A C3  1 
HETATM 863  C C4  A I59 B 2 .   ? -11.904 0.887   -6.077  0.25 53.00 ? 300 I59 A C4  1 
HETATM 864  C C4  B I59 B 2 .   ? -12.268 0.647   -6.060  0.25 55.28 ? 300 I59 A C4  1 
HETATM 865  C C5  A I59 B 2 .   ? -12.202 0.349   -7.371  0.25 53.66 ? 300 I59 A C5  1 
HETATM 866  C C5  B I59 B 2 .   ? -12.992 1.236   -4.954  0.25 55.72 ? 300 I59 A C5  1 
HETATM 867  C C6  A I59 B 2 .   ? -13.132 1.018   -8.204  0.25 54.12 ? 300 I59 A C6  1 
HETATM 868  C C6  B I59 B 2 .   ? -14.077 2.131   -5.238  0.25 55.95 ? 300 I59 A C6  1 
HETATM 869  C C7  A I59 B 2 .   ? -12.308 2.677   -4.374  0.25 53.03 ? 300 I59 A C7  1 
HETATM 870  C C7  B I59 B 2 .   ? -12.058 0.368   -8.534  0.25 55.60 ? 300 I59 A C7  1 
HETATM 871  C C8  A I59 B 2 .   ? -11.352 2.061   -3.557  0.25 52.50 ? 300 I59 A C8  1 
HETATM 872  C C8  B I59 B 2 .   ? -11.032 -0.582  -8.311  0.25 55.16 ? 300 I59 A C8  1 
HETATM 873  C C9  A I59 B 2 .   ? -10.673 0.880   -3.988  0.25 52.24 ? 300 I59 A C9  1 
HETATM 874  C C9  B I59 B 2 .   ? -10.593 -0.907  -7.045  0.25 54.63 ? 300 I59 A C9  1 
HETATM 875  C C10 A I59 B 2 .   ? -10.926 0.263   -5.233  0.25 51.59 ? 300 I59 A C10 1 
HETATM 876  C C10 B I59 B 2 .   ? -11.160 -0.295  -5.935  0.25 54.25 ? 300 I59 A C10 1 
HETATM 877  C C11 A I59 B 2 .   ? -10.214 -0.978  -5.677  0.25 49.70 ? 300 I59 A C11 1 
HETATM 878  C C11 B I59 B 2 .   ? -10.267 -0.576  -4.811  0.25 52.66 ? 300 I59 A C11 1 
HETATM 879  O O12 A I59 B 2 .   ? -8.913  -0.721  -6.236  0.25 49.34 ? 300 I59 A O12 1 
HETATM 880  O O12 B I59 B 2 .   ? -10.259 0.419   -3.770  0.25 52.91 ? 300 I59 A O12 1 
HETATM 881  P P13 A I59 B 2 .   ? -10.229 -2.326  -4.443  0.25 47.91 ? 300 I59 A P13 1 
HETATM 882  P P13 B I59 B 2 .   ? -10.315 -2.278  -4.240  0.25 51.18 ? 300 I59 A P13 1 
HETATM 883  O O15 A I59 B 2 .   ? -11.704 -2.830  -4.498  0.25 48.47 ? 300 I59 A O15 1 
HETATM 884  O O15 B I59 B 2 .   ? -11.791 -2.804  -4.377  0.25 51.50 ? 300 I59 A O15 1 
HETATM 885  O O16 A I59 B 2 .   ? -9.796  -1.948  -3.113  0.25 47.89 ? 300 I59 A O16 1 
HETATM 886  O O16 B I59 B 2 .   ? -9.815  -2.293  -2.896  0.25 51.06 ? 300 I59 A O16 1 
HETATM 887  O O17 A I59 B 2 .   ? -9.413  -3.491  -4.981  0.25 47.57 ? 300 I59 A O17 1 
HETATM 888  O O17 B I59 B 2 .   ? -9.481  -3.196  -5.118  0.25 50.70 ? 300 I59 A O17 1 
HETATM 889  O O   . HOH C 3 .   ? 4.637   1.790   13.453  1.00 8.21  ? 301 HOH A O   1 
HETATM 890  O O   . HOH C 3 .   ? -3.535  8.617   10.529  1.00 12.14 ? 302 HOH A O   1 
HETATM 891  O O   . HOH C 3 .   ? 2.393   12.505  -1.352  1.00 7.11  ? 303 HOH A O   1 
HETATM 892  O O   . HOH C 3 .   ? -7.958  -12.910 -2.177  1.00 10.78 ? 304 HOH A O   1 
HETATM 893  O O   . HOH C 3 .   ? -1.761  -0.906  12.551  1.00 9.47  ? 305 HOH A O   1 
HETATM 894  O O   . HOH C 3 .   ? -1.668  -1.639  15.494  1.00 12.54 ? 306 HOH A O   1 
HETATM 895  O O   . HOH C 3 .   ? 11.785  -4.512  -0.431  1.00 21.50 ? 307 HOH A O   1 
HETATM 896  O O   . HOH C 3 .   ? -14.314 -4.825  -2.678  1.00 15.65 ? 308 HOH A O   1 
HETATM 897  O O   . HOH C 3 .   ? -4.475  7.566   -6.461  1.00 12.77 ? 309 HOH A O   1 
HETATM 898  O O   . HOH C 3 .   ? -15.204 -5.057  -6.321  1.00 10.75 ? 310 HOH A O   1 
HETATM 899  O O   . HOH C 3 .   ? 6.287   16.004  -4.519  1.00 11.07 ? 311 HOH A O   1 
HETATM 900  O O   . HOH C 3 .   ? 7.859   15.001  -2.514  1.00 12.18 ? 312 HOH A O   1 
HETATM 901  O O   . HOH C 3 .   ? 12.787  4.554   2.512   1.00 18.18 ? 313 HOH A O   1 
HETATM 902  O O   . HOH C 3 .   ? 2.380   15.094  -2.397  1.00 9.42  ? 314 HOH A O   1 
HETATM 903  O O   . HOH C 3 .   ? -4.466  10.420  6.253   1.00 10.65 ? 315 HOH A O   1 
HETATM 904  O O   . HOH C 3 .   ? -7.835  -10.729 10.629  1.00 20.87 ? 316 HOH A O   1 
HETATM 905  O O   . HOH C 3 .   ? 9.974   0.071   3.832   1.00 22.31 ? 317 HOH A O   1 
HETATM 906  O O   . HOH C 3 .   ? -11.534 -1.647  7.114   1.00 20.48 ? 318 HOH A O   1 
HETATM 907  O O   . HOH C 3 .   ? -12.888 -7.071  5.774   1.00 17.32 ? 319 HOH A O   1 
HETATM 908  O O   . HOH C 3 .   ? -11.571 -9.213  6.321   1.00 24.69 ? 320 HOH A O   1 
HETATM 909  O O   . HOH C 3 .   ? -7.686  -7.035  -5.823  1.00 33.37 ? 321 HOH A O   1 
HETATM 910  O O   . HOH C 3 .   ? 9.933   1.892   6.937   1.00 34.48 ? 322 HOH A O   1 
HETATM 911  O O   . HOH C 3 .   ? 14.503  5.593   -3.587  1.00 16.89 ? 323 HOH A O   1 
HETATM 912  O O   . HOH C 3 .   ? -8.043  -9.178  -7.173  1.00 21.19 ? 324 HOH A O   1 
HETATM 913  O O   . HOH C 3 .   ? -7.433  -7.880  -9.613  1.00 14.12 ? 325 HOH A O   1 
HETATM 914  O O   . HOH C 3 .   ? -4.806  7.330   13.011  1.00 26.10 ? 326 HOH A O   1 
HETATM 915  O O   . HOH C 3 .   ? -13.211 -1.882  3.428   1.00 27.35 ? 327 HOH A O   1 
HETATM 916  O O   . HOH C 3 .   ? 10.218  -8.199  3.873   1.00 34.95 ? 328 HOH A O   1 
HETATM 917  O O   . HOH C 3 .   ? -10.248 -13.636 2.190   1.00 15.25 ? 329 HOH A O   1 
HETATM 918  O O   . HOH C 3 .   ? -1.018  -11.086 8.879   1.00 13.27 ? 330 HOH A O   1 
HETATM 919  O O   . HOH C 3 .   ? -4.942  -12.027 10.507  1.00 22.92 ? 331 HOH A O   1 
HETATM 920  O O   . HOH C 3 .   ? -11.209 -2.177  11.731  1.00 31.95 ? 332 HOH A O   1 
HETATM 921  O O   . HOH C 3 .   ? 11.685  -2.554  -2.676  1.00 24.78 ? 333 HOH A O   1 
HETATM 922  O O   . HOH C 3 .   ? 5.613   -11.080 -4.964  1.00 26.97 ? 334 HOH A O   1 
HETATM 923  O O   . HOH C 3 .   ? 15.351  6.607   -11.180 1.00 22.88 ? 335 HOH A O   1 
HETATM 924  O O   . HOH C 3 .   ? -6.928  5.228   9.481   1.00 21.69 ? 336 HOH A O   1 
HETATM 925  O O   . HOH C 3 .   ? 4.901   -11.347 4.438   1.00 20.24 ? 337 HOH A O   1 
HETATM 926  O O   . HOH C 3 .   ? 6.397   7.016   11.671  1.00 19.91 ? 338 HOH A O   1 
HETATM 927  O O   . HOH C 3 .   ? -6.468  7.428   -8.641  1.00 29.53 ? 339 HOH A O   1 
HETATM 928  O O   . HOH C 3 .   ? -10.874 1.480   4.439   1.00 15.48 ? 340 HOH A O   1 
HETATM 929  O O   . HOH C 3 .   ? 2.121   -11.279 12.811  1.00 28.84 ? 341 HOH A O   1 
HETATM 930  O O   . HOH C 3 .   ? 11.490  -0.083  -2.073  1.00 26.69 ? 342 HOH A O   1 
HETATM 931  O O   . HOH C 3 .   ? -6.529  7.893   -11.444 1.00 33.38 ? 343 HOH A O   1 
HETATM 932  O O   . HOH C 3 .   ? 9.563   -5.628  6.346   1.00 15.56 ? 344 HOH A O   1 
HETATM 933  O O   . HOH C 3 .   ? -5.431  -10.710 15.758  1.00 20.58 ? 345 HOH A O   1 
HETATM 934  O O   . HOH C 3 .   ? -10.043 2.671   8.024   1.00 18.92 ? 346 HOH A O   1 
HETATM 935  O O   . HOH C 3 .   ? 6.145   -11.159 2.080   1.00 27.69 ? 347 HOH A O   1 
HETATM 936  O O   . HOH C 3 .   ? -4.387  18.245  -4.799  1.00 29.26 ? 348 HOH A O   1 
HETATM 937  O O   . HOH C 3 .   ? 6.677   3.925   13.663  1.00 52.91 ? 349 HOH A O   1 
HETATM 938  O O   . HOH C 3 .   ? 14.543  2.523   -4.394  1.00 36.93 ? 350 HOH A O   1 
HETATM 939  O O   . HOH C 3 .   ? 6.780   -9.380  6.357   1.00 31.17 ? 351 HOH A O   1 
HETATM 940  O O   . HOH C 3 .   ? -2.260  22.352  -4.530  1.00 27.97 ? 352 HOH A O   1 
HETATM 941  O O   . HOH C 3 .   ? -4.138  9.806   0.495   1.00 39.82 ? 353 HOH A O   1 
HETATM 942  O O   . HOH C 3 .   ? 14.357  3.275   -11.485 1.00 40.98 ? 354 HOH A O   1 
HETATM 943  O O   . HOH C 3 .   ? 0.241   17.085  -10.970 1.00 33.97 ? 355 HOH A O   1 
HETATM 944  O O   . HOH C 3 .   ? 2.658   -11.852 -5.577  1.00 31.01 ? 356 HOH A O   1 
HETATM 945  O O   . HOH C 3 .   ? 3.014   8.079   12.946  1.00 20.55 ? 357 HOH A O   1 
HETATM 946  O O   . HOH C 3 .   ? -8.458  6.038   1.513   1.00 39.17 ? 358 HOH A O   1 
HETATM 947  O O   . HOH C 3 .   ? -6.163  -14.940 -5.669  1.00 41.76 ? 359 HOH A O   1 
HETATM 948  O O   . HOH C 3 .   ? -6.686  -11.904 13.500  1.00 30.94 ? 360 HOH A O   1 
HETATM 949  O O   . HOH C 3 .   ? -2.469  11.199  -0.928  1.00 37.48 ? 361 HOH A O   1 
HETATM 950  O O   . HOH C 3 .   ? 3.777   16.280  -11.662 1.00 26.67 ? 362 HOH A O   1 
HETATM 951  O O   . HOH C 3 .   ? -9.674  -12.604 10.524  1.00 37.16 ? 363 HOH A O   1 
HETATM 952  O O   . HOH C 3 .   ? 5.775   18.272  -8.398  1.00 38.83 ? 364 HOH A O   1 
HETATM 953  O O   . HOH C 3 .   ? 11.400  1.521   -14.537 1.00 38.80 ? 365 HOH A O   1 
HETATM 954  O O   . HOH C 3 .   ? 0.251   -10.050 11.193  1.00 21.30 ? 366 HOH A O   1 
HETATM 955  O O   . HOH C 3 .   ? -3.018  -13.673 0.627   1.00 48.67 ? 367 HOH A O   1 
HETATM 956  O O   . HOH C 3 .   ? -6.345  -9.551  -12.605 1.00 15.81 ? 368 HOH A O   1 
HETATM 957  O O   . HOH C 3 .   ? -0.682  -14.025 14.296  1.00 40.02 ? 369 HOH A O   1 
HETATM 958  O O   . HOH C 3 .   ? 3.493   -12.426 -1.417  1.00 35.01 ? 370 HOH A O   1 
HETATM 959  O O   . HOH C 3 .   ? -11.850 -13.369 4.521   1.00 20.79 ? 371 HOH A O   1 
HETATM 960  O O   . HOH C 3 .   ? -3.195  5.752   21.275  1.00 44.30 ? 372 HOH A O   1 
HETATM 961  O O   . HOH C 3 .   ? -3.018  -12.059 -12.089 1.00 28.53 ? 373 HOH A O   1 
HETATM 962  O O   . HOH C 3 .   ? -7.852  8.769   3.256   1.00 27.57 ? 374 HOH A O   1 
HETATM 963  O O   . HOH C 3 .   ? -3.043  -11.777 16.559  1.00 35.47 ? 375 HOH A O   1 
HETATM 964  O O   . HOH C 3 .   ? -0.589  21.633  -9.624  1.00 33.77 ? 376 HOH A O   1 
HETATM 965  O O   . HOH C 3 .   ? 6.497   14.388  -9.012  1.00 7.93  ? 377 HOH A O   1 
HETATM 966  O O   . HOH C 3 .   ? -10.642 7.422   4.411   1.00 19.75 ? 378 HOH A O   1 
HETATM 967  O O   . HOH C 3 .   ? -5.786  8.088   4.895   1.00 15.13 ? 379 HOH A O   1 
HETATM 968  O O   . HOH C 3 .   ? 6.794   14.954  4.319   1.00 16.57 ? 380 HOH A O   1 
HETATM 969  O O   . HOH C 3 .   ? -2.396  -3.816  17.262  1.00 13.38 ? 381 HOH A O   1 
HETATM 970  O O   . HOH C 3 .   ? 3.434   -7.395  11.852  1.00 22.49 ? 382 HOH A O   1 
HETATM 971  O O   . HOH C 3 .   ? -7.607  -14.839 9.713   1.00 28.96 ? 383 HOH A O   1 
HETATM 972  O O   . HOH C 3 .   ? -5.917  6.516   -3.269  1.00 19.75 ? 384 HOH A O   1 
HETATM 973  O O   . HOH C 3 .   ? 3.201   5.420   14.987  1.00 16.62 ? 385 HOH A O   1 
HETATM 974  O O   . HOH C 3 .   ? -0.882  -12.517 -8.304  1.00 25.09 ? 386 HOH A O   1 
HETATM 975  O O   . HOH C 3 .   ? -0.198  -9.253  -10.287 1.00 22.24 ? 387 HOH A O   1 
HETATM 976  O O   . HOH C 3 .   ? -8.245  -15.363 -8.246  1.00 25.98 ? 388 HOH A O   1 
HETATM 977  O O   . HOH C 3 .   ? -7.682  -2.737  17.926  1.00 18.33 ? 389 HOH A O   1 
HETATM 978  O O   . HOH C 3 .   ? 10.760  10.426  -8.052  1.00 6.86  ? 390 HOH A O   1 
HETATM 979  O O   . HOH C 3 .   ? -2.616  -13.171 9.685   1.00 28.81 ? 391 HOH A O   1 
HETATM 980  O O   . HOH C 3 .   ? 4.445   -6.637  16.362  1.00 12.70 ? 392 HOH A O   1 
HETATM 981  O O   . HOH C 3 .   ? -6.481  4.928   12.980  1.00 20.57 ? 393 HOH A O   1 
HETATM 982  O O   . HOH C 3 .   ? -5.234  7.837   19.491  1.00 24.11 ? 394 HOH A O   1 
HETATM 983  O O   . HOH C 3 .   ? -9.717  3.211   2.351   1.00 13.53 ? 395 HOH A O   1 
HETATM 984  O O   . HOH C 3 .   ? 2.139   9.881   -5.052  1.00 6.95  ? 396 HOH A O   1 
HETATM 985  O O   . HOH C 3 .   ? 8.323   -0.635  -10.674 1.00 14.57 ? 397 HOH A O   1 
HETATM 986  O O   . HOH C 3 .   ? 15.932  6.775   -6.171  1.00 21.28 ? 398 HOH A O   1 
HETATM 987  O O   . HOH C 3 .   ? -1.556  11.863  6.408   1.00 5.22  ? 399 HOH A O   1 
HETATM 988  O O   . HOH C 3 .   ? -1.690  -3.828  -12.863 1.00 46.66 ? 400 HOH A O   1 
HETATM 989  O O   . HOH C 3 .   ? -0.395  -13.304 -2.551  1.00 45.66 ? 401 HOH A O   1 
HETATM 990  O O   . HOH C 3 .   ? -12.120 -11.747 6.767   1.00 41.92 ? 402 HOH A O   1 
HETATM 991  O O   . HOH C 3 .   ? 0.935   -12.196 19.974  1.00 39.02 ? 403 HOH A O   1 
HETATM 992  O O   . HOH C 3 .   ? -2.798  2.742   -13.251 1.00 21.86 ? 404 HOH A O   1 
HETATM 993  O O   . HOH C 3 .   ? -12.630 0.627   12.640  1.00 35.45 ? 405 HOH A O   1 
HETATM 994  O O   . HOH C 3 .   ? 11.681  8.137   -8.966  1.00 13.44 ? 406 HOH A O   1 
HETATM 995  O O   . HOH C 3 .   ? -3.280  -15.903 7.582   1.00 38.85 ? 407 HOH A O   1 
HETATM 996  O O   . HOH C 3 .   ? -1.718  7.096   12.763  1.00 22.61 ? 408 HOH A O   1 
HETATM 997  O O   . HOH C 3 .   ? -10.288 -1.844  9.230   1.00 56.35 ? 409 HOH A O   1 
HETATM 998  O O   . HOH C 3 .   ? -8.102  -4.954  -12.205 1.00 40.05 ? 410 HOH A O   1 
HETATM 999  O O   . HOH C 3 .   ? 5.666   7.829   14.643  1.00 61.96 ? 411 HOH A O   1 
HETATM 1000 O O   . HOH C 3 .   ? 15.417  3.691   1.310   1.00 37.23 ? 412 HOH A O   1 
HETATM 1001 O O   . HOH C 3 .   ? 7.953   17.293  5.223   1.00 17.07 ? 413 HOH A O   1 
HETATM 1002 O O   . HOH C 3 .   ? -12.844 1.241   8.664   1.00 56.25 ? 414 HOH A O   1 
HETATM 1003 O O   . HOH C 3 .   ? -5.932  -16.810 -7.748  1.00 34.31 ? 415 HOH A O   1 
HETATM 1004 O O   . HOH C 3 .   ? -10.388 -6.614  13.759  1.00 55.06 ? 416 HOH A O   1 
HETATM 1005 O O   . HOH C 3 .   ? -4.201  -11.896 21.547  1.00 47.85 ? 417 HOH A O   1 
HETATM 1006 O O   . HOH C 3 .   ? -5.135  12.788  0.765   1.00 50.62 ? 418 HOH A O   1 
HETATM 1007 O O   . HOH C 3 .   ? -1.131  -14.957 1.923   1.00 81.42 ? 419 HOH A O   1 
HETATM 1008 O O   . HOH C 3 .   ? -7.044  -7.185  -14.491 1.00 36.22 ? 420 HOH A O   1 
HETATM 1009 O O   . HOH C 3 .   ? -11.597 -9.399  8.948   1.00 52.23 ? 421 HOH A O   1 
HETATM 1010 O O   . HOH C 3 .   ? -11.854 -13.387 9.118   1.00 30.68 ? 422 HOH A O   1 
HETATM 1011 O O   . HOH C 3 .   ? -13.164 -7.047  9.020   1.00 59.73 ? 423 HOH A O   1 
HETATM 1012 O O   . HOH C 3 .   ? -14.996 -2.863  5.540   1.00 62.70 ? 424 HOH A O   1 
HETATM 1013 O O   . HOH C 3 .   ? -11.129 -15.852 5.735   1.00 46.72 ? 425 HOH A O   1 
HETATM 1014 O O   . HOH C 3 .   ? -2.281  -11.176 19.058  1.00 34.78 ? 426 HOH A O   1 
HETATM 1015 O O   . HOH C 3 .   ? -11.969 3.848   5.517   1.00 51.13 ? 427 HOH A O   1 
HETATM 1016 O O   . HOH C 3 .   ? -3.502  4.757   -16.270 1.00 78.82 ? 428 HOH A O   1 
HETATM 1017 O O   . HOH C 3 .   ? 9.636   0.180   -13.158 1.00 35.54 ? 429 HOH A O   1 
HETATM 1018 O O   . HOH C 3 .   ? 13.530  0.932   -8.772  1.00 50.37 ? 430 HOH A O   1 
HETATM 1019 O O   . HOH C 3 .   ? 7.635   -5.347  12.086  1.00 24.20 ? 431 HOH A O   1 
HETATM 1020 O O   . HOH C 3 .   ? 9.154   -3.326  10.040  1.00 38.77 ? 432 HOH A O   1 
HETATM 1021 O O   . HOH C 3 .   ? -16.703 4.474   -3.058  1.00 30.84 ? 433 HOH A O   1 
HETATM 1022 O O   . HOH C 3 .   ? -12.767 5.716   3.092   1.00 36.22 ? 434 HOH A O   1 
HETATM 1023 O O   . HOH C 3 .   ? -18.659 2.584   -4.578  1.00 43.51 ? 435 HOH A O   1 
HETATM 1024 O O   . HOH C 3 .   ? -0.068  12.082  -0.062  1.00 13.99 ? 436 HOH A O   1 
HETATM 1025 O O   . HOH C 3 .   ? 1.116   19.928  -10.921 1.00 42.81 ? 437 HOH A O   1 
HETATM 1026 O O   . HOH C 3 .   ? -8.658  2.679   -3.036  1.00 32.87 ? 438 HOH A O   1 
HETATM 1027 O O   . HOH C 3 .   ? -8.545  5.589   -1.987  1.00 37.38 ? 439 HOH A O   1 
HETATM 1028 O O   . HOH C 3 .   ? -7.560  -7.314  15.364  1.00 36.12 ? 440 HOH A O   1 
HETATM 1029 O O   . HOH C 3 .   ? -9.999  -9.716  17.861  1.00 42.91 ? 441 HOH A O   1 
HETATM 1030 O O   . HOH C 3 .   ? -21.209 2.042   -2.757  1.00 40.93 ? 442 HOH A O   1 
HETATM 1031 O O   . HOH C 3 .   ? 3.314   7.785   16.630  1.00 40.67 ? 443 HOH A O   1 
HETATM 1032 O O   . HOH C 3 .   ? -14.181 2.819   0.464   1.00 47.46 ? 444 HOH A O   1 
HETATM 1033 O O   . HOH C 3 .   ? -5.086  -14.860 12.390  1.00 55.77 ? 445 HOH A O   1 
HETATM 1034 O O   . HOH C 3 .   ? 4.852   -2.813  -12.518 1.00 46.33 ? 446 HOH A O   1 
HETATM 1035 O O   . HOH C 3 .   ? 7.008   -2.805  -10.411 1.00 44.27 ? 447 HOH A O   1 
HETATM 1036 O O   . HOH C 3 .   ? -14.596 -14.369 5.789   1.00 35.23 ? 448 HOH A O   1 
HETATM 1037 O O   . HOH C 3 .   ? 1.458   13.141  -15.017 1.00 45.74 ? 449 HOH A O   1 
HETATM 1038 O O   . HOH C 3 .   ? -7.592  9.269   0.500   1.00 51.91 ? 450 HOH A O   1 
# 
